data_2A74
#
_entry.id   2A74
#
_cell.length_a   126.866
_cell.length_b   246.863
_cell.length_c   87.383
_cell.angle_alpha   90.00
_cell.angle_beta   90.00
_cell.angle_gamma   90.00
#
_symmetry.space_group_name_H-M   'P 21 21 2'
#
loop_
_entity.id
_entity.type
_entity.pdbx_description
1 polymer 'Complement Component C3c'
2 polymer 'Complement Component C3c'
3 polymer 'Complement Component C3c'
4 branched 2-acetamido-2-deoxy-alpha-D-glucopyranose-(1-4)-2-acetamido-2-deoxy-alpha-D-glucopyranose
5 non-polymer GLYCEROL
6 non-polymer 'NITRATE ION'
7 water water
#
loop_
_entity_poly.entity_id
_entity_poly.type
_entity_poly.pdbx_seq_one_letter_code
_entity_poly.pdbx_strand_id
1 'polypeptide(L)'
;SPMYSIITPNILRLESEETMVLEAHDAQGDVPVTVTVHDFPGKKLVLSSEKTVLTPATNHMGNVTFTIPANREFKSEKGR
NKFVTVQATFGTQVVEKVVLVSLQSGYLFIQTDKTIYTPGSTVLYRIFTVNHKLLPVGRTVMVNIENPEGIPVKQDSLSS
QNQLGVLPLSWDIPELVNMGQWKIRAYYENSPQQVFSTEFEVKEYVLPSFEVIVEPTEKFYYIYNEKGLEVTITARFLYG
KKVEGTAFVIFGIQDGEQRISLPESLKRIPIEDGSGEVVLSRKVLLDGVQNLRAEDLVGKSLYVSATVILHSGSDMVQAE
RSGIPIVTSPYQIHFTKTPKYFKPGMPFDLMVFVTNPDGSPAYRVPVAVQGEDTVQSLTQGDGVAKLSINTHPSQKPLSI
TVRTKKQELSEAEQATRTMQALPYSTVGNSNNYLHLSVLRTELRPGETLNVNFLLRMDRAHEAKIRYYTYLIMNKGRLLK
AGRQVREPGQDLVVLPLSITTDFIPSFRLVAYYTLIGASGQREVVADSVWVDVKDSCVGSLVVKSGQSEDRQPVPGQQMT
LKIEGDHGARVVLVAVDKGVFVLNKKNKLTQSKIWDVVEKADIGCTPGSGKDYAGVFSDAGLTFTSSSGQQTAQRAELQC
PQP
;
A,D
2 'polypeptide(L)'
;SNLDEDIIAEENIVSRSEFPESWLWNVEDLKEPPKNGISTKLMNIFLKDSITTWEILAVSMSDKKGICVADPFEVTVMQD
FFIDLRLPYSVVRNEQVEIRAVLYNYRQNQELKVRVELLHNPAFCSLATTKRRHQQTVTIPPKSSLSVPYVIVPLKTGLQ
EVEVKAAVYHHFISDGVRKSLKVVPEGI
;
B,E
3 'polypeptide(L)'
;SEETKENEGFTVTAEGKGQGTLSVVTMYHAKAKDQLTCNKFDLKVTIKPAPETEKRPQDAKNTMILEICTRYRGDQDATM
SILDISMMTGFAPDTDDLKQLANGVDRYISKYELDKAFSDRNTLIIYLDKVSHSEDDCLAFKVHQYFNVELIQPGAVKVY
AYYNLEESCTRFYHPEKEDGKLNKLCRDELCRCAEENCFIQKSDDKVTLEERLDKACEPGVDYVYKTRLVKVQLSNDFDE
YIMAIEQTIKSGSDEVQVGQQRTFISPIKCREALKLEEKKHYLMWGLSSDFWGEKPNLSYIIGKDTWVEHWPEEDECQDE
ENQKQCQDLGAFTESMVVFGCPN
;
C,F
#
# COMPACT_ATOMS: atom_id res chain seq x y z
N SER A 1 14.04 44.37 39.96
CA SER A 1 13.90 43.20 39.06
C SER A 1 13.64 43.62 37.60
N PRO A 2 14.71 43.89 36.85
CA PRO A 2 14.65 43.76 35.40
C PRO A 2 14.53 42.29 35.04
N MET A 3 13.55 41.96 34.20
CA MET A 3 13.43 40.62 33.62
C MET A 3 13.88 40.65 32.16
N TYR A 4 14.86 39.82 31.84
CA TYR A 4 15.36 39.70 30.48
C TYR A 4 14.76 38.50 29.79
N SER A 5 14.22 38.69 28.59
CA SER A 5 13.63 37.59 27.85
C SER A 5 14.12 37.47 26.41
N ILE A 6 14.20 36.21 25.96
CA ILE A 6 14.57 35.89 24.59
C ILE A 6 13.51 35.04 23.86
N ILE A 7 13.30 35.34 22.59
CA ILE A 7 12.29 34.68 21.77
C ILE A 7 12.89 34.30 20.42
N THR A 8 12.74 33.05 20.03
CA THR A 8 13.16 32.59 18.70
C THR A 8 12.08 31.64 18.17
N PRO A 9 12.13 31.30 16.88
CA PRO A 9 11.36 30.17 16.36
C PRO A 9 11.71 28.86 17.09
N ASN A 10 10.72 27.97 17.19
CA ASN A 10 10.80 26.59 17.74
C ASN A 10 11.78 25.67 17.06
N ILE A 11 11.92 25.86 15.76
CA ILE A 11 12.83 25.07 14.97
C ILE A 11 13.68 26.07 14.24
N LEU A 12 14.99 25.97 14.44
CA LEU A 12 15.95 26.80 13.75
C LEU A 12 16.45 26.08 12.51
N ARG A 13 16.72 26.83 11.45
CA ARG A 13 17.24 26.26 10.23
C ARG A 13 18.72 26.57 10.05
N LEU A 14 19.38 25.83 9.17
CA LEU A 14 20.80 26.02 8.92
C LEU A 14 20.97 26.87 7.67
N GLU A 15 22.04 27.67 7.68
CA GLU A 15 22.38 28.56 6.55
C GLU A 15 21.23 29.48 6.13
N SER A 16 20.40 29.86 7.08
CA SER A 16 19.42 30.92 6.80
C SER A 16 19.33 31.91 7.96
N GLU A 17 19.06 33.17 7.62
CA GLU A 17 18.95 34.22 8.62
C GLU A 17 17.81 33.96 9.58
N GLU A 18 18.16 33.78 10.84
CA GLU A 18 17.17 33.65 11.90
C GLU A 18 17.18 34.91 12.77
N THR A 19 16.11 35.14 13.51
CA THR A 19 16.03 36.30 14.38
C THR A 19 15.72 35.91 15.83
N MET A 20 16.45 36.53 16.75
CA MET A 20 16.21 36.34 18.19
C MET A 20 15.74 37.68 18.73
N VAL A 21 14.57 37.71 19.36
CA VAL A 21 14.02 38.96 19.90
C VAL A 21 14.48 39.11 21.35
N LEU A 22 14.96 40.30 21.67
CA LEU A 22 15.60 40.54 22.96
C LEU A 22 14.91 41.70 23.67
N GLU A 23 14.64 41.49 24.94
CA GLU A 23 13.90 42.47 25.72
C GLU A 23 14.42 42.56 27.14
N ALA A 24 14.58 43.79 27.61
CA ALA A 24 14.84 44.07 29.03
C ALA A 24 13.63 44.77 29.65
N HIS A 25 12.83 44.02 30.42
CA HIS A 25 11.65 44.55 31.07
C HIS A 25 12.04 45.22 32.39
N ASP A 26 11.60 46.46 32.58
CA ASP A 26 11.94 47.25 33.78
C ASP A 26 13.42 47.60 33.90
N ALA A 27 14.12 47.74 32.78
CA ALA A 27 15.52 48.14 32.82
C ALA A 27 15.68 49.66 32.80
N GLN A 28 16.89 50.13 33.12
CA GLN A 28 17.25 51.55 33.08
C GLN A 28 18.58 51.68 32.36
N GLY A 29 18.78 52.79 31.64
CA GLY A 29 20.00 52.97 30.86
C GLY A 29 20.14 51.98 29.72
N ASP A 30 21.33 51.92 29.14
CA ASP A 30 21.63 51.03 28.02
C ASP A 30 22.06 49.65 28.50
N VAL A 31 21.75 48.61 27.73
CA VAL A 31 22.14 47.25 28.12
C VAL A 31 22.74 46.40 27.00
N PRO A 32 24.03 46.10 27.12
CA PRO A 32 24.72 45.33 26.10
C PRO A 32 24.24 43.88 26.08
N VAL A 33 24.06 43.33 24.89
CA VAL A 33 23.65 41.93 24.77
C VAL A 33 24.55 41.27 23.72
N THR A 34 25.25 40.22 24.14
CA THR A 34 25.94 39.35 23.20
C THR A 34 25.18 38.03 23.15
N VAL A 35 24.84 37.62 21.94
CA VAL A 35 24.14 36.38 21.76
C VAL A 35 25.09 35.39 21.10
N THR A 36 25.03 34.15 21.57
CA THR A 36 25.97 33.10 21.18
C THR A 36 25.17 31.88 20.76
N VAL A 37 25.70 31.08 19.84
CA VAL A 37 25.08 29.80 19.53
C VAL A 37 26.08 28.66 19.56
N HIS A 38 25.72 27.59 20.26
CA HIS A 38 26.60 26.44 20.44
C HIS A 38 25.91 25.15 20.09
N ASP A 39 26.69 24.13 19.75
CA ASP A 39 26.17 22.78 19.62
C ASP A 39 25.79 22.21 20.99
N PHE A 40 24.76 21.38 20.99
CA PHE A 40 24.30 20.71 22.20
C PHE A 40 24.53 19.20 22.05
N PRO A 41 25.15 18.56 23.05
CA PRO A 41 25.82 19.23 24.16
C PRO A 41 27.36 19.28 24.02
N GLY A 42 27.98 20.23 24.73
CA GLY A 42 29.38 20.59 24.50
C GLY A 42 29.50 22.01 23.95
N LYS A 43 30.64 22.30 23.32
CA LYS A 43 30.87 23.62 22.72
C LYS A 43 31.61 23.55 21.39
N LYS A 44 31.06 24.25 20.39
CA LYS A 44 31.75 24.49 19.13
C LYS A 44 31.66 25.97 18.78
N LEU A 45 30.65 26.64 19.32
CA LEU A 45 30.40 28.05 19.03
C LEU A 45 30.14 28.30 17.55
N VAL A 46 28.95 27.91 17.09
CA VAL A 46 28.61 27.97 15.68
C VAL A 46 28.26 29.39 15.22
N LEU A 47 27.57 30.14 16.09
CA LEU A 47 27.36 31.55 15.85
C LEU A 47 27.71 32.40 17.06
N SER A 48 28.57 33.37 16.85
CA SER A 48 29.43 33.90 17.89
C SER A 48 29.47 35.40 17.73
N SER A 49 29.23 35.85 16.51
CA SER A 49 28.91 37.24 16.27
C SER A 49 27.56 37.45 16.94
N GLU A 50 27.00 38.63 16.73
CA GLU A 50 25.71 39.00 17.27
C GLU A 50 25.85 39.54 18.68
N LYS A 51 26.18 40.82 18.75
CA LYS A 51 25.88 41.64 19.91
C LYS A 51 25.00 42.80 19.47
N THR A 52 24.36 43.45 20.43
CA THR A 52 23.54 44.61 20.18
C THR A 52 23.38 45.37 21.49
N VAL A 53 22.79 46.55 21.44
CA VAL A 53 22.56 47.31 22.67
C VAL A 53 21.09 47.69 22.82
N LEU A 54 20.50 47.26 23.94
CA LEU A 54 19.12 47.62 24.27
C LEU A 54 19.04 48.98 24.95
N THR A 55 18.03 49.75 24.59
CA THR A 55 18.10 51.22 24.72
C THR A 55 16.78 51.83 25.21
N PRO A 56 16.87 52.83 26.08
CA PRO A 56 15.70 53.60 26.49
C PRO A 56 14.83 54.08 25.32
N ALA A 57 15.47 54.53 24.25
CA ALA A 57 14.74 55.12 23.12
C ALA A 57 14.05 54.08 22.24
N THR A 58 14.47 52.81 22.36
CA THR A 58 13.76 51.70 21.72
C THR A 58 13.08 50.84 22.79
N ASN A 59 12.89 51.44 23.96
CA ASN A 59 12.16 50.81 25.05
C ASN A 59 12.68 49.42 25.38
N HIS A 60 14.00 49.25 25.24
CA HIS A 60 14.69 48.02 25.60
C HIS A 60 14.14 46.80 24.87
N MET A 61 13.82 46.99 23.59
CA MET A 61 13.49 45.91 22.66
C MET A 61 14.48 45.92 21.50
N GLY A 62 14.95 44.75 21.10
CA GLY A 62 15.87 44.66 19.97
C GLY A 62 16.02 43.27 19.38
N ASN A 63 17.20 43.02 18.79
CA ASN A 63 17.37 42.00 17.77
C ASN A 63 18.53 41.02 17.87
N VAL A 64 19.57 41.29 17.10
CA VAL A 64 20.40 40.23 16.50
C VAL A 64 19.68 39.27 15.54
N THR A 65 20.14 39.26 14.29
CA THR A 65 19.80 38.24 13.31
C THR A 65 21.03 37.37 13.11
N PHE A 66 20.85 36.06 13.04
CA PHE A 66 22.00 35.16 13.01
C PHE A 66 21.86 34.00 12.03
N THR A 67 23.00 33.48 11.58
CA THR A 67 23.05 32.34 10.67
C THR A 67 23.86 31.20 11.30
N ILE A 68 23.25 30.03 11.42
CA ILE A 68 23.96 28.80 11.82
C ILE A 68 24.55 28.09 10.59
N PRO A 69 25.86 27.87 10.54
CA PRO A 69 26.47 26.96 9.56
C PRO A 69 26.20 25.50 9.94
N ALA A 70 26.10 24.56 8.98
CA ALA A 70 26.96 24.44 7.80
C ALA A 70 28.42 24.16 8.13
N ARG A 80 18.21 10.58 16.93
CA ARG A 80 18.85 11.77 17.50
C ARG A 80 18.03 13.07 17.37
N ASN A 81 18.05 13.69 16.20
CA ASN A 81 17.61 15.11 16.05
C ASN A 81 18.63 16.05 16.65
N LYS A 82 19.06 17.04 15.87
CA LYS A 82 20.11 17.97 16.32
C LYS A 82 19.54 19.19 17.04
N PHE A 83 20.24 19.63 18.09
CA PHE A 83 19.86 20.82 18.86
C PHE A 83 21.04 21.78 18.97
N VAL A 84 20.72 23.05 19.21
CA VAL A 84 21.72 24.02 19.63
C VAL A 84 21.33 24.64 21.00
N THR A 85 22.33 25.18 21.71
CA THR A 85 22.07 26.04 22.85
C THR A 85 22.23 27.52 22.45
N VAL A 86 21.10 28.22 22.37
CA VAL A 86 21.10 29.66 22.22
C VAL A 86 21.39 30.32 23.57
N GLN A 87 22.32 31.28 23.59
CA GLN A 87 22.74 31.92 24.85
C GLN A 87 22.82 33.44 24.74
N ALA A 88 21.96 34.13 25.48
CA ALA A 88 22.01 35.59 25.54
C ALA A 88 22.55 36.10 26.88
N THR A 89 23.49 37.04 26.82
CA THR A 89 24.05 37.66 28.03
C THR A 89 23.74 39.15 28.06
N PHE A 90 22.81 39.53 28.92
CA PHE A 90 22.37 40.91 29.06
C PHE A 90 23.17 41.52 30.21
N GLY A 91 24.07 42.45 29.88
CA GLY A 91 25.07 42.94 30.83
C GLY A 91 25.92 41.81 31.37
N THR A 92 25.41 41.15 32.41
CA THR A 92 26.11 40.08 33.11
C THR A 92 25.17 38.86 33.26
N GLN A 93 23.92 39.07 32.89
CA GLN A 93 22.84 38.12 33.14
C GLN A 93 22.70 37.14 31.97
N VAL A 94 22.91 35.85 32.23
CA VAL A 94 22.84 34.83 31.20
C VAL A 94 21.47 34.15 31.11
N VAL A 95 20.90 34.17 29.90
CA VAL A 95 19.60 33.56 29.61
C VAL A 95 19.79 32.58 28.45
N GLU A 96 19.55 31.29 28.71
CA GLU A 96 19.83 30.27 27.69
C GLU A 96 18.76 29.21 27.44
N LYS A 97 18.71 28.74 26.19
CA LYS A 97 17.62 27.91 25.69
C LYS A 97 18.15 26.90 24.68
N VAL A 98 17.78 25.63 24.85
CA VAL A 98 18.10 24.55 23.91
C VAL A 98 16.99 24.50 22.87
N VAL A 99 17.39 24.50 21.60
CA VAL A 99 16.44 24.62 20.48
C VAL A 99 16.66 23.56 19.40
N LEU A 100 15.56 22.91 19.01
CA LEU A 100 15.55 21.97 17.88
C LEU A 100 16.04 22.60 16.56
N VAL A 101 16.81 21.82 15.80
CA VAL A 101 17.41 22.28 14.56
C VAL A 101 16.98 21.39 13.39
N SER A 102 16.53 22.02 12.30
CA SER A 102 16.13 21.31 11.10
C SER A 102 17.29 21.24 10.12
N LEU A 103 17.46 20.09 9.48
CA LEU A 103 18.46 19.93 8.43
C LEU A 103 17.93 20.29 7.02
N GLN A 104 16.76 20.91 6.97
CA GLN A 104 16.07 21.19 5.72
C GLN A 104 16.53 22.47 5.04
N SER A 105 16.65 22.40 3.72
CA SER A 105 17.10 23.52 2.90
C SER A 105 15.92 24.28 2.31
N GLY A 106 14.75 23.64 2.29
CA GLY A 106 13.56 24.25 1.74
C GLY A 106 12.66 23.26 1.02
N TYR A 107 12.25 23.61 -0.20
CA TYR A 107 11.36 22.79 -1.02
C TYR A 107 11.98 22.51 -2.38
N LEU A 108 11.52 21.46 -3.05
CA LEU A 108 11.82 21.24 -4.46
C LEU A 108 10.47 21.13 -5.19
N PHE A 109 10.32 21.92 -6.25
CA PHE A 109 9.19 21.79 -7.15
C PHE A 109 9.65 21.24 -8.51
N ILE A 110 8.94 20.25 -9.02
CA ILE A 110 9.36 19.52 -10.21
C ILE A 110 8.35 19.74 -11.30
N GLN A 111 8.83 20.20 -12.46
CA GLN A 111 7.97 20.47 -13.63
C GLN A 111 8.39 19.58 -14.81
N THR A 112 7.45 18.83 -15.39
CA THR A 112 7.64 18.16 -16.69
C THR A 112 6.98 18.96 -17.82
N ASP A 113 7.48 18.80 -19.06
CA ASP A 113 6.89 19.49 -20.21
C ASP A 113 5.44 19.09 -20.51
N LYS A 114 5.16 17.79 -20.41
CA LYS A 114 3.83 17.23 -20.62
C LYS A 114 3.41 16.39 -19.40
N THR A 115 2.14 16.00 -19.39
CA THR A 115 1.56 15.11 -18.38
C THR A 115 1.73 13.63 -18.73
N ILE A 116 1.83 13.35 -20.02
CA ILE A 116 1.76 11.97 -20.50
C ILE A 116 2.73 11.86 -21.67
N TYR A 117 3.31 10.68 -21.86
CA TYR A 117 4.37 10.45 -22.86
C TYR A 117 4.21 9.06 -23.47
N THR A 118 4.70 8.91 -24.70
CA THR A 118 4.83 7.60 -25.33
C THR A 118 6.22 7.04 -25.10
N PRO A 119 6.37 5.72 -25.16
CA PRO A 119 7.68 5.09 -25.22
C PRO A 119 8.51 5.73 -26.35
N GLY A 120 9.81 5.87 -26.13
CA GLY A 120 10.69 6.45 -27.15
C GLY A 120 10.61 7.96 -27.32
N SER A 121 10.01 8.66 -26.38
CA SER A 121 10.14 10.12 -26.36
C SER A 121 10.97 10.62 -25.17
N THR A 122 11.17 11.94 -25.10
CA THR A 122 12.02 12.54 -24.07
C THR A 122 11.18 13.28 -23.06
N VAL A 123 11.32 12.90 -21.79
CA VAL A 123 10.82 13.71 -20.68
C VAL A 123 11.77 14.84 -20.37
N LEU A 124 11.35 16.06 -20.69
CA LEU A 124 12.04 17.27 -20.28
C LEU A 124 11.43 17.75 -18.96
N TYR A 125 12.29 18.04 -17.98
CA TYR A 125 11.83 18.45 -16.65
C TYR A 125 12.82 19.34 -15.93
N ARG A 126 12.32 20.03 -14.92
CA ARG A 126 13.07 21.07 -14.19
C ARG A 126 12.76 20.89 -12.72
N ILE A 127 13.79 20.97 -11.88
CA ILE A 127 13.60 21.07 -10.43
C ILE A 127 13.91 22.49 -10.00
N PHE A 128 12.99 23.10 -9.27
CA PHE A 128 13.19 24.43 -8.71
C PHE A 128 13.58 24.30 -7.26
N THR A 129 14.77 24.79 -6.93
CA THR A 129 15.37 24.64 -5.61
C THR A 129 15.25 25.94 -4.83
N VAL A 130 14.26 26.00 -3.94
CA VAL A 130 14.01 27.17 -3.12
C VAL A 130 14.14 26.87 -1.62
N ASN A 131 14.48 27.88 -0.83
CA ASN A 131 14.45 27.76 0.63
C ASN A 131 13.03 27.89 1.16
N HIS A 132 12.91 28.03 2.48
CA HIS A 132 11.59 28.12 3.10
C HIS A 132 10.89 29.46 2.87
N LYS A 133 11.63 30.47 2.43
CA LYS A 133 11.04 31.74 2.03
C LYS A 133 10.66 31.73 0.55
N LEU A 134 10.97 30.63 -0.14
CA LEU A 134 10.68 30.45 -1.57
C LEU A 134 11.71 31.16 -2.48
N LEU A 135 12.81 31.59 -1.87
CA LEU A 135 13.93 32.18 -2.60
C LEU A 135 14.86 31.10 -3.12
N PRO A 136 15.41 31.33 -4.31
CA PRO A 136 16.33 30.36 -4.95
C PRO A 136 17.51 30.02 -4.04
N VAL A 137 17.87 28.75 -3.99
CA VAL A 137 18.90 28.27 -3.08
C VAL A 137 19.81 27.33 -3.89
N GLY A 138 21.13 27.45 -3.72
CA GLY A 138 22.07 26.55 -4.38
C GLY A 138 22.47 25.36 -3.52
N ARG A 139 22.06 24.16 -3.92
CA ARG A 139 22.26 22.95 -3.10
C ARG A 139 22.48 21.71 -3.96
N THR A 140 23.04 20.67 -3.35
CA THR A 140 23.06 19.35 -3.96
C THR A 140 21.70 18.65 -3.83
N VAL A 141 21.19 18.20 -4.96
CA VAL A 141 19.88 17.57 -5.05
C VAL A 141 20.08 16.18 -5.68
N MET A 142 19.46 15.18 -5.07
CA MET A 142 19.44 13.83 -5.64
C MET A 142 18.15 13.59 -6.41
N VAL A 143 18.26 13.10 -7.63
CA VAL A 143 17.10 12.79 -8.47
C VAL A 143 17.00 11.29 -8.79
N ASN A 144 15.77 10.82 -8.91
CA ASN A 144 15.47 9.43 -9.21
C ASN A 144 14.24 9.45 -10.12
N ILE A 145 14.27 8.70 -11.21
CA ILE A 145 13.05 8.34 -11.93
C ILE A 145 12.67 6.89 -11.62
N GLU A 146 11.44 6.70 -11.13
CA GLU A 146 10.96 5.34 -10.79
C GLU A 146 9.86 4.91 -11.78
N ASN A 147 9.87 3.63 -12.14
CA ASN A 147 8.79 3.13 -12.99
C ASN A 147 7.50 2.89 -12.19
N PRO A 148 6.49 2.33 -12.82
CA PRO A 148 5.19 2.08 -12.19
C PRO A 148 5.24 1.20 -10.94
N GLU A 149 6.13 0.21 -10.92
CA GLU A 149 6.26 -0.68 -9.76
C GLU A 149 7.29 -0.20 -8.73
N GLY A 150 7.71 1.05 -8.86
CA GLY A 150 8.51 1.69 -7.81
C GLY A 150 10.03 1.46 -7.91
N ILE A 151 10.50 0.90 -9.03
CA ILE A 151 11.93 0.69 -9.23
C ILE A 151 12.57 1.94 -9.85
N PRO A 152 13.64 2.44 -9.22
CA PRO A 152 14.40 3.56 -9.79
C PRO A 152 15.16 3.09 -11.02
N VAL A 153 15.15 3.90 -12.09
CA VAL A 153 15.77 3.51 -13.36
C VAL A 153 16.80 4.52 -13.87
N LYS A 154 16.71 5.76 -13.41
CA LYS A 154 17.71 6.78 -13.67
C LYS A 154 17.95 7.58 -12.39
N GLN A 155 19.22 7.93 -12.11
CA GLN A 155 19.53 8.90 -11.04
C GLN A 155 20.61 9.91 -11.42
N ASP A 156 20.28 11.18 -11.21
CA ASP A 156 21.25 12.27 -11.29
C ASP A 156 21.58 12.77 -9.88
N SER A 157 22.75 13.38 -9.77
CA SER A 157 23.16 14.10 -8.57
C SER A 157 23.77 15.43 -9.02
N LEU A 158 23.06 16.51 -8.76
CA LEU A 158 23.37 17.79 -9.39
C LEU A 158 23.34 18.90 -8.35
N SER A 159 24.11 19.95 -8.57
CA SER A 159 24.00 21.15 -7.75
C SER A 159 23.30 22.28 -8.49
N SER A 160 22.55 23.07 -7.73
CA SER A 160 21.85 24.23 -8.27
C SER A 160 22.59 25.52 -7.89
N GLN A 161 23.81 25.36 -7.39
CA GLN A 161 24.71 26.48 -7.16
C GLN A 161 24.95 27.24 -8.47
N ASN A 162 24.94 28.58 -8.39
CA ASN A 162 25.16 29.46 -9.55
C ASN A 162 24.07 29.30 -10.63
N GLN A 163 22.87 28.97 -10.20
CA GLN A 163 21.90 28.39 -11.13
C GLN A 163 20.51 29.03 -11.03
N LEU A 164 20.35 29.94 -10.07
CA LEU A 164 19.11 30.69 -9.84
C LEU A 164 17.92 29.75 -9.64
N GLY A 165 18.16 28.69 -8.87
CA GLY A 165 17.11 27.79 -8.40
C GLY A 165 16.46 26.91 -9.44
N VAL A 166 17.09 26.78 -10.61
CA VAL A 166 16.54 26.03 -11.75
C VAL A 166 17.51 24.96 -12.23
N LEU A 167 17.09 23.70 -12.20
CA LEU A 167 17.90 22.59 -12.70
C LEU A 167 17.15 21.92 -13.85
N PRO A 168 17.64 22.11 -15.07
CA PRO A 168 17.02 21.51 -16.25
C PRO A 168 17.61 20.14 -16.51
N LEU A 169 16.74 19.13 -16.60
CA LEU A 169 17.13 17.75 -16.83
C LEU A 169 16.28 17.15 -17.95
N SER A 170 16.73 16.04 -18.55
CA SER A 170 15.85 15.23 -19.38
C SER A 170 16.09 13.72 -19.27
N TRP A 171 15.08 12.93 -19.64
CA TRP A 171 15.23 11.48 -19.70
C TRP A 171 14.49 10.91 -20.89
N ASP A 172 15.17 10.04 -21.63
CA ASP A 172 14.59 9.36 -22.78
C ASP A 172 13.91 8.04 -22.39
N ILE A 173 12.59 8.01 -22.55
CA ILE A 173 11.85 6.77 -22.41
C ILE A 173 12.29 5.75 -23.46
N PRO A 174 12.75 4.58 -23.01
CA PRO A 174 12.96 3.43 -23.89
C PRO A 174 11.70 3.07 -24.68
N GLU A 175 11.88 2.44 -25.84
CA GLU A 175 10.75 1.94 -26.62
C GLU A 175 10.16 0.73 -25.89
N LEU A 176 11.01 -0.02 -25.21
CA LEU A 176 10.60 -1.17 -24.41
C LEU A 176 10.45 -0.77 -22.94
N VAL A 177 9.23 -0.47 -22.53
CA VAL A 177 9.01 0.12 -21.22
C VAL A 177 7.63 -0.28 -20.65
N ASN A 178 7.55 -0.40 -19.33
CA ASN A 178 6.26 -0.57 -18.64
C ASN A 178 5.35 0.68 -18.70
N MET A 179 4.20 0.54 -19.34
CA MET A 179 3.12 1.52 -19.31
C MET A 179 2.71 1.87 -17.87
N GLY A 180 2.31 3.12 -17.64
CA GLY A 180 1.64 3.49 -16.39
C GLY A 180 2.16 4.75 -15.74
N GLN A 181 1.92 4.87 -14.43
CA GLN A 181 2.38 6.01 -13.65
C GLN A 181 3.85 5.94 -13.27
N TRP A 182 4.65 6.77 -13.93
CA TRP A 182 6.05 6.96 -13.59
C TRP A 182 6.20 8.09 -12.60
N LYS A 183 7.35 8.12 -11.92
CA LYS A 183 7.55 9.08 -10.85
C LYS A 183 8.93 9.71 -10.95
N ILE A 184 8.98 11.02 -10.72
CA ILE A 184 10.25 11.70 -10.44
C ILE A 184 10.31 12.03 -8.95
N ARG A 185 11.36 11.56 -8.29
CA ARG A 185 11.53 11.77 -6.86
C ARG A 185 12.87 12.46 -6.65
N ALA A 186 12.86 13.49 -5.81
CA ALA A 186 14.04 14.33 -5.62
C ALA A 186 14.09 14.83 -4.18
N TYR A 187 15.29 14.89 -3.63
CA TYR A 187 15.48 15.40 -2.28
C TYR A 187 16.82 16.10 -2.17
N TYR A 188 16.93 17.04 -1.21
CA TYR A 188 18.21 17.68 -0.94
C TYR A 188 19.14 16.69 -0.27
N GLU A 189 20.43 16.76 -0.61
CA GLU A 189 21.40 15.80 -0.17
C GLU A 189 21.37 15.66 1.36
N ASN A 190 21.09 16.77 2.03
CA ASN A 190 21.17 16.80 3.49
C ASN A 190 19.85 16.43 4.21
N SER A 191 18.77 16.37 3.46
CA SER A 191 17.48 15.92 4.01
C SER A 191 16.84 14.82 3.18
N PRO A 192 17.46 13.63 3.17
CA PRO A 192 16.92 12.47 2.44
C PRO A 192 15.54 12.05 2.97
N GLN A 193 15.17 12.60 4.12
CA GLN A 193 13.91 12.29 4.77
C GLN A 193 12.73 13.03 4.12
N GLN A 194 13.03 14.13 3.42
CA GLN A 194 12.02 15.00 2.84
C GLN A 194 12.10 14.93 1.30
N VAL A 195 11.19 14.15 0.72
CA VAL A 195 11.25 13.78 -0.67
C VAL A 195 10.08 14.41 -1.40
N PHE A 196 10.37 15.01 -2.55
CA PHE A 196 9.36 15.65 -3.39
C PHE A 196 9.19 14.84 -4.68
N SER A 197 7.96 14.75 -5.17
CA SER A 197 7.62 13.86 -6.26
C SER A 197 6.73 14.58 -7.28
N THR A 198 6.98 14.34 -8.58
CA THR A 198 5.92 14.39 -9.58
C THR A 198 5.70 13.04 -10.23
N GLU A 199 4.46 12.81 -10.67
CA GLU A 199 4.13 11.68 -11.52
C GLU A 199 3.92 12.19 -12.94
N PHE A 200 4.31 11.36 -13.90
CA PHE A 200 3.90 11.50 -15.31
C PHE A 200 3.43 10.13 -15.82
N GLU A 201 2.55 10.15 -16.81
CA GLU A 201 2.03 8.91 -17.38
C GLU A 201 2.79 8.48 -18.63
N VAL A 202 3.16 7.19 -18.69
CA VAL A 202 3.60 6.57 -19.94
C VAL A 202 2.52 5.64 -20.52
N LYS A 203 2.35 5.76 -21.84
CA LYS A 203 1.22 5.16 -22.55
C LYS A 203 1.39 5.39 -24.05
N GLU A 204 0.97 4.41 -24.84
CA GLU A 204 0.89 4.54 -26.29
C GLU A 204 -0.43 5.24 -26.62
N TYR A 205 -0.38 6.30 -27.42
CA TYR A 205 -1.58 7.11 -27.73
C TYR A 205 -1.33 8.05 -28.91
N VAL A 206 -2.42 8.59 -29.47
CA VAL A 206 -2.35 9.74 -30.40
C VAL A 206 -3.16 10.89 -29.84
N LEU A 207 -2.80 12.12 -30.16
CA LEU A 207 -3.59 13.27 -29.69
C LEU A 207 -5.01 13.24 -30.27
N PRO A 208 -6.01 13.52 -29.45
CA PRO A 208 -7.37 13.69 -29.95
C PRO A 208 -7.55 15.10 -30.50
N SER A 209 -8.60 15.29 -31.30
CA SER A 209 -8.84 16.58 -31.98
C SER A 209 -9.80 17.48 -31.21
N PHE A 210 -10.57 16.89 -30.30
CA PHE A 210 -11.51 17.65 -29.49
C PHE A 210 -11.42 17.29 -28.01
N GLU A 211 -11.99 18.15 -27.15
CA GLU A 211 -12.19 17.84 -25.75
C GLU A 211 -13.65 17.60 -25.36
N VAL A 212 -13.83 16.78 -24.34
CA VAL A 212 -15.12 16.51 -23.75
C VAL A 212 -15.18 16.97 -22.29
N ILE A 213 -16.15 17.81 -21.98
CA ILE A 213 -16.38 18.28 -20.63
C ILE A 213 -17.71 17.75 -20.09
N VAL A 214 -17.68 17.17 -18.89
CA VAL A 214 -18.91 16.68 -18.29
C VAL A 214 -19.21 17.44 -16.98
N GLU A 215 -20.23 18.29 -17.03
CA GLU A 215 -20.62 19.15 -15.90
C GLU A 215 -22.01 18.78 -15.36
N PRO A 216 -22.07 18.16 -14.18
CA PRO A 216 -23.33 18.07 -13.44
C PRO A 216 -23.79 19.49 -13.08
N THR A 217 -25.10 19.68 -12.93
CA THR A 217 -25.63 21.03 -12.69
C THR A 217 -25.39 21.49 -11.26
N GLU A 218 -25.13 20.56 -10.36
CA GLU A 218 -24.64 20.85 -9.02
C GLU A 218 -23.42 19.98 -8.77
N LYS A 219 -22.51 20.44 -7.92
CA LYS A 219 -21.28 19.69 -7.60
C LYS A 219 -21.49 18.60 -6.54
N PHE A 220 -22.74 18.23 -6.31
CA PHE A 220 -23.12 17.20 -5.34
C PHE A 220 -24.44 16.58 -5.79
N TYR A 221 -24.79 15.43 -5.22
CA TYR A 221 -26.17 14.95 -5.32
C TYR A 221 -26.91 14.88 -3.97
N TYR A 222 -28.04 15.58 -3.88
CA TYR A 222 -28.91 15.56 -2.70
C TYR A 222 -29.88 14.38 -2.81
N ILE A 223 -29.83 13.43 -1.86
CA ILE A 223 -30.61 12.16 -2.02
C ILE A 223 -32.10 12.33 -2.22
N TYR A 224 -32.67 13.45 -1.77
CA TYR A 224 -34.11 13.65 -1.92
C TYR A 224 -34.45 14.59 -3.08
N ASN A 225 -33.54 14.68 -4.04
CA ASN A 225 -33.80 15.43 -5.26
C ASN A 225 -34.51 14.58 -6.31
N GLU A 226 -35.81 14.81 -6.46
CA GLU A 226 -36.66 14.09 -7.41
C GLU A 226 -36.11 14.13 -8.84
N LYS A 227 -35.31 15.14 -9.15
CA LYS A 227 -34.79 15.34 -10.51
C LYS A 227 -33.63 14.40 -10.88
N GLY A 228 -32.99 13.80 -9.88
CA GLY A 228 -31.82 12.97 -10.11
C GLY A 228 -30.58 13.81 -10.38
N LEU A 229 -29.55 13.17 -10.93
CA LEU A 229 -28.32 13.86 -11.30
C LEU A 229 -28.33 14.28 -12.75
N GLU A 230 -28.45 15.58 -12.98
CA GLU A 230 -28.54 16.15 -14.31
C GLU A 230 -27.15 16.60 -14.74
N VAL A 231 -26.81 16.29 -15.98
CA VAL A 231 -25.45 16.45 -16.49
C VAL A 231 -25.47 17.02 -17.90
N THR A 232 -24.63 18.02 -18.16
CA THR A 232 -24.40 18.48 -19.52
C THR A 232 -23.09 17.92 -20.05
N ILE A 233 -23.07 17.56 -21.33
CA ILE A 233 -21.87 17.12 -22.00
C ILE A 233 -21.50 18.15 -23.05
N THR A 234 -20.26 18.64 -23.01
CA THR A 234 -19.80 19.57 -24.01
C THR A 234 -18.61 19.01 -24.78
N ALA A 235 -18.66 19.12 -26.10
CA ALA A 235 -17.59 18.65 -26.96
C ALA A 235 -17.20 19.76 -27.92
N ARG A 236 -15.95 20.18 -27.87
CA ARG A 236 -15.43 21.13 -28.85
C ARG A 236 -14.03 20.78 -29.33
N PHE A 237 -13.76 21.11 -30.57
CA PHE A 237 -12.44 20.89 -31.16
C PHE A 237 -11.42 21.78 -30.47
N LEU A 238 -10.19 21.28 -30.34
CA LEU A 238 -9.16 22.02 -29.61
C LEU A 238 -8.95 23.44 -30.17
N TYR A 239 -9.30 23.64 -31.44
CA TYR A 239 -9.19 24.97 -32.04
C TYR A 239 -10.42 25.88 -31.88
N GLY A 240 -11.48 25.41 -31.21
CA GLY A 240 -12.61 26.29 -30.96
C GLY A 240 -13.98 25.72 -31.29
N LYS A 241 -14.13 25.18 -32.48
CA LYS A 241 -15.43 24.87 -33.04
C LYS A 241 -16.16 23.80 -32.25
N LYS A 242 -17.48 23.77 -32.41
CA LYS A 242 -18.35 22.83 -31.73
C LYS A 242 -18.35 21.48 -32.44
N VAL A 243 -18.53 20.42 -31.64
CA VAL A 243 -18.59 19.06 -32.18
C VAL A 243 -20.03 18.65 -32.48
N GLU A 244 -20.22 17.97 -33.60
CA GLU A 244 -21.40 17.14 -33.88
C GLU A 244 -21.02 15.67 -33.75
N GLY A 245 -21.81 14.89 -33.01
CA GLY A 245 -21.41 13.54 -32.66
C GLY A 245 -22.46 12.84 -31.81
N THR A 246 -22.07 11.71 -31.23
CA THR A 246 -22.94 10.90 -30.40
C THR A 246 -22.22 10.62 -29.09
N ALA A 247 -22.94 10.75 -27.97
CA ALA A 247 -22.37 10.44 -26.66
C ALA A 247 -22.97 9.17 -26.04
N PHE A 248 -22.10 8.36 -25.44
CA PHE A 248 -22.49 7.29 -24.53
C PHE A 248 -22.08 7.67 -23.12
N VAL A 249 -23.06 7.88 -22.25
CA VAL A 249 -22.74 8.21 -20.86
C VAL A 249 -23.35 7.24 -19.85
N ILE A 250 -22.51 6.77 -18.94
CA ILE A 250 -22.94 5.83 -17.91
C ILE A 250 -22.51 6.34 -16.53
N PHE A 251 -23.34 6.09 -15.53
CA PHE A 251 -23.07 6.53 -14.17
C PHE A 251 -22.65 5.35 -13.29
N GLY A 252 -22.09 5.66 -12.14
CA GLY A 252 -21.81 4.62 -11.15
C GLY A 252 -21.68 5.21 -9.76
N ILE A 253 -21.42 4.35 -8.78
CA ILE A 253 -21.26 4.78 -7.39
C ILE A 253 -19.89 4.39 -6.89
N GLN A 254 -19.19 5.36 -6.29
CA GLN A 254 -17.91 5.07 -5.65
C GLN A 254 -18.01 5.13 -4.14
N ASP A 255 -17.43 4.12 -3.50
CA ASP A 255 -17.16 4.15 -2.08
C ASP A 255 -16.02 3.19 -1.77
N GLY A 256 -14.99 3.66 -1.08
CA GLY A 256 -14.42 4.98 -1.32
C GLY A 256 -13.35 4.80 -2.38
N GLU A 257 -12.82 3.58 -2.47
CA GLU A 257 -11.90 3.18 -3.54
C GLU A 257 -12.64 2.42 -4.66
N GLN A 258 -13.72 1.74 -4.29
CA GLN A 258 -14.40 0.80 -5.17
C GLN A 258 -15.57 1.43 -5.92
N ARG A 259 -15.74 1.05 -7.18
CA ARG A 259 -16.80 1.61 -8.01
C ARG A 259 -17.82 0.56 -8.42
N ILE A 260 -19.09 0.92 -8.36
CA ILE A 260 -20.13 0.04 -8.87
C ILE A 260 -20.85 0.75 -10.02
N SER A 261 -20.67 0.23 -11.23
CA SER A 261 -21.35 0.73 -12.41
C SER A 261 -22.87 0.57 -12.27
N LEU A 262 -23.63 1.53 -12.80
CA LEU A 262 -25.09 1.39 -12.87
C LEU A 262 -25.52 1.12 -14.31
N PRO A 263 -25.58 -0.16 -14.69
CA PRO A 263 -25.73 -0.55 -16.09
C PRO A 263 -27.05 -0.07 -16.70
N GLU A 264 -28.06 0.13 -15.86
CA GLU A 264 -29.36 0.63 -16.31
C GLU A 264 -29.35 2.13 -16.61
N SER A 265 -28.27 2.81 -16.24
CA SER A 265 -28.14 4.26 -16.43
C SER A 265 -27.50 4.67 -17.76
N LEU A 266 -27.02 3.70 -18.52
CA LEU A 266 -26.31 3.99 -19.76
C LEU A 266 -27.23 4.62 -20.80
N LYS A 267 -26.78 5.74 -21.38
CA LYS A 267 -27.58 6.42 -22.40
C LYS A 267 -26.73 6.70 -23.62
N ARG A 268 -27.34 6.65 -24.79
CA ARG A 268 -26.71 7.16 -26.00
C ARG A 268 -27.43 8.44 -26.45
N ILE A 269 -26.71 9.56 -26.54
CA ILE A 269 -27.32 10.82 -26.98
C ILE A 269 -26.60 11.53 -28.13
N PRO A 270 -27.35 12.26 -28.94
CA PRO A 270 -26.74 13.15 -29.93
C PRO A 270 -26.06 14.35 -29.25
N ILE A 271 -24.79 14.57 -29.60
CA ILE A 271 -24.12 15.83 -29.38
C ILE A 271 -24.46 16.76 -30.54
N GLU A 272 -25.30 17.74 -30.27
CA GLU A 272 -25.75 18.70 -31.26
C GLU A 272 -25.24 20.08 -30.87
N ASP A 273 -24.57 20.75 -31.80
CA ASP A 273 -24.04 22.09 -31.55
C ASP A 273 -23.05 22.02 -30.38
N GLY A 274 -22.28 20.94 -30.34
CA GLY A 274 -21.25 20.72 -29.31
C GLY A 274 -21.80 20.42 -27.92
N SER A 275 -23.02 19.92 -27.86
CA SER A 275 -23.73 19.85 -26.59
C SER A 275 -24.79 18.75 -26.52
N GLY A 276 -24.89 18.11 -25.36
CA GLY A 276 -25.96 17.16 -25.09
C GLY A 276 -26.30 17.04 -23.61
N GLU A 277 -27.50 16.55 -23.32
CA GLU A 277 -28.04 16.52 -21.97
C GLU A 277 -28.33 15.07 -21.55
N VAL A 278 -28.00 14.73 -20.31
CA VAL A 278 -28.28 13.40 -19.80
C VAL A 278 -28.61 13.44 -18.31
N VAL A 279 -29.55 12.60 -17.89
CA VAL A 279 -29.94 12.53 -16.48
C VAL A 279 -29.74 11.11 -15.93
N LEU A 280 -29.37 11.04 -14.65
CA LEU A 280 -29.50 9.83 -13.86
C LEU A 280 -30.72 9.97 -12.95
N SER A 281 -31.83 9.37 -13.33
CA SER A 281 -33.04 9.48 -12.52
C SER A 281 -32.81 8.88 -11.13
N ARG A 282 -33.47 9.47 -10.13
CA ARG A 282 -33.39 9.02 -8.76
C ARG A 282 -33.79 7.56 -8.67
N LYS A 283 -34.72 7.17 -9.53
CA LYS A 283 -35.35 5.86 -9.55
C LYS A 283 -34.36 4.79 -10.02
N VAL A 284 -33.61 5.11 -11.07
CA VAL A 284 -32.58 4.22 -11.62
C VAL A 284 -31.41 4.12 -10.64
N LEU A 285 -31.04 5.26 -10.06
CA LEU A 285 -30.04 5.28 -9.00
C LEU A 285 -30.34 4.26 -7.89
N LEU A 286 -31.51 4.41 -7.26
CA LEU A 286 -31.85 3.59 -6.09
C LEU A 286 -32.17 2.14 -6.45
N ASP A 287 -32.77 1.93 -7.62
CA ASP A 287 -32.96 0.58 -8.13
C ASP A 287 -31.63 -0.18 -8.23
N GLY A 288 -30.59 0.51 -8.70
CA GLY A 288 -29.33 -0.13 -9.02
C GLY A 288 -28.52 -0.55 -7.80
N VAL A 289 -29.10 -0.34 -6.61
CA VAL A 289 -28.36 -0.47 -5.36
C VAL A 289 -29.23 -1.10 -4.29
N ARG A 293 -33.33 1.84 1.05
CA ARG A 293 -32.91 2.77 2.09
C ARG A 293 -31.99 3.83 1.52
N ALA A 294 -32.58 4.89 0.97
CA ALA A 294 -31.81 5.93 0.26
C ALA A 294 -30.68 6.56 1.08
N GLU A 295 -30.80 6.53 2.41
CA GLU A 295 -29.87 7.24 3.28
C GLU A 295 -28.56 6.47 3.46
N ASP A 296 -28.59 5.18 3.15
CA ASP A 296 -27.38 4.37 2.98
C ASP A 296 -26.38 4.98 1.98
N LEU A 297 -26.87 5.85 1.12
CA LEU A 297 -26.06 6.37 0.02
C LEU A 297 -25.30 7.66 0.33
N VAL A 298 -25.74 8.39 1.34
CA VAL A 298 -25.03 9.59 1.80
C VAL A 298 -23.61 9.23 2.24
N GLY A 299 -22.64 10.06 1.90
CA GLY A 299 -21.24 9.80 2.21
C GLY A 299 -20.48 9.09 1.11
N LYS A 300 -21.19 8.33 0.28
CA LYS A 300 -20.65 7.85 -0.98
C LYS A 300 -20.68 8.97 -2.03
N SER A 301 -20.15 8.68 -3.21
CA SER A 301 -20.22 9.62 -4.33
C SER A 301 -20.56 8.97 -5.68
N LEU A 302 -20.82 9.84 -6.66
CA LEU A 302 -21.25 9.42 -7.98
C LEU A 302 -20.20 9.83 -8.99
N TYR A 303 -20.03 9.01 -10.03
CA TYR A 303 -19.22 9.40 -11.17
C TYR A 303 -19.99 9.32 -12.49
N VAL A 304 -19.64 10.21 -13.41
CA VAL A 304 -20.20 10.22 -14.77
C VAL A 304 -19.07 9.94 -15.76
N SER A 305 -19.28 8.98 -16.64
CA SER A 305 -18.30 8.65 -17.66
C SER A 305 -18.91 8.88 -19.03
N ALA A 306 -18.25 9.66 -19.87
CA ALA A 306 -18.77 9.96 -21.20
C ALA A 306 -17.80 9.61 -22.31
N THR A 307 -18.32 8.90 -23.31
CA THR A 307 -17.59 8.66 -24.53
C THR A 307 -18.27 9.42 -25.65
N VAL A 308 -17.51 10.27 -26.34
CA VAL A 308 -18.02 10.99 -27.49
C VAL A 308 -17.28 10.54 -28.74
N ILE A 309 -18.06 10.27 -29.78
CA ILE A 309 -17.54 9.90 -31.09
C ILE A 309 -18.06 10.91 -32.11
N LEU A 310 -17.17 11.44 -32.95
CA LEU A 310 -17.59 12.29 -34.06
C LEU A 310 -18.54 11.51 -34.96
N HIS A 311 -19.47 12.21 -35.60
CA HIS A 311 -20.51 11.53 -36.36
C HIS A 311 -19.96 10.64 -37.46
N SER A 312 -18.70 10.87 -37.81
CA SER A 312 -17.99 10.11 -38.84
C SER A 312 -17.31 8.85 -38.27
N GLY A 313 -17.20 8.77 -36.94
CA GLY A 313 -16.49 7.66 -36.29
C GLY A 313 -14.99 7.85 -36.25
N SER A 314 -14.52 8.98 -36.77
CA SER A 314 -13.12 9.20 -37.14
C SER A 314 -12.23 9.55 -35.94
N ASP A 315 -12.87 9.97 -34.85
CA ASP A 315 -12.19 10.30 -33.59
C ASP A 315 -13.17 10.08 -32.42
N MET A 316 -12.61 9.82 -31.25
CA MET A 316 -13.35 9.40 -30.06
C MET A 316 -12.59 9.92 -28.84
N VAL A 317 -13.32 10.42 -27.84
CA VAL A 317 -12.71 10.90 -26.60
C VAL A 317 -13.53 10.44 -25.40
N GLN A 318 -12.86 9.84 -24.42
CA GLN A 318 -13.49 9.53 -23.14
C GLN A 318 -13.17 10.57 -22.05
N ALA A 319 -14.19 10.94 -21.27
CA ALA A 319 -14.03 11.82 -20.13
C ALA A 319 -14.87 11.32 -18.96
N GLU A 320 -14.51 11.77 -17.76
CA GLU A 320 -15.20 11.38 -16.53
C GLU A 320 -15.22 12.56 -15.58
N ARG A 321 -16.38 12.89 -15.02
CA ARG A 321 -16.43 13.64 -13.75
C ARG A 321 -16.76 12.71 -12.59
N SER A 322 -15.93 12.72 -11.56
CA SER A 322 -16.12 11.79 -10.47
C SER A 322 -16.04 12.50 -9.11
N GLY A 323 -16.22 11.75 -8.03
CA GLY A 323 -16.33 12.32 -6.69
C GLY A 323 -17.44 13.37 -6.59
N ILE A 324 -18.63 13.01 -7.03
CA ILE A 324 -19.81 13.86 -6.83
C ILE A 324 -20.56 13.40 -5.59
N PRO A 325 -20.33 14.04 -4.46
CA PRO A 325 -20.80 13.53 -3.18
C PRO A 325 -22.33 13.54 -3.07
N ILE A 326 -22.85 12.46 -2.48
CA ILE A 326 -24.26 12.29 -2.17
C ILE A 326 -24.51 12.81 -0.76
N VAL A 327 -25.39 13.80 -0.63
CA VAL A 327 -25.46 14.61 0.59
C VAL A 327 -26.88 14.76 1.13
N THR A 328 -26.97 15.18 2.39
CA THR A 328 -28.23 15.67 2.95
C THR A 328 -28.20 17.19 3.02
N SER A 329 -27.00 17.76 2.98
CA SER A 329 -26.84 19.20 3.05
C SER A 329 -25.88 19.69 1.97
N PRO A 330 -26.18 20.85 1.38
CA PRO A 330 -25.26 21.47 0.43
C PRO A 330 -23.94 21.95 1.05
N TYR A 331 -23.82 21.93 2.38
CA TYR A 331 -22.70 22.56 3.07
C TYR A 331 -21.99 21.67 4.11
N GLN A 332 -20.72 21.97 4.36
CA GLN A 332 -20.02 21.50 5.56
C GLN A 332 -19.48 22.65 6.39
N ILE A 333 -19.45 22.44 7.72
CA ILE A 333 -18.86 23.41 8.65
C ILE A 333 -17.59 22.82 9.27
N HIS A 334 -16.56 23.66 9.34
CA HIS A 334 -15.25 23.24 9.83
C HIS A 334 -14.74 24.28 10.84
N PHE A 335 -14.14 23.79 11.93
CA PHE A 335 -13.59 24.68 12.95
C PHE A 335 -12.07 24.75 12.91
N THR A 336 -11.50 24.29 11.80
CA THR A 336 -10.06 24.25 11.63
C THR A 336 -9.38 25.61 11.85
N LYS A 337 -10.15 26.69 11.77
CA LYS A 337 -9.55 28.02 11.89
C LYS A 337 -9.84 28.68 13.23
N THR A 338 -10.61 28.00 14.08
CA THR A 338 -10.98 28.48 15.42
C THR A 338 -10.07 27.90 16.50
N PRO A 339 -9.53 28.79 17.36
CA PRO A 339 -8.74 28.40 18.53
C PRO A 339 -9.50 27.42 19.42
N LYS A 340 -8.80 26.42 19.94
CA LYS A 340 -9.42 25.43 20.81
C LYS A 340 -9.19 25.74 22.28
N TYR A 341 -8.94 27.03 22.58
CA TYR A 341 -8.84 27.53 23.94
C TYR A 341 -9.52 28.88 24.08
N PHE A 342 -10.23 29.05 25.20
CA PHE A 342 -10.91 30.30 25.51
C PHE A 342 -10.41 30.90 26.81
N LYS A 343 -10.80 32.16 27.04
CA LYS A 343 -10.52 32.85 28.30
C LYS A 343 -11.81 32.93 29.10
N PRO A 344 -11.94 32.09 30.13
CA PRO A 344 -13.16 32.03 30.94
C PRO A 344 -13.58 33.40 31.45
N GLY A 345 -14.80 33.81 31.11
CA GLY A 345 -15.31 35.12 31.51
C GLY A 345 -15.25 36.15 30.40
N MET A 346 -14.43 35.89 29.39
CA MET A 346 -14.30 36.77 28.22
C MET A 346 -15.05 36.18 27.03
N PRO A 347 -15.50 37.02 26.11
CA PRO A 347 -16.05 36.56 24.82
C PRO A 347 -15.15 35.57 24.06
N PHE A 348 -15.76 34.63 23.34
CA PHE A 348 -15.00 33.67 22.55
C PHE A 348 -15.34 33.80 21.08
N ASP A 349 -14.32 34.12 20.28
CA ASP A 349 -14.47 34.30 18.84
C ASP A 349 -14.29 32.99 18.11
N LEU A 350 -15.27 32.60 17.29
CA LEU A 350 -15.10 31.45 16.40
C LEU A 350 -14.96 31.88 14.95
N MET A 351 -13.95 31.33 14.28
CA MET A 351 -13.79 31.43 12.83
C MET A 351 -14.40 30.21 12.18
N VAL A 352 -15.61 30.39 11.65
CA VAL A 352 -16.36 29.29 11.08
C VAL A 352 -16.09 29.21 9.58
N PHE A 353 -15.56 28.07 9.15
CA PHE A 353 -15.27 27.82 7.74
C PHE A 353 -16.36 26.91 7.11
N VAL A 354 -17.07 27.43 6.12
CA VAL A 354 -18.11 26.69 5.40
C VAL A 354 -17.70 26.36 3.97
N THR A 355 -17.68 25.08 3.64
CA THR A 355 -17.36 24.65 2.29
C THR A 355 -18.54 23.99 1.59
N ASN A 356 -18.56 24.12 0.26
CA ASN A 356 -19.31 23.23 -0.60
C ASN A 356 -18.77 21.80 -0.49
N PRO A 357 -19.61 20.81 -0.78
CA PRO A 357 -19.28 19.41 -0.45
C PRO A 357 -17.93 18.97 -1.04
N ASP A 358 -17.56 19.55 -2.17
CA ASP A 358 -16.31 19.23 -2.85
C ASP A 358 -15.07 19.83 -2.17
N GLY A 359 -15.28 20.80 -1.28
CA GLY A 359 -14.17 21.39 -0.54
C GLY A 359 -13.98 22.88 -0.79
N SER A 360 -14.58 23.38 -1.86
CA SER A 360 -14.53 24.81 -2.18
C SER A 360 -15.25 25.65 -1.13
N PRO A 361 -14.77 26.84 -0.85
CA PRO A 361 -15.45 27.74 0.09
C PRO A 361 -16.85 28.17 -0.38
N ALA A 362 -17.80 28.26 0.55
CA ALA A 362 -19.15 28.75 0.27
C ALA A 362 -19.26 30.24 0.61
N TYR A 363 -19.79 31.03 -0.32
CA TYR A 363 -19.92 32.47 -0.14
C TYR A 363 -21.33 32.84 0.31
N ARG A 364 -21.42 33.84 1.18
CA ARG A 364 -22.70 34.35 1.70
C ARG A 364 -23.60 33.28 2.31
N VAL A 365 -23.03 32.36 3.07
CA VAL A 365 -23.82 31.40 3.83
C VAL A 365 -24.00 31.88 5.27
N PRO A 366 -25.24 32.15 5.67
CA PRO A 366 -25.51 32.58 7.05
C PRO A 366 -25.29 31.43 8.05
N VAL A 367 -24.66 31.75 9.18
CA VAL A 367 -24.39 30.78 10.24
C VAL A 367 -24.74 31.35 11.62
N ALA A 368 -24.94 30.45 12.59
CA ALA A 368 -25.28 30.82 13.97
C ALA A 368 -25.03 29.67 14.96
N VAL A 369 -24.81 30.02 16.22
CA VAL A 369 -24.66 29.06 17.33
C VAL A 369 -26.03 28.51 17.74
N GLN A 370 -26.06 27.28 18.23
CA GLN A 370 -27.31 26.58 18.64
C GLN A 370 -28.46 27.46 19.13
N GLY A 371 -29.59 27.37 18.43
CA GLY A 371 -30.66 28.34 18.54
C GLY A 371 -30.31 29.60 17.75
N GLU A 372 -30.35 30.74 18.44
CA GLU A 372 -30.13 32.06 17.84
C GLU A 372 -31.08 32.33 16.65
N ASP A 373 -32.18 33.07 16.91
CA ASP A 373 -32.35 33.89 18.11
C ASP A 373 -31.50 35.15 17.97
N THR A 374 -31.94 36.07 17.11
CA THR A 374 -31.08 37.08 16.49
C THR A 374 -29.75 36.46 16.01
N VAL A 375 -28.62 36.99 16.47
CA VAL A 375 -27.29 36.46 16.10
C VAL A 375 -27.12 36.32 14.58
N GLN A 376 -26.41 35.27 14.15
CA GLN A 376 -26.18 34.99 12.71
C GLN A 376 -25.16 35.93 12.06
N SER A 377 -24.22 35.34 11.31
CA SER A 377 -23.31 36.13 10.47
C SER A 377 -23.04 35.42 9.15
N LEU A 378 -22.79 36.20 8.10
CA LEU A 378 -22.61 35.62 6.77
C LEU A 378 -21.16 35.31 6.43
N THR A 379 -20.93 34.06 6.05
CA THR A 379 -19.72 33.60 5.39
C THR A 379 -19.28 34.53 4.25
N GLN A 380 -17.96 34.67 4.07
CA GLN A 380 -17.43 35.53 3.00
C GLN A 380 -16.74 34.79 1.85
N GLY A 381 -16.10 35.57 0.98
CA GLY A 381 -15.44 35.05 -0.21
C GLY A 381 -14.66 33.78 0.06
N ASP A 382 -13.91 33.78 1.17
CA ASP A 382 -13.04 32.67 1.54
C ASP A 382 -13.76 31.58 2.32
N GLY A 383 -15.07 31.73 2.50
CA GLY A 383 -15.87 30.71 3.15
C GLY A 383 -15.95 30.89 4.65
N VAL A 384 -15.30 31.93 5.15
CA VAL A 384 -15.17 32.11 6.59
C VAL A 384 -16.12 33.16 7.17
N ALA A 385 -16.77 32.77 8.25
CA ALA A 385 -17.60 33.67 9.03
C ALA A 385 -17.09 33.78 10.47
N LYS A 386 -17.33 34.94 11.07
CA LYS A 386 -16.88 35.22 12.42
C LYS A 386 -18.09 35.31 13.36
N LEU A 387 -18.12 34.43 14.36
CA LEU A 387 -19.11 34.52 15.46
C LEU A 387 -18.41 34.69 16.79
N SER A 388 -19.12 35.19 17.79
CA SER A 388 -18.55 35.27 19.11
C SER A 388 -19.61 35.07 20.16
N ILE A 389 -19.34 34.22 21.13
CA ILE A 389 -20.28 33.99 22.22
C ILE A 389 -19.70 34.58 23.50
N ASN A 390 -20.56 34.86 24.47
CA ASN A 390 -20.02 35.14 25.77
C ASN A 390 -19.86 33.89 26.61
N THR A 391 -19.00 33.99 27.62
CA THR A 391 -18.40 32.82 28.23
C THR A 391 -18.47 32.95 29.76
N HIS A 392 -18.67 31.82 30.46
CA HIS A 392 -18.71 31.81 31.92
C HIS A 392 -17.31 31.72 32.51
N PRO A 393 -17.12 32.30 33.69
CA PRO A 393 -15.83 32.25 34.40
C PRO A 393 -15.48 30.87 34.95
N SER A 394 -16.27 29.86 34.63
CA SER A 394 -16.02 28.49 35.04
C SER A 394 -14.85 27.86 34.26
N GLN A 395 -14.32 26.76 34.77
CA GLN A 395 -13.20 26.08 34.15
C GLN A 395 -13.64 24.89 33.29
N LYS A 396 -14.95 24.74 33.12
CA LYS A 396 -15.52 23.61 32.38
C LYS A 396 -15.35 23.79 30.87
N PRO A 397 -14.94 22.72 30.18
CA PRO A 397 -14.85 22.71 28.72
C PRO A 397 -16.04 23.38 28.05
N LEU A 398 -15.74 24.30 27.13
CA LEU A 398 -16.74 25.01 26.35
C LEU A 398 -17.11 24.20 25.10
N SER A 399 -18.40 23.93 24.92
CA SER A 399 -18.87 23.13 23.80
C SER A 399 -19.80 23.93 22.88
N ILE A 400 -19.36 24.20 21.65
CA ILE A 400 -20.07 25.07 20.72
C ILE A 400 -20.59 24.32 19.48
N THR A 401 -21.90 24.39 19.22
CA THR A 401 -22.47 23.90 17.97
C THR A 401 -22.90 25.06 17.07
N VAL A 402 -22.46 25.01 15.81
CA VAL A 402 -22.79 26.02 14.82
C VAL A 402 -23.60 25.38 13.67
N ARG A 403 -24.62 26.11 13.22
CA ARG A 403 -25.32 25.88 11.94
C ARG A 403 -25.42 27.28 11.32
N THR A 404 -25.21 27.47 10.02
CA THR A 404 -26.05 27.04 8.89
C THR A 404 -27.52 27.46 9.00
N LYS A 405 -27.83 28.61 8.42
CA LYS A 405 -29.18 29.16 8.45
C LYS A 405 -29.63 29.64 7.06
N LYS A 406 -29.34 28.84 6.05
CA LYS A 406 -29.75 29.15 4.69
C LYS A 406 -31.28 29.16 4.55
N GLN A 407 -31.86 30.33 4.28
CA GLN A 407 -33.25 30.42 3.87
C GLN A 407 -33.43 29.46 2.70
N GLU A 408 -34.64 29.34 2.18
CA GLU A 408 -34.81 28.55 0.96
C GLU A 408 -34.46 27.08 1.16
N LEU A 409 -33.75 26.75 2.25
CA LEU A 409 -33.27 25.40 2.45
C LEU A 409 -34.24 24.50 3.23
N SER A 410 -34.18 24.57 4.56
CA SER A 410 -35.00 23.72 5.43
C SER A 410 -34.11 23.00 6.43
N GLU A 411 -34.61 22.83 7.65
CA GLU A 411 -33.77 22.45 8.78
C GLU A 411 -32.94 21.21 8.53
N ALA A 412 -33.51 20.25 7.80
CA ALA A 412 -32.87 18.98 7.55
C ALA A 412 -31.67 19.10 6.60
N GLU A 413 -31.63 20.19 5.83
CA GLU A 413 -30.62 20.41 4.81
C GLU A 413 -29.56 21.42 5.27
N GLN A 414 -29.68 21.90 6.50
CA GLN A 414 -28.67 22.78 7.08
C GLN A 414 -27.50 21.96 7.63
N ALA A 415 -26.29 22.49 7.48
CA ALA A 415 -25.10 21.84 8.03
C ALA A 415 -25.01 22.07 9.52
N THR A 416 -24.36 21.16 10.23
CA THR A 416 -24.07 21.38 11.64
C THR A 416 -22.70 20.84 11.98
N ARG A 417 -22.08 21.44 12.99
CA ARG A 417 -20.80 20.95 13.49
C ARG A 417 -20.58 21.41 14.93
N THR A 418 -20.06 20.51 15.74
CA THR A 418 -19.72 20.78 17.14
C THR A 418 -18.20 20.74 17.35
N MET A 419 -17.71 21.61 18.23
CA MET A 419 -16.31 21.58 18.67
C MET A 419 -16.25 21.86 20.17
N GLN A 420 -15.06 21.64 20.74
CA GLN A 420 -14.82 21.93 22.15
C GLN A 420 -13.61 22.85 22.34
N ALA A 421 -13.77 23.86 23.18
CA ALA A 421 -12.64 24.68 23.62
C ALA A 421 -12.31 24.40 25.10
N LEU A 422 -11.04 24.52 25.47
CA LEU A 422 -10.63 24.40 26.88
C LEU A 422 -10.16 25.74 27.38
N PRO A 423 -10.21 25.96 28.70
CA PRO A 423 -9.81 27.23 29.30
C PRO A 423 -8.31 27.50 29.23
N TYR A 424 -7.95 28.73 28.91
CA TYR A 424 -6.59 29.21 29.12
C TYR A 424 -6.34 29.28 30.64
N SER A 425 -5.30 28.59 31.11
CA SER A 425 -4.96 28.57 32.51
C SER A 425 -4.00 29.71 32.87
N THR A 426 -4.33 30.42 33.93
CA THR A 426 -3.64 31.66 34.32
C THR A 426 -2.54 31.40 35.34
N VAL A 427 -1.69 32.39 35.61
CA VAL A 427 -0.56 32.22 36.52
C VAL A 427 -1.00 32.29 37.99
N GLY A 428 -0.79 31.20 38.73
CA GLY A 428 -1.24 31.12 40.12
C GLY A 428 -2.68 31.60 40.31
N ASN A 429 -3.57 31.22 39.40
CA ASN A 429 -5.00 31.54 39.50
C ASN A 429 -5.34 33.04 39.41
N SER A 430 -4.47 33.82 38.78
CA SER A 430 -4.58 35.29 38.75
C SER A 430 -5.83 35.84 38.04
N ASN A 431 -6.34 35.12 37.05
CA ASN A 431 -7.50 35.52 36.25
C ASN A 431 -7.23 36.68 35.30
N ASN A 432 -5.94 36.95 35.06
CA ASN A 432 -5.48 37.90 34.06
C ASN A 432 -5.30 37.26 32.68
N TYR A 433 -5.89 37.90 31.67
CA TYR A 433 -5.91 37.41 30.30
C TYR A 433 -5.58 38.50 29.28
N LEU A 434 -5.09 38.06 28.12
CA LEU A 434 -5.02 38.88 26.92
C LEU A 434 -5.88 38.22 25.85
N HIS A 435 -6.62 39.06 25.12
CA HIS A 435 -7.44 38.61 24.00
C HIS A 435 -7.19 39.47 22.77
N LEU A 436 -6.67 38.84 21.73
CA LEU A 436 -6.49 39.47 20.43
C LEU A 436 -7.68 39.22 19.49
N SER A 437 -8.09 40.24 18.75
CA SER A 437 -9.05 40.06 17.68
C SER A 437 -8.78 40.93 16.47
N VAL A 438 -9.48 40.62 15.39
CA VAL A 438 -9.13 41.04 14.06
C VAL A 438 -10.42 40.91 13.26
N LEU A 439 -10.77 41.93 12.47
CA LEU A 439 -11.94 41.84 11.59
C LEU A 439 -11.73 40.78 10.52
N ARG A 440 -12.75 39.93 10.32
CA ARG A 440 -12.65 38.92 9.27
C ARG A 440 -13.07 39.49 7.93
N THR A 441 -12.05 39.79 7.12
CA THR A 441 -12.21 39.94 5.67
C THR A 441 -11.03 39.24 4.99
N GLU A 442 -11.16 38.99 3.70
CA GLU A 442 -10.01 38.64 2.88
C GLU A 442 -8.94 39.74 2.96
N LEU A 443 -7.75 39.35 3.40
CA LEU A 443 -6.63 40.25 3.56
C LEU A 443 -5.71 40.12 2.36
N ARG A 444 -5.46 41.25 1.68
CA ARG A 444 -4.47 41.30 0.61
C ARG A 444 -3.31 42.17 1.06
N PRO A 445 -2.18 42.04 0.40
CA PRO A 445 -1.07 42.97 0.56
C PRO A 445 -1.50 44.38 0.14
N GLY A 446 -0.97 45.40 0.81
CA GLY A 446 -1.39 46.77 0.54
C GLY A 446 -2.47 47.23 1.51
N GLU A 447 -3.02 46.29 2.28
CA GLU A 447 -4.05 46.65 3.25
C GLU A 447 -3.44 46.78 4.60
N THR A 448 -4.06 47.57 5.47
CA THR A 448 -3.70 47.54 6.89
C THR A 448 -4.72 46.79 7.73
N LEU A 449 -4.22 45.93 8.59
CA LEU A 449 -5.06 45.14 9.47
C LEU A 449 -4.99 45.78 10.85
N ASN A 450 -6.14 46.19 11.38
CA ASN A 450 -6.23 46.59 12.77
C ASN A 450 -6.22 45.36 13.71
N VAL A 451 -5.19 45.24 14.54
CA VAL A 451 -5.14 44.16 15.52
C VAL A 451 -5.55 44.69 16.88
N ASN A 452 -6.60 44.11 17.44
CA ASN A 452 -7.17 44.59 18.70
C ASN A 452 -6.58 43.84 19.88
N PHE A 453 -6.11 44.60 20.87
CA PHE A 453 -5.60 44.08 22.14
C PHE A 453 -6.59 44.41 23.27
N LEU A 454 -7.26 43.38 23.78
CA LEU A 454 -8.20 43.50 24.89
C LEU A 454 -7.60 42.92 26.16
N LEU A 455 -7.49 43.78 27.17
CA LEU A 455 -6.93 43.40 28.45
C LEU A 455 -8.03 42.99 29.42
N ARG A 456 -7.85 41.86 30.07
CA ARG A 456 -8.61 41.54 31.27
C ARG A 456 -7.68 41.39 32.48
N MET A 457 -7.69 42.39 33.35
CA MET A 457 -7.18 42.21 34.70
C MET A 457 -7.81 43.12 35.74
N ASP A 458 -7.49 42.87 37.01
CA ASP A 458 -8.08 43.64 38.10
C ASP A 458 -7.55 45.08 38.08
N ARG A 459 -8.41 46.00 38.50
CA ARG A 459 -8.04 47.42 38.48
C ARG A 459 -6.87 47.69 39.44
N ALA A 460 -6.60 46.74 40.33
CA ALA A 460 -5.56 46.91 41.33
C ALA A 460 -4.17 46.78 40.73
N HIS A 461 -4.07 46.15 39.56
CA HIS A 461 -2.77 45.98 38.89
C HIS A 461 -2.74 46.47 37.44
N GLU A 462 -3.90 46.79 36.87
CA GLU A 462 -4.00 47.12 35.44
C GLU A 462 -3.04 48.24 34.98
N ALA A 463 -2.84 49.25 35.82
CA ALA A 463 -2.04 50.42 35.47
C ALA A 463 -0.55 50.11 35.25
N LYS A 464 -0.12 48.95 35.74
CA LYS A 464 1.24 48.46 35.55
C LYS A 464 1.55 48.06 34.10
N ILE A 465 0.52 47.75 33.33
CA ILE A 465 0.68 47.30 31.95
C ILE A 465 0.71 48.51 31.01
N ARG A 466 1.88 48.74 30.42
CA ARG A 466 2.09 49.93 29.60
C ARG A 466 2.34 49.58 28.14
N TYR A 467 2.58 48.30 27.86
CA TYR A 467 2.79 47.86 26.49
C TYR A 467 2.51 46.39 26.27
N TYR A 468 2.31 46.04 25.00
CA TYR A 468 2.30 44.66 24.58
C TYR A 468 3.44 44.42 23.60
N THR A 469 4.10 43.26 23.72
CA THR A 469 5.05 42.80 22.72
C THR A 469 4.31 41.86 21.76
N TYR A 470 4.40 42.13 20.46
CA TYR A 470 3.84 41.24 19.46
C TYR A 470 4.90 40.67 18.56
N LEU A 471 4.66 39.47 18.06
CA LEU A 471 5.58 38.77 17.20
C LEU A 471 4.80 38.15 16.04
N ILE A 472 5.33 38.33 14.83
CA ILE A 472 4.72 37.79 13.64
C ILE A 472 5.55 36.63 13.12
N MET A 473 4.95 35.45 13.07
CA MET A 473 5.58 34.28 12.50
C MET A 473 5.02 34.02 11.12
N ASN A 474 5.92 33.82 10.16
CA ASN A 474 5.52 33.57 8.78
C ASN A 474 6.55 32.68 8.11
N LYS A 475 6.08 31.67 7.40
CA LYS A 475 6.97 30.72 6.71
C LYS A 475 8.09 30.18 7.61
N GLY A 476 7.79 30.01 8.89
CA GLY A 476 8.74 29.42 9.84
C GLY A 476 9.84 30.34 10.36
N ARG A 477 9.73 31.65 10.09
CA ARG A 477 10.69 32.64 10.58
C ARG A 477 9.94 33.76 11.30
N LEU A 478 10.60 34.43 12.24
CA LEU A 478 10.08 35.67 12.82
C LEU A 478 10.09 36.77 11.77
N LEU A 479 8.93 37.07 11.19
CA LEU A 479 8.88 38.14 10.19
C LEU A 479 9.16 39.49 10.82
N LYS A 480 8.58 39.73 11.98
CA LYS A 480 8.48 41.07 12.52
C LYS A 480 8.13 41.02 14.00
N ALA A 481 8.80 41.84 14.80
CA ALA A 481 8.44 42.01 16.21
C ALA A 481 8.29 43.50 16.54
N GLY A 482 7.34 43.86 17.40
CA GLY A 482 7.28 45.24 17.92
C GLY A 482 6.52 45.42 19.23
N ARG A 483 6.17 46.67 19.52
CA ARG A 483 5.49 47.02 20.77
C ARG A 483 4.22 47.79 20.46
N GLN A 484 3.19 47.52 21.24
CA GLN A 484 1.94 48.25 21.16
C GLN A 484 1.73 48.89 22.53
N VAL A 485 1.75 50.22 22.59
CA VAL A 485 1.76 50.87 23.87
C VAL A 485 0.34 51.00 24.38
N ARG A 486 0.21 51.19 25.69
CA ARG A 486 -1.05 51.18 26.37
C ARG A 486 -0.99 52.23 27.47
N GLU A 487 -2.12 52.91 27.68
CA GLU A 487 -2.30 53.85 28.78
C GLU A 487 -3.09 53.16 29.89
N PRO A 488 -2.89 53.59 31.14
CA PRO A 488 -3.72 53.12 32.24
C PRO A 488 -5.22 53.34 31.98
N GLY A 489 -6.02 52.33 32.27
CA GLY A 489 -7.46 52.35 32.02
C GLY A 489 -7.89 51.92 30.63
N GLN A 490 -6.94 51.63 29.75
CA GLN A 490 -7.28 51.28 28.37
C GLN A 490 -7.51 49.78 28.19
N ASP A 491 -8.79 49.40 28.09
CA ASP A 491 -9.19 48.01 27.89
C ASP A 491 -8.81 47.54 26.50
N LEU A 492 -9.01 48.44 25.52
CA LEU A 492 -8.76 48.13 24.12
C LEU A 492 -7.78 49.13 23.50
N VAL A 493 -6.70 48.59 22.93
CA VAL A 493 -5.81 49.35 22.06
C VAL A 493 -5.72 48.66 20.71
N VAL A 494 -5.45 49.45 19.68
CA VAL A 494 -5.42 48.95 18.32
C VAL A 494 -4.09 49.19 17.61
N LEU A 495 -3.55 48.13 17.03
CA LEU A 495 -2.35 48.18 16.22
C LEU A 495 -2.70 48.18 14.73
N PRO A 496 -2.29 49.23 14.00
CA PRO A 496 -2.41 49.25 12.55
C PRO A 496 -1.23 48.49 11.90
N LEU A 497 -1.49 47.25 11.48
CA LEU A 497 -0.44 46.37 10.99
C LEU A 497 -0.49 46.37 9.48
N SER A 498 0.59 46.83 8.84
CA SER A 498 0.67 46.85 7.38
C SER A 498 0.99 45.47 6.81
N ILE A 499 0.16 45.03 5.86
CA ILE A 499 0.30 43.71 5.26
C ILE A 499 0.99 43.86 3.91
N THR A 500 2.06 43.10 3.74
CA THR A 500 2.81 43.10 2.50
C THR A 500 2.85 41.67 2.00
N THR A 501 3.58 41.45 0.90
CA THR A 501 3.64 40.15 0.23
C THR A 501 4.51 39.21 1.02
N ASP A 502 5.23 39.76 2.00
CA ASP A 502 6.02 38.97 2.95
C ASP A 502 5.12 38.13 3.82
N PHE A 503 3.87 38.56 3.96
CA PHE A 503 2.89 37.89 4.85
C PHE A 503 2.10 36.73 4.23
N ILE A 504 2.26 36.49 2.92
CA ILE A 504 1.65 35.35 2.23
C ILE A 504 2.36 34.04 2.66
N PRO A 505 1.65 32.92 2.76
CA PRO A 505 0.23 32.81 2.44
C PRO A 505 -0.69 33.10 3.64
N SER A 506 -0.08 33.33 4.78
CA SER A 506 -0.75 33.52 6.05
C SER A 506 0.34 33.67 7.10
N PHE A 507 -0.09 34.02 8.32
CA PHE A 507 0.83 34.32 9.42
C PHE A 507 0.13 34.19 10.77
N ARG A 508 0.94 34.09 11.82
CA ARG A 508 0.44 34.07 13.18
C ARG A 508 0.98 35.28 13.93
N LEU A 509 0.11 35.92 14.69
CA LEU A 509 0.51 37.01 15.55
C LEU A 509 0.34 36.61 17.02
N VAL A 510 1.42 36.65 17.80
CA VAL A 510 1.31 36.50 19.22
C VAL A 510 1.72 37.75 19.98
N ALA A 511 0.96 38.05 21.03
CA ALA A 511 1.29 39.19 21.86
C ALA A 511 1.36 38.72 23.29
N TYR A 512 2.08 39.47 24.13
CA TYR A 512 2.10 39.18 25.54
C TYR A 512 2.40 40.43 26.33
N TYR A 513 1.91 40.48 27.55
CA TYR A 513 2.38 41.46 28.51
C TYR A 513 2.98 40.73 29.71
N THR A 514 3.77 41.47 30.50
CA THR A 514 4.33 40.91 31.71
C THR A 514 4.26 41.92 32.86
N LEU A 515 4.30 41.40 34.08
CA LEU A 515 4.27 42.24 35.29
C LEU A 515 4.64 41.45 36.53
N ILE A 516 4.95 42.17 37.61
CA ILE A 516 4.95 41.59 38.96
C ILE A 516 3.62 41.92 39.63
N GLY A 517 2.85 40.88 39.95
CA GLY A 517 1.46 41.07 40.47
C GLY A 517 1.19 40.63 41.89
N ALA A 518 0.67 39.41 42.04
CA ALA A 518 0.10 38.89 43.29
C ALA A 518 0.92 39.19 44.55
N SER A 519 1.93 38.36 44.79
CA SER A 519 2.79 38.55 45.94
C SER A 519 4.23 38.60 45.46
N GLY A 520 4.54 39.67 44.73
CA GLY A 520 5.85 39.82 44.09
C GLY A 520 5.99 38.86 42.93
N GLN A 521 4.84 38.30 42.51
CA GLN A 521 4.79 37.22 41.55
C GLN A 521 4.93 37.71 40.12
N ARG A 522 5.95 37.21 39.41
CA ARG A 522 6.12 37.53 38.00
C ARG A 522 5.13 36.81 37.09
N GLU A 523 4.35 37.57 36.33
CA GLU A 523 3.30 37.00 35.51
C GLU A 523 3.54 37.29 34.04
N VAL A 524 3.53 36.23 33.21
CA VAL A 524 3.47 36.37 31.75
C VAL A 524 2.06 36.03 31.23
N VAL A 525 1.45 36.97 30.49
CA VAL A 525 0.17 36.67 29.84
C VAL A 525 0.22 36.78 28.31
N ALA A 526 -0.07 35.69 27.61
CA ALA A 526 0.02 35.64 26.14
C ALA A 526 -1.28 35.26 25.41
N ASP A 527 -1.46 35.80 24.21
CA ASP A 527 -2.50 35.33 23.28
C ASP A 527 -1.91 35.25 21.86
N SER A 528 -2.61 34.56 20.95
CA SER A 528 -2.19 34.51 19.55
C SER A 528 -3.35 34.32 18.59
N VAL A 529 -3.12 34.72 17.35
CA VAL A 529 -4.16 34.69 16.34
C VAL A 529 -3.54 34.26 15.00
N TRP A 530 -4.27 33.46 14.22
CA TRP A 530 -3.80 32.96 12.92
C TRP A 530 -4.54 33.78 11.85
N VAL A 531 -3.81 34.50 11.01
CA VAL A 531 -4.47 35.31 9.97
C VAL A 531 -4.17 34.80 8.55
N ASP A 532 -5.22 34.57 7.78
CA ASP A 532 -5.06 34.21 6.39
C ASP A 532 -4.84 35.47 5.52
N VAL A 533 -3.95 35.34 4.54
CA VAL A 533 -3.67 36.40 3.59
C VAL A 533 -3.95 35.88 2.18
N LYS A 534 -4.52 36.73 1.34
CA LYS A 534 -4.84 36.36 -0.03
C LYS A 534 -3.57 35.88 -0.75
N ASP A 535 -3.64 34.72 -1.37
CA ASP A 535 -2.47 34.14 -2.04
C ASP A 535 -2.31 34.66 -3.47
N SER A 536 -1.09 35.06 -3.78
CA SER A 536 -0.70 35.46 -5.12
C SER A 536 0.79 35.20 -5.14
N CYS A 537 1.43 35.38 -6.30
CA CYS A 537 2.89 35.49 -6.38
C CYS A 537 3.31 36.68 -5.54
N VAL A 538 4.46 36.57 -4.89
CA VAL A 538 5.12 37.72 -4.26
C VAL A 538 5.46 38.76 -5.32
N GLY A 539 6.01 38.31 -6.46
CA GLY A 539 6.35 39.19 -7.57
C GLY A 539 5.30 39.17 -8.66
N SER A 540 5.72 39.32 -9.91
CA SER A 540 4.76 39.24 -11.03
C SER A 540 5.34 38.60 -12.29
N LEU A 541 4.48 37.85 -12.97
CA LEU A 541 4.82 37.24 -14.25
C LEU A 541 3.59 37.20 -15.11
N VAL A 542 3.60 37.99 -16.18
CA VAL A 542 2.53 38.00 -17.18
C VAL A 542 3.07 37.54 -18.56
N VAL A 543 2.35 36.59 -19.17
CA VAL A 543 2.63 36.11 -20.53
C VAL A 543 1.45 36.46 -21.44
N LYS A 544 1.73 37.17 -22.52
CA LYS A 544 0.68 37.60 -23.43
C LYS A 544 1.16 37.78 -24.87
N SER A 545 0.23 38.12 -25.75
CA SER A 545 0.56 38.45 -27.14
C SER A 545 1.31 39.76 -27.22
N GLY A 546 2.19 39.86 -28.22
CA GLY A 546 2.92 41.08 -28.49
C GLY A 546 2.46 41.80 -29.76
N GLN A 547 1.86 41.07 -30.69
CA GLN A 547 1.29 41.73 -31.87
C GLN A 547 0.07 42.53 -31.43
N SER A 548 0.22 43.85 -31.44
CA SER A 548 -0.91 44.74 -31.27
C SER A 548 -1.86 44.55 -32.46
N GLU A 549 -2.49 43.37 -32.51
CA GLU A 549 -3.64 43.17 -33.39
C GLU A 549 -4.01 41.70 -33.68
N ASP A 550 -5.25 41.53 -34.11
CA ASP A 550 -5.58 40.69 -35.26
C ASP A 550 -6.20 39.34 -34.95
N ARG A 551 -6.63 38.68 -36.04
CA ARG A 551 -7.36 37.44 -35.96
C ARG A 551 -6.43 36.25 -35.69
N GLN A 552 -6.96 35.05 -35.72
CA GLN A 552 -6.19 33.87 -35.34
C GLN A 552 -5.00 33.57 -36.26
N PRO A 553 -3.85 33.29 -35.64
CA PRO A 553 -2.68 32.80 -36.36
C PRO A 553 -2.93 31.54 -37.18
N VAL A 554 -2.13 31.41 -38.23
CA VAL A 554 -2.22 30.36 -39.22
C VAL A 554 -0.99 29.47 -38.98
N PRO A 555 -1.08 28.17 -39.25
CA PRO A 555 0.06 27.27 -39.07
C PRO A 555 1.38 27.81 -39.65
N GLY A 556 2.45 27.77 -38.86
CA GLY A 556 3.79 28.17 -39.32
C GLY A 556 4.06 29.65 -39.13
N GLN A 557 3.02 30.39 -38.76
CA GLN A 557 3.10 31.84 -38.64
C GLN A 557 4.00 32.27 -37.47
N GLN A 558 4.66 33.40 -37.68
CA GLN A 558 5.47 34.02 -36.65
C GLN A 558 4.62 34.98 -35.80
N MET A 559 4.76 34.88 -34.50
CA MET A 559 4.10 35.83 -33.62
C MET A 559 5.05 36.32 -32.52
N THR A 560 4.73 37.46 -31.91
CA THR A 560 5.50 38.00 -30.81
C THR A 560 4.85 37.65 -29.49
N LEU A 561 5.58 36.92 -28.67
CA LEU A 561 5.23 36.70 -27.28
C LEU A 561 5.80 37.85 -26.45
N LYS A 562 5.06 38.29 -25.44
CA LYS A 562 5.54 39.32 -24.53
C LYS A 562 5.54 38.79 -23.10
N ILE A 563 6.67 38.96 -22.41
CA ILE A 563 6.78 38.52 -21.02
C ILE A 563 7.09 39.75 -20.18
N GLU A 564 6.23 40.02 -19.20
CA GLU A 564 6.48 41.06 -18.21
C GLU A 564 6.73 40.44 -16.83
N GLY A 565 7.84 40.83 -16.20
CA GLY A 565 8.28 40.18 -14.98
C GLY A 565 9.27 41.03 -14.23
N ASP A 566 9.64 40.59 -13.04
CA ASP A 566 10.57 41.35 -12.22
C ASP A 566 11.97 41.35 -12.82
N HIS A 567 12.52 42.55 -12.93
CA HIS A 567 13.88 42.72 -13.40
C HIS A 567 14.84 41.69 -12.79
N GLY A 568 15.55 40.96 -13.66
CA GLY A 568 16.58 40.03 -13.23
C GLY A 568 16.12 38.59 -13.09
N ALA A 569 14.80 38.37 -13.08
CA ALA A 569 14.27 37.03 -12.92
C ALA A 569 14.59 36.10 -14.09
N ARG A 570 14.95 34.86 -13.79
CA ARG A 570 15.06 33.82 -14.80
C ARG A 570 13.68 33.28 -15.09
N VAL A 571 13.31 33.23 -16.37
CA VAL A 571 11.99 32.78 -16.80
C VAL A 571 12.15 31.51 -17.63
N VAL A 572 11.33 30.51 -17.33
CA VAL A 572 11.39 29.24 -18.06
C VAL A 572 10.02 28.94 -18.62
N LEU A 573 9.99 28.36 -19.82
CA LEU A 573 8.75 28.27 -20.61
C LEU A 573 8.52 26.89 -21.19
N VAL A 574 7.32 26.70 -21.74
CA VAL A 574 6.93 25.45 -22.40
C VAL A 574 5.61 25.75 -23.09
N ALA A 575 5.44 25.20 -24.29
CA ALA A 575 4.17 25.27 -25.00
C ALA A 575 3.69 23.86 -25.27
N VAL A 576 2.43 23.61 -24.91
CA VAL A 576 1.87 22.29 -24.92
C VAL A 576 0.56 22.31 -25.66
N ASP A 577 0.43 21.44 -26.66
CA ASP A 577 -0.84 21.16 -27.32
C ASP A 577 -1.89 20.72 -26.30
N LYS A 578 -3.01 21.42 -26.28
CA LYS A 578 -4.03 21.17 -25.28
C LYS A 578 -4.72 19.82 -25.47
N GLY A 579 -4.45 19.14 -26.59
CA GLY A 579 -4.84 17.76 -26.76
C GLY A 579 -4.17 16.81 -25.77
N VAL A 580 -2.97 17.18 -25.32
CA VAL A 580 -2.29 16.46 -24.26
C VAL A 580 -3.15 16.39 -22.99
N PHE A 581 -3.87 17.47 -22.69
CA PHE A 581 -4.63 17.55 -21.43
C PHE A 581 -5.99 16.90 -21.50
N VAL A 582 -6.41 16.51 -22.68
CA VAL A 582 -7.61 15.70 -22.87
C VAL A 582 -7.27 14.28 -22.40
N LEU A 583 -6.02 13.90 -22.62
CA LEU A 583 -5.51 12.59 -22.19
C LEU A 583 -5.19 12.54 -20.69
N ASN A 584 -4.63 13.62 -20.16
CA ASN A 584 -4.15 13.67 -18.77
C ASN A 584 -3.81 15.10 -18.38
N LYS A 585 -4.40 15.57 -17.29
CA LYS A 585 -4.23 16.94 -16.85
C LYS A 585 -3.84 16.96 -15.38
N LYS A 586 -3.28 15.85 -14.91
CA LYS A 586 -2.86 15.74 -13.53
C LYS A 586 -1.39 16.11 -13.38
N ASN A 587 -1.03 16.62 -12.19
CA ASN A 587 0.37 16.75 -11.78
C ASN A 587 1.05 17.98 -12.31
N LYS A 588 0.26 18.89 -12.89
CA LYS A 588 0.78 20.15 -13.42
C LYS A 588 1.21 21.06 -12.29
N LEU A 589 2.22 21.90 -12.54
CA LEU A 589 2.71 22.85 -11.54
C LEU A 589 1.95 24.16 -11.58
N THR A 590 1.71 24.70 -10.39
CA THR A 590 0.68 25.71 -10.16
C THR A 590 1.14 26.50 -8.92
N GLN A 591 0.81 27.79 -8.84
CA GLN A 591 1.22 28.61 -7.71
C GLN A 591 0.50 28.16 -6.44
N SER A 592 -0.75 27.78 -6.62
CA SER A 592 -1.56 27.12 -5.60
C SER A 592 -0.86 25.93 -4.92
N LYS A 593 -0.23 25.06 -5.71
CA LYS A 593 0.40 23.87 -5.14
C LYS A 593 1.60 24.26 -4.30
N ILE A 594 2.16 25.43 -4.63
CA ILE A 594 3.36 25.91 -3.99
C ILE A 594 3.07 26.46 -2.60
N TRP A 595 2.02 27.28 -2.49
CA TRP A 595 1.53 27.76 -1.20
C TRP A 595 0.95 26.67 -0.31
N ASP A 596 0.45 25.60 -0.90
CA ASP A 596 -0.06 24.47 -0.13
C ASP A 596 1.07 23.71 0.57
N VAL A 597 2.18 23.51 -0.12
CA VAL A 597 3.41 22.96 0.43
C VAL A 597 4.02 23.85 1.51
N VAL A 598 3.96 25.17 1.29
CA VAL A 598 4.42 26.15 2.25
C VAL A 598 3.64 26.09 3.58
N GLU A 599 2.30 26.16 3.51
CA GLU A 599 1.49 26.12 4.72
C GLU A 599 1.57 24.80 5.47
N LYS A 600 1.78 23.70 4.75
CA LYS A 600 2.00 22.39 5.40
C LYS A 600 3.32 22.32 6.19
N ALA A 601 4.25 23.23 5.89
CA ALA A 601 5.56 23.24 6.53
C ALA A 601 5.64 24.24 7.68
N ASP A 602 4.50 24.79 8.10
CA ASP A 602 4.45 25.76 9.18
C ASP A 602 4.99 25.06 10.42
N ILE A 603 5.79 25.78 11.21
CA ILE A 603 6.26 25.27 12.49
C ILE A 603 5.30 25.62 13.66
N GLY A 604 4.39 26.58 13.42
CA GLY A 604 3.18 26.74 14.21
C GLY A 604 2.13 25.71 13.82
N CYS A 605 1.28 25.33 14.77
CA CYS A 605 0.50 24.11 14.64
C CYS A 605 -0.97 24.31 14.91
N THR A 606 -1.33 25.51 15.30
CA THR A 606 -2.60 25.74 15.95
C THR A 606 -3.16 27.07 15.46
N PRO A 607 -4.50 27.18 15.43
CA PRO A 607 -5.19 28.44 15.10
C PRO A 607 -5.04 29.56 16.14
N GLY A 608 -4.55 29.22 17.32
CA GLY A 608 -4.22 30.28 18.28
C GLY A 608 -4.66 30.03 19.70
N SER A 609 -4.41 31.03 20.56
CA SER A 609 -4.34 30.86 22.02
C SER A 609 -3.49 29.63 22.40
N GLY A 610 -3.78 29.05 23.56
CA GLY A 610 -2.97 27.98 24.14
C GLY A 610 -3.51 27.69 25.52
N LYS A 611 -3.03 26.62 26.16
CA LYS A 611 -3.52 26.23 27.49
C LYS A 611 -3.01 27.13 28.61
N ASP A 612 -1.90 27.81 28.34
CA ASP A 612 -1.30 28.79 29.24
C ASP A 612 -0.37 29.62 28.38
N TYR A 613 0.33 30.60 28.96
CA TYR A 613 1.17 31.49 28.17
C TYR A 613 2.25 30.75 27.38
N ALA A 614 2.77 29.67 27.99
CA ALA A 614 3.82 28.87 27.41
C ALA A 614 3.31 28.12 26.17
N GLY A 615 2.12 27.53 26.30
CA GLY A 615 1.45 26.87 25.19
C GLY A 615 1.16 27.83 24.05
N VAL A 616 0.78 29.07 24.37
CA VAL A 616 0.56 30.10 23.35
C VAL A 616 1.78 30.28 22.45
N PHE A 617 2.94 30.51 23.05
CA PHE A 617 4.19 30.66 22.31
C PHE A 617 4.52 29.42 21.48
N SER A 618 4.60 28.28 22.14
CA SER A 618 4.91 27.02 21.47
C SER A 618 3.97 26.63 20.34
N ASP A 619 2.66 26.64 20.60
CA ASP A 619 1.69 26.37 19.53
C ASP A 619 1.85 27.31 18.29
N ALA A 620 2.39 28.50 18.49
CA ALA A 620 2.50 29.47 17.38
C ALA A 620 3.88 29.39 16.72
N GLY A 621 4.72 28.51 17.28
CA GLY A 621 6.01 28.21 16.70
C GLY A 621 7.13 29.05 17.26
N LEU A 622 6.99 29.51 18.50
CA LEU A 622 8.01 30.37 19.15
C LEU A 622 8.51 29.80 20.47
N THR A 623 9.78 30.05 20.81
CA THR A 623 10.26 29.84 22.19
C THR A 623 10.13 31.15 22.92
N PHE A 624 10.09 31.04 24.25
CA PHE A 624 10.19 32.19 25.13
C PHE A 624 10.91 31.73 26.37
N THR A 625 11.89 32.53 26.81
CA THR A 625 12.69 32.22 27.99
C THR A 625 13.02 33.53 28.68
N SER A 626 12.78 33.59 29.99
CA SER A 626 13.11 34.79 30.77
C SER A 626 14.17 34.48 31.82
N SER A 627 14.84 35.51 32.31
CA SER A 627 15.80 35.38 33.40
C SER A 627 15.21 34.94 34.74
N SER A 628 13.90 35.14 34.92
CA SER A 628 13.19 34.66 36.13
C SER A 628 12.69 33.22 36.00
N GLY A 629 12.95 32.58 34.87
CA GLY A 629 12.67 31.15 34.71
C GLY A 629 11.33 30.84 34.05
N GLN A 630 10.69 31.87 33.50
CA GLN A 630 9.49 31.64 32.72
C GLN A 630 9.92 31.23 31.30
N GLN A 631 9.45 30.06 30.86
CA GLN A 631 9.83 29.57 29.54
C GLN A 631 8.85 28.54 28.94
N THR A 632 8.89 28.39 27.62
CA THR A 632 8.17 27.31 26.95
C THR A 632 8.82 25.97 27.26
N ALA A 633 8.01 24.92 27.28
CA ALA A 633 8.52 23.56 27.30
C ALA A 633 9.38 23.33 26.05
N GLN A 634 10.35 22.43 26.17
CA GLN A 634 11.21 22.09 25.06
C GLN A 634 10.40 21.45 23.92
N ARG A 635 10.59 21.95 22.70
CA ARG A 635 10.11 21.24 21.50
C ARG A 635 11.20 20.37 20.90
N ALA A 636 10.99 19.06 20.89
CA ALA A 636 11.95 18.14 20.30
C ALA A 636 11.47 17.54 18.97
N GLU A 637 10.19 17.71 18.67
CA GLU A 637 9.56 17.06 17.51
C GLU A 637 9.60 17.97 16.26
N LEU A 638 10.05 17.42 15.13
CA LEU A 638 10.25 18.22 13.92
C LEU A 638 8.93 18.54 13.20
N GLN A 639 7.86 17.82 13.57
CA GLN A 639 6.54 18.00 12.98
C GLN A 639 5.52 18.43 14.02
N CYS A 640 4.37 18.89 13.55
CA CYS A 640 3.23 19.16 14.39
C CYS A 640 2.57 17.86 14.89
N PRO A 641 2.05 17.90 16.12
CA PRO A 641 1.30 16.78 16.67
C PRO A 641 0.18 16.31 15.74
N GLN A 642 0.17 15.01 15.45
CA GLN A 642 -1.05 14.27 15.09
C GLN A 642 -0.78 12.79 14.84
N ASP B 4 -5.68 18.91 -63.28
CA ASP B 4 -6.99 19.37 -63.84
C ASP B 4 -6.99 20.86 -64.20
N GLU B 5 -8.10 21.29 -64.80
CA GLU B 5 -8.35 22.72 -65.03
C GLU B 5 -8.64 23.41 -63.69
N ASP B 6 -7.75 24.33 -63.31
CA ASP B 6 -8.08 25.36 -62.31
C ASP B 6 -7.94 24.88 -60.86
N ILE B 7 -6.76 24.35 -60.55
CA ILE B 7 -6.48 23.79 -59.25
C ILE B 7 -4.97 23.65 -59.05
N ILE B 8 -4.49 23.99 -57.85
CA ILE B 8 -3.07 23.86 -57.53
C ILE B 8 -2.60 22.42 -57.76
N ALA B 9 -1.44 22.28 -58.42
CA ALA B 9 -0.84 20.99 -58.69
C ALA B 9 -0.25 20.35 -57.44
N GLU B 10 -0.31 19.03 -57.36
CA GLU B 10 0.12 18.31 -56.17
C GLU B 10 1.52 18.72 -55.73
N GLU B 11 2.42 18.90 -56.70
CA GLU B 11 3.83 19.17 -56.43
C GLU B 11 4.06 20.58 -55.89
N ASN B 12 3.09 21.47 -56.12
CA ASN B 12 3.17 22.83 -55.59
C ASN B 12 2.65 22.99 -54.17
N ILE B 13 2.10 21.91 -53.59
CA ILE B 13 1.63 21.90 -52.20
C ILE B 13 2.73 21.42 -51.25
N VAL B 14 3.09 22.26 -50.27
CA VAL B 14 4.01 21.87 -49.21
C VAL B 14 3.20 21.41 -47.99
N SER B 15 3.28 20.13 -47.69
CA SER B 15 2.53 19.53 -46.58
C SER B 15 2.99 20.05 -45.23
N ARG B 16 2.05 20.20 -44.32
CA ARG B 16 2.38 20.44 -42.93
C ARG B 16 3.04 19.21 -42.28
N SER B 17 4.05 19.43 -41.45
CA SER B 17 4.82 18.31 -40.89
C SER B 17 5.27 18.46 -39.44
N GLU B 18 5.21 19.67 -38.89
CA GLU B 18 5.72 19.92 -37.53
C GLU B 18 4.59 19.86 -36.51
N PHE B 19 4.48 18.70 -35.88
CA PHE B 19 3.37 18.42 -34.99
C PHE B 19 3.82 17.96 -33.62
N PRO B 20 4.70 18.73 -32.96
CA PRO B 20 5.18 18.35 -31.62
C PRO B 20 4.07 18.50 -30.59
N GLU B 21 4.08 17.68 -29.53
CA GLU B 21 3.10 17.84 -28.46
C GLU B 21 3.45 18.97 -27.50
N SER B 22 4.74 19.25 -27.38
CA SER B 22 5.25 20.41 -26.64
C SER B 22 6.50 20.95 -27.33
N TRP B 23 6.76 22.23 -27.12
CA TRP B 23 7.93 22.90 -27.64
C TRP B 23 8.17 24.13 -26.77
N LEU B 24 9.02 25.04 -27.22
CA LEU B 24 9.34 26.24 -26.46
C LEU B 24 9.86 25.97 -25.06
N TRP B 25 10.60 24.88 -24.88
CA TRP B 25 11.24 24.55 -23.62
C TRP B 25 12.49 25.43 -23.52
N ASN B 26 12.28 26.67 -23.09
CA ASN B 26 13.28 27.70 -23.15
C ASN B 26 13.49 28.41 -21.82
N VAL B 27 14.72 28.86 -21.61
CA VAL B 27 15.12 29.62 -20.44
C VAL B 27 15.61 30.99 -20.89
N GLU B 28 15.07 32.06 -20.29
CA GLU B 28 15.47 33.45 -20.58
C GLU B 28 15.43 34.33 -19.32
N ASP B 29 16.49 35.10 -19.08
CA ASP B 29 16.49 36.11 -18.02
C ASP B 29 15.90 37.45 -18.44
N LEU B 30 15.09 38.00 -17.54
CA LEU B 30 14.44 39.27 -17.76
C LEU B 30 15.37 40.41 -17.37
N LYS B 31 16.31 40.75 -18.25
CA LYS B 31 17.33 41.76 -17.97
C LYS B 31 17.20 43.00 -18.83
N GLU B 32 16.12 43.09 -19.61
CA GLU B 32 15.83 44.28 -20.41
C GLU B 32 15.78 45.50 -19.49
N PRO B 33 16.30 46.64 -19.93
CA PRO B 33 16.28 47.86 -19.10
C PRO B 33 14.89 48.07 -18.44
N PRO B 34 14.84 48.03 -17.10
CA PRO B 34 13.56 47.95 -16.38
C PRO B 34 12.88 49.30 -16.20
N LYS B 35 11.57 49.28 -16.01
CA LYS B 35 10.86 50.46 -15.53
C LYS B 35 9.97 50.08 -14.35
N ASN B 36 10.12 50.83 -13.27
CA ASN B 36 9.42 50.55 -12.00
C ASN B 36 9.54 49.10 -11.59
N GLY B 37 10.74 48.54 -11.75
CA GLY B 37 11.08 47.19 -11.31
C GLY B 37 10.74 46.10 -12.32
N ILE B 38 10.11 46.47 -13.43
CA ILE B 38 9.60 45.46 -14.35
C ILE B 38 10.39 45.48 -15.66
N SER B 39 10.85 44.30 -16.09
CA SER B 39 11.43 44.11 -17.42
C SER B 39 10.47 43.41 -18.39
N THR B 40 10.46 43.89 -19.63
CA THR B 40 9.60 43.38 -20.69
C THR B 40 10.45 42.72 -21.78
N LYS B 41 10.16 41.46 -22.08
CA LYS B 41 10.87 40.72 -23.10
C LYS B 41 9.92 40.43 -24.27
N LEU B 42 10.39 40.70 -25.50
CA LEU B 42 9.70 40.27 -26.72
C LEU B 42 10.43 39.11 -27.40
N MET B 43 9.70 38.03 -27.64
CA MET B 43 10.22 36.82 -28.26
C MET B 43 9.45 36.52 -29.53
N ASN B 44 10.15 36.49 -30.66
CA ASN B 44 9.56 35.99 -31.89
C ASN B 44 9.56 34.46 -31.88
N ILE B 45 8.36 33.87 -31.92
CA ILE B 45 8.19 32.43 -32.00
C ILE B 45 7.57 32.05 -33.34
N PHE B 46 7.97 30.88 -33.84
CA PHE B 46 7.37 30.26 -35.03
C PHE B 46 6.34 29.23 -34.57
N LEU B 47 5.06 29.50 -34.84
CA LEU B 47 4.03 28.54 -34.48
C LEU B 47 4.25 27.24 -35.27
N LYS B 48 4.01 26.10 -34.64
CA LYS B 48 4.10 24.81 -35.33
C LYS B 48 3.00 24.61 -36.40
N ASP B 49 2.85 23.39 -36.90
CA ASP B 49 1.91 23.14 -37.99
C ASP B 49 0.56 22.63 -37.51
N SER B 50 0.47 22.36 -36.22
CA SER B 50 -0.77 21.84 -35.64
C SER B 50 -1.87 22.89 -35.66
N ILE B 51 -3.07 22.43 -35.96
CA ILE B 51 -4.27 23.24 -35.84
C ILE B 51 -4.97 22.87 -34.55
N THR B 52 -4.87 23.75 -33.56
CA THR B 52 -5.16 23.38 -32.18
C THR B 52 -4.97 24.62 -31.34
N THR B 53 -5.06 24.46 -30.02
CA THR B 53 -4.74 25.53 -29.09
C THR B 53 -3.52 25.09 -28.27
N TRP B 54 -2.52 25.96 -28.27
CA TRP B 54 -1.30 25.77 -27.47
C TRP B 54 -1.51 26.47 -26.15
N GLU B 55 -1.08 25.81 -25.06
CA GLU B 55 -1.03 26.47 -23.75
C GLU B 55 0.41 26.77 -23.36
N ILE B 56 0.72 28.06 -23.22
CA ILE B 56 2.07 28.49 -22.86
C ILE B 56 2.18 28.80 -21.37
N LEU B 57 3.05 28.07 -20.68
CA LEU B 57 3.22 28.26 -19.24
C LEU B 57 4.60 28.86 -18.95
N ALA B 58 4.62 29.91 -18.12
CA ALA B 58 5.86 30.52 -17.65
C ALA B 58 6.01 30.42 -16.13
N VAL B 59 7.25 30.27 -15.70
CA VAL B 59 7.58 30.22 -14.30
C VAL B 59 8.84 31.05 -14.20
N SER B 60 8.83 32.05 -13.33
CA SER B 60 10.05 32.80 -13.03
C SER B 60 10.66 32.48 -11.66
N MET B 61 11.95 32.77 -11.55
CA MET B 61 12.68 32.57 -10.32
C MET B 61 13.47 33.82 -10.11
N SER B 62 13.28 34.43 -8.95
CA SER B 62 13.92 35.69 -8.67
C SER B 62 14.51 35.60 -7.28
N ASP B 63 15.72 36.11 -7.12
CA ASP B 63 16.40 36.09 -5.82
C ASP B 63 15.77 37.09 -4.87
N LYS B 64 14.89 37.95 -5.41
CA LYS B 64 14.13 38.87 -4.56
C LYS B 64 12.69 38.38 -4.27
N LYS B 65 12.04 37.79 -5.28
CA LYS B 65 10.59 37.51 -5.20
C LYS B 65 10.26 36.03 -5.13
N GLY B 66 11.28 35.18 -5.17
CA GLY B 66 11.08 33.74 -5.19
C GLY B 66 10.50 33.28 -6.52
N ILE B 67 9.51 32.39 -6.44
CA ILE B 67 9.06 31.62 -7.57
C ILE B 67 7.63 32.00 -7.91
N CYS B 68 7.36 32.17 -9.19
CA CYS B 68 6.06 32.64 -9.66
C CYS B 68 5.62 31.86 -10.87
N VAL B 69 4.65 30.96 -10.68
CA VAL B 69 3.98 30.31 -11.78
C VAL B 69 2.89 31.20 -12.33
N ALA B 70 3.04 31.59 -13.58
CA ALA B 70 2.16 32.57 -14.21
C ALA B 70 0.86 31.88 -14.61
N ASP B 71 -0.17 32.67 -14.91
CA ASP B 71 -1.40 32.13 -15.50
C ASP B 71 -1.12 31.71 -16.93
N PRO B 72 -1.63 30.55 -17.34
CA PRO B 72 -1.29 29.99 -18.65
C PRO B 72 -1.81 30.91 -19.75
N PHE B 73 -1.07 30.99 -20.85
CA PHE B 73 -1.46 31.80 -21.97
C PHE B 73 -1.77 30.91 -23.18
N GLU B 74 -2.96 31.10 -23.75
CA GLU B 74 -3.42 30.30 -24.88
C GLU B 74 -3.31 31.00 -26.22
N VAL B 75 -2.96 30.21 -27.23
CA VAL B 75 -2.89 30.68 -28.61
C VAL B 75 -3.54 29.65 -29.50
N THR B 76 -4.58 30.07 -30.21
CA THR B 76 -5.32 29.18 -31.10
C THR B 76 -4.83 29.34 -32.53
N VAL B 77 -4.43 28.23 -33.13
CA VAL B 77 -3.92 28.22 -34.49
C VAL B 77 -4.92 27.52 -35.42
N MET B 78 -5.48 28.26 -36.36
CA MET B 78 -6.44 27.67 -37.27
C MET B 78 -6.42 28.09 -38.75
N GLN B 79 -7.36 27.53 -39.50
CA GLN B 79 -7.48 27.64 -40.95
C GLN B 79 -8.90 27.22 -41.30
N ASP B 80 -9.45 27.77 -42.36
CA ASP B 80 -10.82 27.45 -42.74
C ASP B 80 -10.97 26.15 -43.52
N PHE B 81 -9.90 25.75 -44.19
CA PHE B 81 -9.83 24.46 -44.86
C PHE B 81 -8.58 23.67 -44.45
N PHE B 82 -8.77 22.41 -44.01
CA PHE B 82 -7.64 21.60 -43.61
C PHE B 82 -7.94 20.09 -43.52
N ILE B 83 -6.87 19.30 -43.61
CA ILE B 83 -6.89 17.86 -43.39
C ILE B 83 -6.51 17.52 -41.95
N ASP B 84 -7.29 16.66 -41.30
CA ASP B 84 -6.83 15.95 -40.11
C ASP B 84 -6.49 14.51 -40.47
N LEU B 85 -5.20 14.22 -40.57
CA LEU B 85 -4.78 12.87 -40.91
C LEU B 85 -4.70 12.07 -39.63
N ARG B 86 -5.69 11.22 -39.40
CA ARG B 86 -5.78 10.48 -38.16
C ARG B 86 -5.12 9.12 -38.28
N LEU B 87 -3.83 9.09 -37.97
CA LEU B 87 -3.03 7.88 -37.97
C LEU B 87 -3.05 7.22 -36.60
N PRO B 88 -3.05 5.88 -36.55
CA PRO B 88 -2.84 5.16 -35.29
C PRO B 88 -1.43 5.38 -34.72
N TYR B 89 -1.24 5.12 -33.43
CA TYR B 89 0.11 5.16 -32.83
C TYR B 89 1.11 4.27 -33.58
N SER B 90 0.72 3.03 -33.80
CA SER B 90 1.58 2.06 -34.46
C SER B 90 0.77 1.05 -35.29
N VAL B 91 1.42 0.43 -36.27
CA VAL B 91 0.80 -0.61 -37.09
C VAL B 91 1.73 -1.80 -37.28
N VAL B 92 1.20 -2.94 -37.68
CA VAL B 92 2.03 -4.14 -37.85
C VAL B 92 2.47 -4.32 -39.30
N ARG B 93 3.75 -4.62 -39.50
CA ARG B 93 4.29 -4.99 -40.80
C ARG B 93 3.40 -6.02 -41.50
N ASN B 94 3.02 -5.69 -42.74
CA ASN B 94 2.26 -6.58 -43.62
C ASN B 94 0.78 -6.80 -43.29
N GLU B 95 0.26 -6.02 -42.34
CA GLU B 95 -1.16 -6.02 -42.03
C GLU B 95 -1.86 -4.83 -42.69
N GLN B 96 -2.96 -5.10 -43.39
CA GLN B 96 -3.74 -4.06 -44.02
C GLN B 96 -4.50 -3.23 -42.98
N VAL B 97 -4.44 -1.91 -43.11
CA VAL B 97 -5.23 -1.03 -42.25
C VAL B 97 -6.01 0.01 -43.03
N GLU B 98 -7.08 0.51 -42.42
CA GLU B 98 -7.72 1.71 -42.91
C GLU B 98 -7.38 2.90 -42.00
N ILE B 99 -6.88 3.97 -42.60
CA ILE B 99 -6.71 5.24 -41.91
C ILE B 99 -7.72 6.22 -42.51
N ARG B 100 -8.00 7.31 -41.80
CA ARG B 100 -8.90 8.36 -42.30
C ARG B 100 -8.19 9.69 -42.47
N ALA B 101 -8.45 10.36 -43.59
CA ALA B 101 -8.16 11.78 -43.74
C ALA B 101 -9.47 12.55 -43.61
N VAL B 102 -9.58 13.39 -42.58
CA VAL B 102 -10.80 14.14 -42.42
C VAL B 102 -10.61 15.57 -42.93
N LEU B 103 -11.41 15.96 -43.91
CA LEU B 103 -11.36 17.28 -44.52
C LEU B 103 -12.39 18.21 -43.88
N TYR B 104 -11.92 19.33 -43.36
CA TYR B 104 -12.78 20.32 -42.70
C TYR B 104 -12.94 21.57 -43.53
N ASN B 105 -14.19 21.99 -43.71
CA ASN B 105 -14.52 23.26 -44.31
C ASN B 105 -15.26 24.16 -43.32
N TYR B 106 -14.57 25.18 -42.84
CA TYR B 106 -15.15 26.09 -41.85
C TYR B 106 -15.50 27.46 -42.44
N ARG B 107 -15.65 27.52 -43.75
CA ARG B 107 -16.19 28.71 -44.39
C ARG B 107 -17.69 28.78 -44.16
N GLN B 108 -18.18 29.99 -43.88
CA GLN B 108 -19.52 30.15 -43.31
C GLN B 108 -20.63 29.81 -44.30
N ASN B 109 -20.40 30.06 -45.60
CA ASN B 109 -21.49 29.82 -46.57
C ASN B 109 -21.02 29.38 -47.97
N GLN B 110 -19.73 29.06 -48.07
CA GLN B 110 -19.14 28.59 -49.31
C GLN B 110 -18.75 27.10 -49.23
N GLU B 111 -19.38 26.28 -50.05
CA GLU B 111 -19.02 24.86 -50.17
C GLU B 111 -17.94 24.64 -51.22
N LEU B 112 -17.12 23.62 -50.99
CA LEU B 112 -15.87 23.44 -51.72
C LEU B 112 -15.83 22.14 -52.52
N LYS B 113 -15.54 22.25 -53.80
CA LYS B 113 -15.20 21.10 -54.62
C LYS B 113 -13.72 20.86 -54.44
N VAL B 114 -13.37 19.69 -53.90
CA VAL B 114 -12.02 19.40 -53.42
C VAL B 114 -11.43 18.17 -54.09
N ARG B 115 -10.16 18.24 -54.45
CA ARG B 115 -9.45 17.06 -54.92
C ARG B 115 -8.44 16.59 -53.86
N VAL B 116 -8.66 15.37 -53.36
CA VAL B 116 -7.85 14.87 -52.27
C VAL B 116 -7.07 13.67 -52.74
N GLU B 117 -5.81 13.57 -52.34
CA GLU B 117 -4.95 12.54 -52.91
C GLU B 117 -4.12 11.87 -51.82
N LEU B 118 -3.96 10.55 -51.92
CA LEU B 118 -2.97 9.86 -51.10
C LEU B 118 -1.70 9.65 -51.93
N LEU B 119 -0.57 10.11 -51.39
CA LEU B 119 0.70 10.03 -52.09
C LEU B 119 1.29 8.62 -52.05
N HIS B 120 1.94 8.24 -53.15
CA HIS B 120 2.66 6.99 -53.20
C HIS B 120 3.86 7.00 -52.24
N ASN B 121 4.15 5.85 -51.63
CA ASN B 121 5.31 5.68 -50.78
C ASN B 121 5.63 4.21 -50.82
N PRO B 122 6.83 3.84 -51.25
CA PRO B 122 7.20 2.43 -51.41
C PRO B 122 7.32 1.67 -50.08
N ALA B 123 7.22 2.40 -48.97
CA ALA B 123 7.14 1.78 -47.65
C ALA B 123 5.73 1.22 -47.39
N PHE B 124 4.80 1.52 -48.30
CA PHE B 124 3.39 1.14 -48.18
C PHE B 124 2.86 0.54 -49.47
N CYS B 125 2.05 -0.50 -49.35
CA CYS B 125 1.13 -0.89 -50.41
C CYS B 125 -0.19 -0.10 -50.35
N SER B 126 -0.57 0.51 -51.47
CA SER B 126 -1.87 1.15 -51.60
C SER B 126 -2.26 1.25 -53.08
N LEU B 127 -3.37 1.94 -53.36
CA LEU B 127 -3.82 2.11 -54.74
C LEU B 127 -3.02 3.15 -55.52
N ALA B 128 -2.18 3.91 -54.81
CA ALA B 128 -1.23 4.83 -55.42
C ALA B 128 0.01 4.09 -55.91
N THR B 129 0.42 4.33 -57.16
CA THR B 129 1.74 3.88 -57.61
C THR B 129 2.60 5.07 -58.06
N THR B 130 3.83 4.78 -58.45
CA THR B 130 4.71 5.80 -58.99
C THR B 130 4.09 6.49 -60.22
N LYS B 131 3.46 5.70 -61.08
CA LYS B 131 2.88 6.22 -62.31
C LYS B 131 1.38 6.52 -62.23
N ARG B 132 0.74 6.13 -61.13
CA ARG B 132 -0.71 6.24 -61.01
C ARG B 132 -1.11 6.93 -59.69
N ARG B 133 -1.88 7.99 -59.82
CA ARG B 133 -2.32 8.77 -58.68
C ARG B 133 -3.57 8.13 -58.08
N HIS B 134 -3.72 8.30 -56.77
CA HIS B 134 -4.95 7.90 -56.10
C HIS B 134 -5.66 9.14 -55.57
N GLN B 135 -6.48 9.74 -56.43
CA GLN B 135 -7.11 11.04 -56.16
C GLN B 135 -8.64 11.00 -56.30
N GLN B 136 -9.34 11.54 -55.30
CA GLN B 136 -10.82 11.62 -55.23
C GLN B 136 -11.25 13.09 -55.45
N THR B 137 -12.38 13.31 -56.12
CA THR B 137 -13.02 14.64 -56.13
C THR B 137 -14.27 14.60 -55.26
N VAL B 138 -14.33 15.47 -54.25
CA VAL B 138 -15.44 15.49 -53.29
C VAL B 138 -16.01 16.89 -53.14
N THR B 139 -17.28 17.00 -52.77
CA THR B 139 -17.86 18.28 -52.37
C THR B 139 -18.07 18.33 -50.84
N ILE B 140 -17.51 19.37 -50.21
CA ILE B 140 -17.73 19.61 -48.77
C ILE B 140 -18.59 20.86 -48.55
N PRO B 141 -19.80 20.66 -48.00
CA PRO B 141 -20.73 21.77 -47.73
C PRO B 141 -20.14 22.77 -46.73
N PRO B 142 -20.71 23.96 -46.65
CA PRO B 142 -20.29 24.93 -45.63
C PRO B 142 -20.31 24.31 -44.22
N LYS B 143 -19.37 24.70 -43.38
CA LYS B 143 -19.39 24.35 -41.96
C LYS B 143 -19.56 22.85 -41.72
N SER B 144 -18.95 22.03 -42.57
CA SER B 144 -18.96 20.58 -42.36
C SER B 144 -17.62 19.93 -42.64
N SER B 145 -17.59 18.61 -42.49
CA SER B 145 -16.40 17.82 -42.73
C SER B 145 -16.69 16.53 -43.45
N LEU B 146 -15.68 16.01 -44.12
CA LEU B 146 -15.79 14.76 -44.83
C LEU B 146 -14.66 13.83 -44.42
N SER B 147 -15.04 12.62 -44.01
CA SER B 147 -14.08 11.59 -43.68
C SER B 147 -13.70 10.82 -44.95
N VAL B 148 -12.41 10.80 -45.28
CA VAL B 148 -11.92 10.07 -46.45
C VAL B 148 -11.05 8.88 -46.03
N PRO B 149 -11.53 7.67 -46.30
CA PRO B 149 -10.82 6.46 -45.92
C PRO B 149 -9.76 6.02 -46.92
N TYR B 150 -8.63 5.52 -46.42
CA TYR B 150 -7.58 4.98 -47.28
C TYR B 150 -7.14 3.62 -46.77
N VAL B 151 -7.10 2.62 -47.65
CA VAL B 151 -6.53 1.34 -47.21
C VAL B 151 -5.08 1.16 -47.63
N ILE B 152 -4.22 0.83 -46.66
CA ILE B 152 -2.79 0.73 -46.89
C ILE B 152 -2.21 -0.46 -46.14
N VAL B 153 -1.07 -0.96 -46.64
CA VAL B 153 -0.28 -2.00 -45.97
C VAL B 153 1.16 -1.53 -45.80
N PRO B 154 1.61 -1.35 -44.56
CA PRO B 154 3.04 -1.14 -44.26
C PRO B 154 3.91 -2.34 -44.65
N LEU B 155 4.99 -2.06 -45.37
CA LEU B 155 5.87 -3.10 -45.91
C LEU B 155 7.26 -3.07 -45.26
N LYS B 156 7.57 -1.99 -44.55
CA LYS B 156 8.79 -1.89 -43.77
C LYS B 156 8.64 -1.29 -42.39
N THR B 157 9.39 -1.84 -41.44
CA THR B 157 9.32 -1.47 -40.05
C THR B 157 10.05 -0.17 -39.78
N GLY B 158 9.84 0.37 -38.58
CA GLY B 158 10.46 1.61 -38.17
C GLY B 158 9.50 2.76 -38.43
N LEU B 159 10.02 3.97 -38.36
CA LEU B 159 9.22 5.18 -38.52
C LEU B 159 8.93 5.42 -39.99
N GLN B 160 7.69 5.20 -40.42
CA GLN B 160 7.30 5.42 -41.82
C GLN B 160 6.25 6.52 -41.94
N GLU B 161 6.08 7.07 -43.15
CA GLU B 161 5.29 8.30 -43.28
C GLU B 161 4.13 8.19 -44.26
N VAL B 162 2.99 8.77 -43.87
CA VAL B 162 1.83 8.82 -44.72
C VAL B 162 1.54 10.28 -45.06
N GLU B 163 1.26 10.56 -46.32
CA GLU B 163 1.01 11.94 -46.76
C GLU B 163 -0.22 12.03 -47.66
N VAL B 164 -1.16 12.88 -47.28
CA VAL B 164 -2.24 13.25 -48.20
C VAL B 164 -2.32 14.76 -48.35
N LYS B 165 -2.85 15.19 -49.50
CA LYS B 165 -2.89 16.60 -49.86
C LYS B 165 -4.25 16.87 -50.48
N ALA B 166 -4.68 18.12 -50.45
CA ALA B 166 -5.95 18.47 -51.05
C ALA B 166 -5.87 19.89 -51.55
N ALA B 167 -6.59 20.17 -52.63
CA ALA B 167 -6.73 21.53 -53.14
C ALA B 167 -8.16 21.71 -53.59
N VAL B 168 -8.64 22.96 -53.60
CA VAL B 168 -9.99 23.23 -54.06
C VAL B 168 -9.94 23.83 -55.46
N TYR B 169 -10.90 23.42 -56.31
CA TYR B 169 -11.06 24.03 -57.62
C TYR B 169 -11.53 25.47 -57.48
N HIS B 170 -11.00 26.34 -58.37
CA HIS B 170 -11.45 27.72 -58.55
C HIS B 170 -11.05 28.69 -57.43
N HIS B 171 -10.34 28.18 -56.43
CA HIS B 171 -9.86 29.00 -55.32
C HIS B 171 -8.38 28.70 -55.11
N PHE B 172 -7.70 29.59 -54.39
CA PHE B 172 -6.29 29.38 -54.07
C PHE B 172 -6.10 28.70 -52.71
N ILE B 173 -6.95 27.72 -52.42
CA ILE B 173 -6.91 26.97 -51.16
C ILE B 173 -6.32 25.59 -51.36
N SER B 174 -5.40 25.20 -50.49
CA SER B 174 -4.89 23.82 -50.48
C SER B 174 -4.33 23.47 -49.11
N ASP B 175 -4.07 22.19 -48.88
CA ASP B 175 -3.46 21.73 -47.64
C ASP B 175 -2.77 20.40 -47.87
N GLY B 176 -1.76 20.11 -47.06
CA GLY B 176 -1.18 18.78 -47.04
C GLY B 176 -0.76 18.38 -45.64
N VAL B 177 -0.92 17.12 -45.30
CA VAL B 177 -0.39 16.64 -44.04
C VAL B 177 0.50 15.40 -44.24
N ARG B 178 1.69 15.49 -43.68
CA ARG B 178 2.70 14.46 -43.79
C ARG B 178 3.01 14.06 -42.36
N LYS B 179 2.66 12.83 -41.98
CA LYS B 179 2.86 12.34 -40.61
C LYS B 179 3.52 10.98 -40.60
N SER B 180 4.17 10.65 -39.50
CA SER B 180 4.79 9.33 -39.30
C SER B 180 3.96 8.44 -38.38
N LEU B 181 4.11 7.13 -38.53
CA LEU B 181 3.68 6.17 -37.51
C LEU B 181 4.74 5.07 -37.34
N LYS B 182 4.73 4.42 -36.18
CA LYS B 182 5.66 3.32 -35.94
C LYS B 182 5.13 2.07 -36.60
N VAL B 183 5.93 1.51 -37.50
CA VAL B 183 5.64 0.19 -38.03
C VAL B 183 6.44 -0.85 -37.28
N VAL B 184 5.72 -1.85 -36.79
CA VAL B 184 6.24 -2.84 -35.85
C VAL B 184 6.28 -4.20 -36.57
N PRO B 185 7.29 -5.04 -36.31
CA PRO B 185 7.30 -6.38 -36.90
C PRO B 185 6.13 -7.27 -36.47
N GLU B 186 5.86 -8.31 -37.25
CA GLU B 186 4.89 -9.34 -36.87
C GLU B 186 5.33 -10.07 -35.60
N THR C 37 -5.98 -9.52 -34.29
CA THR C 37 -6.26 -10.81 -33.60
C THR C 37 -7.74 -10.96 -33.22
N CYS C 38 -8.48 -9.86 -33.27
CA CYS C 38 -9.91 -9.81 -32.97
C CYS C 38 -10.29 -10.63 -31.72
N ASN C 39 -9.64 -10.34 -30.60
CA ASN C 39 -9.81 -11.10 -29.36
C ASN C 39 -11.22 -11.03 -28.77
N LYS C 40 -11.94 -9.95 -29.05
CA LYS C 40 -13.15 -9.61 -28.31
C LYS C 40 -14.40 -9.63 -29.19
N PHE C 41 -14.18 -9.77 -30.49
CA PHE C 41 -15.25 -9.73 -31.47
C PHE C 41 -14.96 -10.65 -32.65
N ASP C 42 -15.96 -11.40 -33.06
CA ASP C 42 -15.96 -12.09 -34.36
C ASP C 42 -16.61 -11.18 -35.38
N LEU C 43 -16.00 -11.08 -36.56
CA LEU C 43 -16.53 -10.23 -37.64
C LEU C 43 -16.32 -10.93 -38.99
N LYS C 44 -17.41 -11.32 -39.64
CA LYS C 44 -17.39 -11.78 -41.02
C LYS C 44 -18.07 -10.74 -41.90
N VAL C 45 -17.35 -10.26 -42.90
CA VAL C 45 -17.93 -9.35 -43.89
C VAL C 45 -17.92 -9.98 -45.27
N THR C 46 -18.99 -9.74 -46.00
CA THR C 46 -19.25 -10.41 -47.26
C THR C 46 -19.84 -9.39 -48.22
N ILE C 47 -19.39 -9.40 -49.46
CA ILE C 47 -20.00 -8.60 -50.51
C ILE C 47 -20.34 -9.50 -51.74
N LYS C 48 -21.59 -9.46 -52.16
CA LYS C 48 -22.08 -10.31 -53.24
C LYS C 48 -22.98 -9.47 -54.14
N PRO C 49 -23.10 -9.84 -55.41
CA PRO C 49 -24.00 -9.14 -56.32
C PRO C 49 -25.47 -9.40 -55.94
N ALA C 50 -26.30 -8.36 -56.02
CA ALA C 50 -27.71 -8.46 -55.65
C ALA C 50 -28.56 -9.14 -56.75
N PRO C 51 -29.81 -9.50 -56.42
CA PRO C 51 -30.68 -10.23 -57.35
C PRO C 51 -31.01 -9.45 -58.63
N LYS C 61 -27.19 1.32 -60.48
CA LYS C 61 -26.24 0.72 -61.42
C LYS C 61 -25.92 -0.74 -61.05
N ASN C 62 -24.77 -0.94 -60.42
CA ASN C 62 -24.34 -2.26 -59.97
C ASN C 62 -25.28 -2.86 -58.94
N THR C 63 -25.43 -2.16 -57.83
CA THR C 63 -25.93 -2.76 -56.59
C THR C 63 -25.39 -4.15 -56.21
N MET C 64 -24.97 -4.26 -54.95
CA MET C 64 -24.61 -5.53 -54.35
C MET C 64 -25.13 -5.57 -52.92
N ILE C 65 -25.05 -6.74 -52.29
CA ILE C 65 -25.48 -6.91 -50.90
C ILE C 65 -24.26 -7.03 -50.02
N LEU C 66 -24.10 -6.07 -49.10
CA LEU C 66 -23.14 -6.18 -48.01
C LEU C 66 -23.78 -6.82 -46.77
N GLU C 67 -23.23 -7.95 -46.34
CA GLU C 67 -23.67 -8.59 -45.11
C GLU C 67 -22.58 -8.62 -44.04
N ILE C 68 -22.94 -8.15 -42.86
CA ILE C 68 -22.02 -8.02 -41.72
C ILE C 68 -22.50 -8.90 -40.56
N CYS C 69 -21.66 -9.84 -40.15
CA CYS C 69 -22.03 -10.79 -39.11
C CYS C 69 -21.04 -10.70 -37.96
N THR C 70 -21.56 -10.39 -36.77
CA THR C 70 -20.70 -10.11 -35.63
C THR C 70 -21.17 -10.84 -34.39
N ARG C 71 -20.21 -11.28 -33.59
CA ARG C 71 -20.49 -11.94 -32.32
C ARG C 71 -19.48 -11.47 -31.29
N TYR C 72 -19.95 -11.26 -30.07
CA TYR C 72 -19.10 -10.89 -28.96
C TYR C 72 -18.52 -12.15 -28.31
N ARG C 73 -17.20 -12.15 -28.06
CA ARG C 73 -16.55 -13.24 -27.33
C ARG C 73 -16.52 -12.94 -25.83
N GLY C 74 -17.67 -13.04 -25.20
CA GLY C 74 -17.73 -12.97 -23.75
C GLY C 74 -18.71 -14.03 -23.29
N ASP C 75 -18.84 -14.18 -21.98
CA ASP C 75 -19.87 -15.03 -21.42
C ASP C 75 -21.18 -14.25 -21.34
N GLN C 76 -21.09 -12.95 -21.64
CA GLN C 76 -22.26 -12.06 -21.65
C GLN C 76 -22.34 -11.32 -22.99
N ASP C 77 -23.53 -10.81 -23.32
CA ASP C 77 -23.68 -9.93 -24.49
C ASP C 77 -22.93 -8.61 -24.32
N ALA C 78 -22.35 -8.10 -25.41
CA ALA C 78 -21.84 -6.73 -25.39
C ALA C 78 -23.01 -5.78 -25.14
N THR C 79 -22.73 -4.63 -24.54
CA THR C 79 -23.71 -3.54 -24.57
C THR C 79 -23.46 -2.67 -25.79
N MET C 80 -23.71 -1.37 -25.65
CA MET C 80 -23.76 -0.49 -26.80
C MET C 80 -22.47 -0.56 -27.62
N SER C 81 -22.61 -0.97 -28.88
CA SER C 81 -21.48 -1.18 -29.77
C SER C 81 -21.67 -0.40 -31.09
N ILE C 82 -20.56 -0.20 -31.81
CA ILE C 82 -20.59 0.56 -33.06
C ILE C 82 -20.19 -0.31 -34.26
N LEU C 83 -21.00 -0.30 -35.31
CA LEU C 83 -20.50 -0.67 -36.63
C LEU C 83 -20.13 0.58 -37.43
N ASP C 84 -18.83 0.74 -37.64
CA ASP C 84 -18.29 1.83 -38.45
C ASP C 84 -17.97 1.31 -39.85
N ILE C 85 -18.73 1.78 -40.84
CA ILE C 85 -18.66 1.21 -42.17
C ILE C 85 -18.18 2.26 -43.18
N SER C 86 -17.18 1.89 -43.96
CA SER C 86 -16.78 2.67 -45.13
C SER C 86 -17.13 1.99 -46.45
N MET C 87 -17.51 2.79 -47.43
CA MET C 87 -17.91 2.27 -48.73
C MET C 87 -16.73 1.93 -49.64
N MET C 88 -16.95 0.97 -50.54
CA MET C 88 -16.07 0.79 -51.68
C MET C 88 -16.25 2.03 -52.52
N THR C 89 -15.17 2.52 -53.11
CA THR C 89 -15.23 3.82 -53.76
C THR C 89 -16.26 3.88 -54.90
N GLY C 90 -17.24 4.77 -54.76
CA GLY C 90 -18.31 4.91 -55.74
C GLY C 90 -19.59 4.17 -55.37
N PHE C 91 -19.63 3.59 -54.18
CA PHE C 91 -20.83 2.92 -53.67
C PHE C 91 -21.47 3.68 -52.53
N ALA C 92 -22.79 3.53 -52.40
CA ALA C 92 -23.57 4.15 -51.32
C ALA C 92 -24.68 3.20 -50.88
N PRO C 93 -25.03 3.21 -49.59
CA PRO C 93 -26.12 2.39 -49.07
C PRO C 93 -27.43 2.68 -49.79
N ASP C 94 -28.23 1.63 -50.02
CA ASP C 94 -29.64 1.77 -50.36
C ASP C 94 -30.38 2.34 -49.16
N THR C 95 -31.01 3.51 -49.33
CA THR C 95 -31.65 4.21 -48.22
C THR C 95 -32.86 3.47 -47.66
N ASP C 96 -33.67 2.86 -48.53
CA ASP C 96 -34.80 2.06 -48.08
C ASP C 96 -34.32 0.89 -47.19
N ASP C 97 -33.24 0.24 -47.60
CA ASP C 97 -32.66 -0.88 -46.86
C ASP C 97 -32.17 -0.42 -45.50
N LEU C 98 -31.67 0.81 -45.43
CA LEU C 98 -31.19 1.39 -44.17
C LEU C 98 -32.35 1.73 -43.23
N LYS C 99 -33.46 2.23 -43.78
CA LYS C 99 -34.67 2.49 -43.00
C LYS C 99 -35.21 1.22 -42.36
N GLN C 100 -35.26 0.15 -43.12
CA GLN C 100 -35.64 -1.16 -42.58
C GLN C 100 -34.78 -1.57 -41.39
N LEU C 101 -33.48 -1.34 -41.49
CA LEU C 101 -32.51 -1.72 -40.46
C LEU C 101 -32.63 -0.84 -39.21
N ALA C 102 -32.97 0.43 -39.42
CA ALA C 102 -33.12 1.40 -38.34
C ALA C 102 -34.36 1.10 -37.50
N ASN C 103 -35.36 0.51 -38.14
CA ASN C 103 -36.60 0.10 -37.48
C ASN C 103 -36.44 -1.23 -36.74
N GLY C 104 -35.35 -1.94 -37.07
CA GLY C 104 -35.01 -3.18 -36.40
C GLY C 104 -34.69 -2.98 -34.93
N VAL C 105 -35.03 -3.97 -34.12
CA VAL C 105 -34.81 -3.95 -32.68
C VAL C 105 -33.32 -4.02 -32.37
N ASP C 106 -32.88 -3.28 -31.34
CA ASP C 106 -31.47 -3.26 -30.89
C ASP C 106 -30.54 -2.55 -31.87
N ARG C 107 -31.12 -1.69 -32.70
CA ARG C 107 -30.36 -0.98 -33.72
C ARG C 107 -30.81 0.47 -33.80
N TYR C 108 -29.85 1.35 -34.09
CA TYR C 108 -30.16 2.75 -34.34
C TYR C 108 -29.31 3.30 -35.47
N ILE C 109 -29.96 3.98 -36.41
CA ILE C 109 -29.26 4.73 -37.46
C ILE C 109 -29.88 6.12 -37.49
N SER C 110 -29.05 7.13 -37.24
CA SER C 110 -29.54 8.48 -37.03
C SER C 110 -30.17 9.06 -38.29
N LYS C 111 -31.08 10.02 -38.11
CA LYS C 111 -31.65 10.77 -39.23
C LYS C 111 -30.53 11.43 -40.07
N TYR C 112 -29.50 11.91 -39.37
CA TYR C 112 -28.22 12.32 -39.97
C TYR C 112 -27.79 11.40 -41.11
N GLU C 113 -27.56 10.13 -40.78
CA GLU C 113 -27.13 9.13 -41.74
C GLU C 113 -28.22 8.82 -42.75
N LEU C 114 -29.47 8.86 -42.29
CA LEU C 114 -30.61 8.43 -43.10
C LEU C 114 -31.00 9.40 -44.21
N ASP C 115 -30.75 10.70 -44.00
CA ASP C 115 -30.90 11.64 -45.12
C ASP C 115 -29.61 12.30 -45.62
N LYS C 116 -28.50 11.57 -45.48
CA LYS C 116 -27.35 11.73 -46.39
C LYS C 116 -27.80 11.37 -47.81
N ALA C 117 -26.88 10.95 -48.66
CA ALA C 117 -27.23 10.65 -50.04
C ALA C 117 -26.22 9.79 -50.83
N PHE C 118 -26.63 9.46 -52.06
CA PHE C 118 -25.72 9.32 -53.20
C PHE C 118 -24.63 10.40 -53.13
N SER C 119 -24.99 11.55 -52.55
CA SER C 119 -24.07 12.66 -52.29
C SER C 119 -22.75 12.22 -51.63
N ASP C 120 -22.80 11.88 -50.35
CA ASP C 120 -21.60 11.38 -49.65
C ASP C 120 -21.83 10.50 -48.42
N ARG C 121 -22.65 9.47 -48.56
CA ARG C 121 -22.52 8.37 -47.63
C ARG C 121 -21.42 7.44 -48.12
N ASN C 122 -20.19 7.97 -48.18
CA ASN C 122 -19.01 7.13 -48.28
C ASN C 122 -18.74 6.35 -47.00
N THR C 123 -19.21 6.89 -45.87
CA THR C 123 -19.14 6.20 -44.58
C THR C 123 -20.48 6.21 -43.88
N LEU C 124 -20.65 5.24 -42.98
CA LEU C 124 -21.90 5.03 -42.29
C LEU C 124 -21.56 4.45 -40.93
N ILE C 125 -22.27 4.92 -39.89
CA ILE C 125 -22.24 4.27 -38.58
C ILE C 125 -23.60 3.69 -38.25
N ILE C 126 -23.61 2.40 -37.93
CA ILE C 126 -24.79 1.78 -37.36
C ILE C 126 -24.53 1.51 -35.89
N TYR C 127 -25.40 2.07 -35.05
CA TYR C 127 -25.36 1.85 -33.61
C TYR C 127 -26.16 0.63 -33.18
N LEU C 128 -25.51 -0.25 -32.43
CA LEU C 128 -26.12 -1.46 -31.89
C LEU C 128 -26.29 -1.36 -30.38
N ASP C 129 -27.48 -1.69 -29.90
CA ASP C 129 -27.79 -1.63 -28.47
C ASP C 129 -27.17 -2.76 -27.68
N LYS C 130 -26.87 -3.86 -28.36
CA LYS C 130 -26.11 -4.97 -27.80
C LYS C 130 -25.58 -5.85 -28.94
N VAL C 131 -24.62 -6.72 -28.65
CA VAL C 131 -24.30 -7.80 -29.58
C VAL C 131 -24.20 -9.17 -28.91
N SER C 132 -24.97 -10.12 -29.44
CA SER C 132 -25.07 -11.47 -28.90
C SER C 132 -23.71 -12.16 -28.73
N HIS C 133 -23.61 -12.97 -27.68
CA HIS C 133 -22.38 -13.69 -27.36
C HIS C 133 -22.49 -15.18 -27.70
N SER C 134 -23.71 -15.64 -27.96
CA SER C 134 -23.97 -17.06 -28.20
C SER C 134 -23.93 -17.39 -29.69
N GLU C 135 -24.40 -16.45 -30.51
CA GLU C 135 -24.45 -16.61 -31.96
C GLU C 135 -24.21 -15.27 -32.67
N ASP C 136 -24.03 -15.35 -33.99
CA ASP C 136 -23.85 -14.16 -34.80
C ASP C 136 -25.09 -13.27 -34.85
N ASP C 137 -24.90 -11.99 -34.59
CA ASP C 137 -25.88 -10.96 -34.93
C ASP C 137 -25.56 -10.46 -36.34
N CYS C 138 -26.45 -10.79 -37.28
CA CYS C 138 -26.22 -10.51 -38.69
C CYS C 138 -27.11 -9.37 -39.19
N LEU C 139 -26.57 -8.58 -40.12
CA LEU C 139 -27.36 -7.60 -40.87
C LEU C 139 -26.83 -7.42 -42.28
N ALA C 140 -27.71 -7.02 -43.18
CA ALA C 140 -27.33 -6.81 -44.56
C ALA C 140 -28.05 -5.61 -45.13
N PHE C 141 -27.45 -5.00 -46.13
CA PHE C 141 -28.13 -4.00 -46.92
C PHE C 141 -27.47 -3.89 -48.27
N LYS C 142 -28.22 -3.35 -49.23
CA LYS C 142 -27.74 -3.17 -50.58
C LYS C 142 -26.93 -1.89 -50.73
N VAL C 143 -25.91 -1.97 -51.58
CA VAL C 143 -25.09 -0.81 -51.93
C VAL C 143 -25.21 -0.55 -53.41
N HIS C 144 -25.31 0.72 -53.79
CA HIS C 144 -25.43 1.08 -55.22
C HIS C 144 -24.19 1.85 -55.67
N GLN C 145 -23.76 1.59 -56.91
CA GLN C 145 -22.70 2.37 -57.53
C GLN C 145 -23.28 3.65 -58.13
N TYR C 146 -22.89 4.79 -57.59
CA TYR C 146 -23.33 6.07 -58.12
C TYR C 146 -22.28 6.75 -58.98
N PHE C 147 -21.02 6.55 -58.64
CA PHE C 147 -19.90 6.91 -59.48
C PHE C 147 -19.12 5.64 -59.82
N ASN C 148 -18.86 5.42 -61.10
CA ASN C 148 -18.08 4.26 -61.51
C ASN C 148 -16.64 4.63 -61.83
N VAL C 149 -15.70 3.91 -61.24
CA VAL C 149 -14.29 4.05 -61.58
C VAL C 149 -13.62 2.68 -61.72
N GLU C 150 -12.54 2.63 -62.51
CA GLU C 150 -11.63 1.50 -62.45
C GLU C 150 -10.76 1.70 -61.23
N LEU C 151 -10.42 0.60 -60.56
CA LEU C 151 -9.72 0.69 -59.28
C LEU C 151 -10.64 1.20 -58.20
N ILE C 152 -11.43 0.30 -57.65
CA ILE C 152 -12.20 0.61 -56.48
C ILE C 152 -11.45 0.09 -55.25
N GLN C 153 -11.31 0.95 -54.25
CA GLN C 153 -10.66 0.61 -53.00
C GLN C 153 -11.63 -0.21 -52.16
N PRO C 154 -11.13 -1.27 -51.55
CA PRO C 154 -11.92 -2.03 -50.60
C PRO C 154 -12.59 -1.13 -49.57
N GLY C 155 -13.83 -1.46 -49.22
CA GLY C 155 -14.43 -0.92 -48.01
C GLY C 155 -13.94 -1.67 -46.77
N ALA C 156 -14.36 -1.17 -45.61
CA ALA C 156 -13.95 -1.74 -44.32
C ALA C 156 -15.10 -1.65 -43.34
N VAL C 157 -15.18 -2.66 -42.47
CA VAL C 157 -16.16 -2.66 -41.40
C VAL C 157 -15.41 -2.84 -40.09
N LYS C 158 -15.68 -1.96 -39.13
CA LYS C 158 -15.07 -2.02 -37.81
C LYS C 158 -16.12 -2.12 -36.71
N VAL C 159 -16.05 -3.19 -35.89
CA VAL C 159 -16.85 -3.31 -34.65
C VAL C 159 -16.02 -3.00 -33.43
N TYR C 160 -16.67 -2.38 -32.44
CA TYR C 160 -16.13 -2.27 -31.09
C TYR C 160 -17.26 -1.93 -30.11
N ALA C 161 -17.08 -2.27 -28.83
CA ALA C 161 -17.94 -1.76 -27.76
C ALA C 161 -17.55 -0.31 -27.46
N TYR C 162 -18.52 0.51 -27.03
CA TYR C 162 -18.30 1.96 -26.85
C TYR C 162 -17.19 2.23 -25.85
N TYR C 163 -17.11 1.42 -24.80
CA TYR C 163 -16.25 1.70 -23.66
C TYR C 163 -14.77 1.36 -23.91
N ASN C 164 -14.49 0.67 -25.03
CA ASN C 164 -13.13 0.23 -25.31
C ASN C 164 -12.83 0.17 -26.80
N LEU C 165 -12.22 1.22 -27.34
CA LEU C 165 -11.90 1.27 -28.77
C LEU C 165 -10.71 0.39 -29.15
N GLU C 166 -9.89 0.00 -28.18
CA GLU C 166 -8.76 -0.86 -28.47
C GLU C 166 -9.18 -2.27 -28.84
N GLU C 167 -10.19 -2.80 -28.14
CA GLU C 167 -10.70 -4.15 -28.43
C GLU C 167 -11.71 -4.12 -29.57
N SER C 168 -11.20 -3.92 -30.77
CA SER C 168 -12.05 -3.85 -31.95
C SER C 168 -11.72 -4.98 -32.93
N CYS C 169 -12.56 -5.16 -33.94
CA CYS C 169 -12.24 -6.02 -35.05
C CYS C 169 -12.52 -5.32 -36.37
N THR C 170 -11.60 -5.47 -37.34
CA THR C 170 -11.79 -4.89 -38.67
C THR C 170 -11.72 -5.93 -39.79
N ARG C 171 -12.73 -5.94 -40.64
CA ARG C 171 -12.73 -6.70 -41.90
C ARG C 171 -12.89 -5.77 -43.11
N PHE C 172 -12.28 -6.16 -44.24
CA PHE C 172 -12.40 -5.43 -45.49
C PHE C 172 -13.23 -6.23 -46.48
N TYR C 173 -13.75 -5.55 -47.50
CA TYR C 173 -14.54 -6.21 -48.55
C TYR C 173 -14.35 -5.57 -49.92
N HIS C 174 -14.41 -6.40 -50.96
CA HIS C 174 -14.19 -5.96 -52.33
C HIS C 174 -14.82 -7.02 -53.23
N PRO C 175 -15.36 -6.62 -54.38
CA PRO C 175 -16.09 -7.54 -55.25
C PRO C 175 -15.20 -8.65 -55.83
N GLU C 176 -13.93 -8.35 -56.08
CA GLU C 176 -13.01 -9.39 -56.56
C GLU C 176 -11.85 -9.76 -55.63
N LYS C 177 -11.51 -8.88 -54.71
CA LYS C 177 -10.38 -9.15 -53.81
C LYS C 177 -10.74 -10.08 -52.65
N GLU C 178 -9.98 -11.16 -52.53
CA GLU C 178 -10.16 -12.15 -51.48
C GLU C 178 -10.10 -11.51 -50.10
N ASP C 179 -11.23 -11.59 -49.40
CA ASP C 179 -11.58 -10.74 -48.26
C ASP C 179 -10.92 -9.36 -48.16
N GLY C 180 -11.04 -8.59 -49.23
CA GLY C 180 -10.81 -7.16 -49.20
C GLY C 180 -9.35 -6.76 -49.22
N LYS C 181 -8.48 -7.73 -49.49
CA LYS C 181 -7.03 -7.57 -49.40
C LYS C 181 -6.38 -7.08 -50.71
N LEU C 182 -5.62 -5.99 -50.61
CA LEU C 182 -4.83 -5.49 -51.73
C LEU C 182 -3.84 -6.56 -52.17
N ASN C 183 -3.45 -6.52 -53.44
CA ASN C 183 -2.56 -7.55 -53.95
C ASN C 183 -1.12 -7.29 -53.59
N LYS C 184 -0.46 -8.32 -53.07
CA LYS C 184 0.94 -8.21 -52.70
C LYS C 184 1.57 -9.58 -52.69
N LEU C 185 2.86 -9.63 -52.99
CA LEU C 185 3.59 -10.88 -53.09
C LEU C 185 4.50 -10.97 -51.89
N CYS C 186 4.47 -12.10 -51.18
CA CYS C 186 5.19 -12.23 -49.92
C CYS C 186 6.15 -13.41 -49.87
N ARG C 187 7.37 -13.17 -49.40
CA ARG C 187 8.36 -14.21 -49.19
C ARG C 187 8.93 -14.12 -47.80
N ASP C 188 8.47 -15.02 -46.93
CA ASP C 188 8.68 -14.90 -45.50
C ASP C 188 8.02 -13.60 -45.04
N GLU C 189 8.77 -12.73 -44.40
CA GLU C 189 8.20 -11.50 -43.86
C GLU C 189 8.35 -10.31 -44.81
N LEU C 190 8.78 -10.57 -46.03
CA LEU C 190 8.90 -9.51 -47.02
C LEU C 190 7.76 -9.54 -48.03
N CYS C 191 6.95 -8.49 -48.03
CA CYS C 191 5.96 -8.30 -49.06
C CYS C 191 6.33 -7.16 -49.99
N ARG C 192 5.84 -7.25 -51.21
CA ARG C 192 5.90 -6.16 -52.16
C ARG C 192 4.52 -5.98 -52.78
N CYS C 193 4.14 -4.72 -52.99
CA CYS C 193 2.82 -4.38 -53.50
C CYS C 193 2.65 -4.87 -54.93
N ALA C 194 1.45 -5.33 -55.24
CA ALA C 194 1.10 -5.67 -56.62
C ALA C 194 -0.21 -5.01 -57.10
N GLU C 195 -0.40 -3.74 -56.79
CA GLU C 195 -1.62 -3.03 -57.14
C GLU C 195 -1.43 -2.05 -58.30
N GLU C 196 -0.96 -2.57 -59.43
CA GLU C 196 -0.59 -1.77 -60.58
C GLU C 196 -1.16 -2.37 -61.86
N ASN C 197 -1.06 -1.64 -62.97
CA ASN C 197 -1.47 -2.16 -64.28
C ASN C 197 -0.90 -3.56 -64.49
N CYS C 198 -1.58 -4.34 -65.32
CA CYS C 198 -1.26 -5.75 -65.51
C CYS C 198 0.00 -5.98 -66.36
N PHE C 199 0.25 -5.01 -67.24
CA PHE C 199 1.37 -5.01 -68.18
C PHE C 199 1.24 -3.72 -69.00
N ILE C 200 2.21 -3.49 -69.88
CA ILE C 200 2.25 -2.30 -70.72
C ILE C 200 1.07 -2.20 -71.70
N GLN C 201 0.34 -1.08 -71.63
CA GLN C 201 -0.57 -0.59 -72.69
C GLN C 201 -1.27 -1.63 -73.56
N LYS C 202 -1.29 -1.36 -74.87
CA LYS C 202 -1.89 -2.24 -75.87
C LYS C 202 -1.25 -2.01 -77.25
N ASP C 205 -2.19 2.14 -80.48
CA ASP C 205 -2.74 2.73 -81.71
C ASP C 205 -2.19 2.11 -82.99
N LYS C 206 -1.26 1.16 -82.86
CA LYS C 206 -0.68 0.49 -84.03
C LYS C 206 0.36 -0.59 -83.71
N VAL C 207 1.25 -0.30 -82.75
CA VAL C 207 2.53 -1.01 -82.59
C VAL C 207 3.40 -1.12 -83.85
N THR C 208 4.42 -0.26 -83.94
CA THR C 208 5.39 -0.32 -85.03
C THR C 208 6.73 -0.88 -84.56
N LEU C 209 7.54 -1.33 -85.53
CA LEU C 209 8.94 -1.64 -85.31
C LEU C 209 9.64 -0.58 -84.48
N GLU C 210 9.40 0.68 -84.85
CA GLU C 210 10.12 1.81 -84.29
C GLU C 210 9.85 1.96 -82.79
N GLU C 211 8.58 1.92 -82.41
CA GLU C 211 8.18 2.03 -81.01
C GLU C 211 8.69 0.83 -80.21
N ARG C 212 8.62 -0.36 -80.80
CA ARG C 212 9.18 -1.53 -80.15
C ARG C 212 10.65 -1.33 -79.82
N LEU C 213 11.38 -0.77 -80.78
CA LEU C 213 12.82 -0.60 -80.65
C LEU C 213 13.18 0.45 -79.61
N ASP C 214 12.54 1.62 -79.70
CA ASP C 214 12.59 2.63 -78.65
C ASP C 214 12.27 2.10 -77.26
N LYS C 215 11.12 1.45 -77.12
CA LYS C 215 10.65 0.97 -75.83
C LYS C 215 11.52 -0.15 -75.22
N ALA C 216 12.03 -1.04 -76.05
CA ALA C 216 12.86 -2.15 -75.57
C ALA C 216 14.27 -1.69 -75.22
N CYS C 217 14.58 -0.46 -75.62
CA CYS C 217 15.91 0.09 -75.44
C CYS C 217 15.94 1.17 -74.38
N GLU C 218 14.82 1.35 -73.68
CA GLU C 218 14.75 2.31 -72.60
C GLU C 218 15.69 1.84 -71.50
N PRO C 219 16.18 2.79 -70.70
CA PRO C 219 17.38 2.56 -69.89
C PRO C 219 17.24 1.42 -68.89
N GLY C 220 16.02 1.22 -68.37
CA GLY C 220 15.80 0.25 -67.29
C GLY C 220 15.43 -1.16 -67.72
N VAL C 221 15.20 -1.35 -69.03
CA VAL C 221 14.86 -2.69 -69.56
C VAL C 221 16.05 -3.64 -69.47
N ASP C 222 15.89 -4.71 -68.71
CA ASP C 222 17.02 -5.59 -68.39
C ASP C 222 17.09 -6.88 -69.20
N TYR C 223 15.95 -7.35 -69.71
CA TYR C 223 15.90 -8.59 -70.49
C TYR C 223 14.83 -8.44 -71.56
N VAL C 224 15.05 -9.09 -72.70
CA VAL C 224 14.04 -9.24 -73.77
C VAL C 224 14.16 -10.67 -74.23
N TYR C 225 13.06 -11.40 -74.22
CA TYR C 225 13.05 -12.80 -74.60
C TYR C 225 12.00 -13.12 -75.66
N LYS C 226 12.28 -14.10 -76.51
CA LYS C 226 11.23 -14.90 -77.13
C LYS C 226 10.97 -16.12 -76.27
N THR C 227 9.71 -16.35 -75.93
CA THR C 227 9.35 -17.42 -74.99
C THR C 227 8.26 -18.30 -75.57
N ARG C 228 8.16 -19.52 -75.04
CA ARG C 228 7.05 -20.40 -75.30
C ARG C 228 6.44 -20.74 -73.95
N LEU C 229 5.12 -20.68 -73.85
CA LEU C 229 4.42 -21.08 -72.65
C LEU C 229 4.27 -22.60 -72.56
N VAL C 230 5.03 -23.20 -71.66
CA VAL C 230 4.99 -24.64 -71.42
C VAL C 230 3.80 -25.00 -70.50
N LYS C 231 3.67 -24.30 -69.37
CA LYS C 231 2.68 -24.66 -68.36
C LYS C 231 2.07 -23.45 -67.66
N VAL C 232 0.75 -23.41 -67.59
CA VAL C 232 0.07 -22.43 -66.73
C VAL C 232 -0.38 -23.07 -65.39
N GLN C 233 -0.01 -22.45 -64.29
CA GLN C 233 -0.52 -22.85 -62.99
C GLN C 233 -1.39 -21.75 -62.40
N LEU C 234 -2.69 -22.00 -62.34
CA LEU C 234 -3.63 -21.04 -61.83
C LEU C 234 -3.75 -21.21 -60.31
N SER C 235 -3.90 -20.11 -59.58
CA SER C 235 -4.33 -20.21 -58.18
C SER C 235 -5.22 -19.05 -57.71
N ASN C 236 -5.44 -19.05 -56.40
CA ASN C 236 -6.31 -18.09 -55.72
C ASN C 236 -5.85 -16.65 -55.84
N ASP C 237 -4.55 -16.44 -55.70
CA ASP C 237 -4.00 -15.08 -55.61
C ASP C 237 -3.12 -14.71 -56.79
N PHE C 238 -2.25 -15.62 -57.19
CA PHE C 238 -1.25 -15.37 -58.23
C PHE C 238 -1.14 -16.54 -59.19
N ASP C 239 -1.21 -16.26 -60.49
CA ASP C 239 -0.98 -17.29 -61.50
C ASP C 239 0.51 -17.41 -61.83
N GLU C 240 0.95 -18.64 -62.07
CA GLU C 240 2.32 -18.89 -62.52
C GLU C 240 2.36 -19.37 -63.96
N TYR C 241 3.24 -18.76 -64.76
CA TYR C 241 3.40 -19.10 -66.17
C TYR C 241 4.84 -19.55 -66.39
N ILE C 242 5.04 -20.85 -66.55
CA ILE C 242 6.38 -21.39 -66.80
C ILE C 242 6.77 -21.26 -68.27
N MET C 243 7.61 -20.28 -68.56
CA MET C 243 8.06 -19.99 -69.92
C MET C 243 9.40 -20.66 -70.15
N ALA C 244 9.52 -21.38 -71.26
CA ALA C 244 10.82 -21.70 -71.83
C ALA C 244 11.36 -20.47 -72.54
N ILE C 245 12.61 -20.13 -72.28
CA ILE C 245 13.21 -18.98 -72.92
C ILE C 245 13.92 -19.41 -74.19
N GLU C 246 13.26 -19.20 -75.32
CA GLU C 246 13.74 -19.77 -76.57
C GLU C 246 14.89 -18.98 -77.16
N GLN C 247 14.83 -17.66 -77.05
CA GLN C 247 16.03 -16.84 -77.24
C GLN C 247 16.10 -15.64 -76.32
N THR C 248 17.29 -15.43 -75.78
CA THR C 248 17.64 -14.20 -75.08
C THR C 248 18.06 -13.13 -76.09
N ILE C 249 17.08 -12.37 -76.59
CA ILE C 249 17.33 -11.25 -77.48
C ILE C 249 18.22 -10.19 -76.81
N LYS C 250 17.90 -9.88 -75.55
CA LYS C 250 18.75 -9.08 -74.65
C LYS C 250 18.96 -9.84 -73.33
N SER C 251 20.21 -10.00 -72.93
CA SER C 251 20.52 -10.67 -71.67
C SER C 251 20.69 -9.64 -70.56
N GLY C 252 20.22 -9.97 -69.36
CA GLY C 252 20.31 -9.08 -68.21
C GLY C 252 21.05 -9.75 -67.08
N SER C 253 20.63 -9.48 -65.85
CA SER C 253 21.34 -9.98 -64.68
C SER C 253 21.01 -11.43 -64.36
N ASP C 254 19.89 -11.91 -64.89
CA ASP C 254 19.55 -13.33 -64.87
C ASP C 254 20.28 -14.07 -65.99
N GLU C 255 21.31 -14.83 -65.60
CA GLU C 255 22.05 -15.68 -66.52
C GLU C 255 21.22 -16.90 -66.88
N VAL C 256 20.61 -16.85 -68.06
CA VAL C 256 19.75 -17.95 -68.51
C VAL C 256 20.23 -18.52 -69.84
N GLN C 257 20.40 -19.83 -69.88
CA GLN C 257 20.79 -20.53 -71.09
C GLN C 257 19.57 -20.78 -71.98
N VAL C 258 19.82 -21.06 -73.25
CA VAL C 258 18.73 -21.19 -74.21
C VAL C 258 17.86 -22.41 -73.94
N GLY C 259 16.55 -22.19 -73.78
CA GLY C 259 15.61 -23.26 -73.51
C GLY C 259 15.34 -23.53 -72.03
N GLN C 260 16.00 -22.77 -71.16
CA GLN C 260 15.71 -22.81 -69.73
C GLN C 260 14.35 -22.23 -69.44
N GLN C 261 13.62 -22.90 -68.56
CA GLN C 261 12.37 -22.35 -68.04
C GLN C 261 12.60 -21.31 -66.93
N ARG C 262 11.87 -20.21 -67.01
CA ARG C 262 11.70 -19.31 -65.87
C ARG C 262 10.21 -19.19 -65.58
N THR C 263 9.86 -18.94 -64.32
CA THR C 263 8.47 -18.78 -63.90
C THR C 263 8.13 -17.28 -63.86
N PHE C 264 7.08 -16.86 -64.58
CA PHE C 264 6.51 -15.50 -64.50
C PHE C 264 5.21 -15.46 -63.66
N ILE C 265 5.09 -14.46 -62.80
CA ILE C 265 3.98 -14.37 -61.84
C ILE C 265 3.07 -13.16 -62.13
N SER C 266 1.76 -13.39 -62.04
CA SER C 266 0.77 -12.34 -62.24
C SER C 266 -0.43 -12.46 -61.30
N PRO C 267 -0.93 -11.35 -60.77
CA PRO C 267 -2.13 -11.38 -59.95
C PRO C 267 -3.33 -11.93 -60.73
N ILE C 268 -4.11 -12.79 -60.08
CA ILE C 268 -5.28 -13.43 -60.67
C ILE C 268 -6.20 -12.43 -61.36
N LYS C 269 -6.22 -11.17 -60.89
CA LYS C 269 -7.05 -10.13 -61.51
C LYS C 269 -6.54 -9.70 -62.88
N CYS C 270 -5.36 -10.21 -63.24
CA CYS C 270 -4.75 -9.93 -64.53
C CYS C 270 -4.97 -11.06 -65.52
N ARG C 271 -5.72 -12.07 -65.10
CA ARG C 271 -5.79 -13.33 -65.81
C ARG C 271 -6.50 -13.16 -67.14
N GLU C 272 -7.63 -12.44 -67.13
CA GLU C 272 -8.40 -12.24 -68.34
C GLU C 272 -7.68 -11.32 -69.31
N ALA C 273 -6.96 -10.33 -68.80
CA ALA C 273 -6.33 -9.33 -69.65
C ALA C 273 -5.06 -9.85 -70.34
N LEU C 274 -4.35 -10.74 -69.66
CA LEU C 274 -3.18 -11.41 -70.24
C LEU C 274 -3.59 -12.52 -71.22
N LYS C 275 -4.66 -13.23 -70.89
CA LYS C 275 -5.07 -14.46 -71.58
C LYS C 275 -3.91 -15.23 -72.22
N LEU C 276 -2.88 -15.47 -71.42
CA LEU C 276 -1.77 -16.30 -71.85
C LEU C 276 -2.24 -17.74 -72.02
N GLU C 277 -1.77 -18.39 -73.09
CA GLU C 277 -2.17 -19.78 -73.41
C GLU C 277 -0.98 -20.69 -73.65
N GLU C 278 -1.06 -21.92 -73.14
CA GLU C 278 0.02 -22.90 -73.25
C GLU C 278 0.36 -23.24 -74.69
N LYS C 279 1.65 -23.42 -74.95
CA LYS C 279 2.19 -23.78 -76.27
C LYS C 279 2.32 -22.62 -77.26
N LYS C 280 1.90 -21.42 -76.83
CA LYS C 280 2.02 -20.22 -77.65
C LYS C 280 3.29 -19.42 -77.34
N HIS C 281 3.72 -18.63 -78.30
CA HIS C 281 4.92 -17.81 -78.14
C HIS C 281 4.59 -16.37 -77.83
N TYR C 282 5.54 -15.74 -77.14
CA TYR C 282 5.41 -14.36 -76.69
C TYR C 282 6.75 -13.63 -76.81
N LEU C 283 6.67 -12.35 -77.14
CA LEU C 283 7.76 -11.43 -76.91
C LEU C 283 7.55 -10.76 -75.56
N MET C 284 8.54 -10.88 -74.68
CA MET C 284 8.47 -10.30 -73.35
C MET C 284 9.75 -9.54 -73.04
N TRP C 285 9.59 -8.37 -72.43
CA TRP C 285 10.72 -7.68 -71.84
C TRP C 285 10.29 -6.99 -70.55
N GLY C 286 11.25 -6.60 -69.73
CA GLY C 286 10.91 -5.98 -68.45
C GLY C 286 12.12 -5.46 -67.72
N LEU C 287 11.87 -4.96 -66.50
CA LEU C 287 12.85 -4.27 -65.67
C LEU C 287 13.48 -5.28 -64.74
N SER C 288 14.65 -4.98 -64.21
CA SER C 288 15.25 -5.89 -63.22
C SER C 288 14.65 -5.67 -61.83
N SER C 289 13.92 -4.56 -61.67
CA SER C 289 13.13 -4.31 -60.47
C SER C 289 12.01 -5.33 -60.27
N ASP C 290 11.76 -6.16 -61.28
CA ASP C 290 10.64 -7.08 -61.23
C ASP C 290 11.07 -8.55 -60.99
N PHE C 291 12.33 -8.75 -60.61
CA PHE C 291 12.78 -10.08 -60.23
C PHE C 291 12.22 -10.41 -58.85
N TRP C 292 12.05 -11.70 -58.58
CA TRP C 292 11.53 -12.16 -57.32
C TRP C 292 12.36 -13.38 -56.92
N GLY C 293 12.67 -13.52 -55.64
CA GLY C 293 13.59 -14.56 -55.20
C GLY C 293 15.05 -14.17 -55.28
N GLU C 294 15.94 -15.13 -55.10
CA GLU C 294 17.38 -14.87 -55.13
C GLU C 294 18.03 -15.75 -56.18
N LYS C 295 19.04 -15.22 -56.86
CA LYS C 295 19.87 -16.02 -57.76
C LYS C 295 20.40 -17.30 -57.08
N PRO C 296 20.63 -18.36 -57.87
CA PRO C 296 20.34 -18.40 -59.29
C PRO C 296 18.97 -19.01 -59.62
N ASN C 297 17.99 -18.76 -58.77
CA ASN C 297 16.62 -19.23 -58.97
C ASN C 297 15.60 -18.09 -59.01
N LEU C 298 15.84 -17.08 -59.86
CA LEU C 298 14.93 -15.95 -59.99
C LEU C 298 13.60 -16.29 -60.67
N SER C 299 12.51 -15.73 -60.12
CA SER C 299 11.23 -15.62 -60.83
C SER C 299 11.05 -14.20 -61.42
N TYR C 300 10.04 -14.00 -62.26
CA TYR C 300 9.76 -12.68 -62.86
C TYR C 300 8.34 -12.29 -62.50
N ILE C 301 8.17 -11.08 -61.98
CA ILE C 301 6.82 -10.56 -61.77
C ILE C 301 6.41 -9.88 -63.07
N ILE C 302 5.21 -10.20 -63.57
CA ILE C 302 4.65 -9.45 -64.68
C ILE C 302 3.91 -8.24 -64.10
N GLY C 303 4.37 -7.05 -64.44
CA GLY C 303 3.79 -5.83 -63.88
C GLY C 303 3.64 -4.76 -64.94
N LYS C 304 3.53 -3.51 -64.53
CA LYS C 304 3.12 -2.42 -65.42
C LYS C 304 4.22 -1.98 -66.38
N ASP C 305 5.43 -2.47 -66.15
CA ASP C 305 6.55 -2.15 -67.02
C ASP C 305 7.02 -3.37 -67.84
N THR C 306 6.20 -4.41 -67.87
CA THR C 306 6.49 -5.63 -68.63
C THR C 306 5.74 -5.61 -69.95
N TRP C 307 6.49 -5.73 -71.04
CA TRP C 307 5.91 -5.98 -72.36
C TRP C 307 5.61 -7.46 -72.50
N VAL C 308 4.37 -7.77 -72.84
CA VAL C 308 3.99 -9.15 -73.15
C VAL C 308 3.18 -9.13 -74.43
N GLU C 309 3.80 -9.58 -75.51
CA GLU C 309 3.15 -9.62 -76.82
C GLU C 309 3.02 -11.04 -77.37
N HIS C 310 1.86 -11.35 -77.93
CA HIS C 310 1.65 -12.60 -78.65
C HIS C 310 2.48 -12.64 -79.92
N TRP C 311 3.30 -13.67 -80.04
CA TRP C 311 4.12 -13.91 -81.23
C TRP C 311 3.51 -15.05 -82.03
N PRO C 312 2.83 -14.74 -83.14
CA PRO C 312 2.13 -15.77 -83.93
C PRO C 312 3.07 -16.90 -84.35
N GLU C 313 2.51 -18.10 -84.49
CA GLU C 313 3.33 -19.28 -84.74
C GLU C 313 3.89 -19.28 -86.16
N GLU C 314 4.94 -20.07 -86.37
CA GLU C 314 5.65 -20.11 -87.65
C GLU C 314 4.73 -20.20 -88.90
N ASP C 315 3.67 -20.99 -88.81
CA ASP C 315 2.76 -21.19 -89.94
C ASP C 315 1.49 -20.33 -89.86
N GLU C 316 1.36 -19.56 -88.79
CA GLU C 316 0.29 -18.56 -88.71
C GLU C 316 0.81 -17.25 -89.30
N CYS C 317 2.12 -17.19 -89.54
CA CYS C 317 2.76 -15.98 -90.04
C CYS C 317 2.49 -15.73 -91.52
N GLN C 318 1.98 -16.76 -92.20
CA GLN C 318 1.65 -16.69 -93.63
C GLN C 318 0.35 -15.93 -93.84
N ASP C 319 -0.60 -16.15 -92.92
CA ASP C 319 -1.92 -15.52 -93.01
C ASP C 319 -1.79 -14.04 -93.36
N GLU C 320 -2.46 -13.61 -94.43
CA GLU C 320 -2.38 -12.23 -94.87
C GLU C 320 -3.02 -11.24 -93.90
N GLU C 321 -2.64 -11.37 -92.62
CA GLU C 321 -3.10 -10.51 -91.53
C GLU C 321 -2.25 -10.78 -90.27
N ASN C 322 -1.26 -11.65 -90.42
CA ASN C 322 -0.16 -11.79 -89.47
C ASN C 322 1.17 -11.32 -90.05
N GLN C 323 1.22 -11.22 -91.37
CA GLN C 323 2.47 -10.98 -92.11
C GLN C 323 3.27 -9.77 -91.59
N LYS C 324 2.60 -8.63 -91.48
CA LYS C 324 3.26 -7.41 -91.03
C LYS C 324 3.86 -7.59 -89.64
N GLN C 325 3.02 -7.99 -88.68
CA GLN C 325 3.45 -8.18 -87.30
C GLN C 325 4.60 -9.16 -87.18
N CYS C 326 4.58 -10.20 -88.01
CA CYS C 326 5.62 -11.21 -88.01
C CYS C 326 6.95 -10.72 -88.55
N GLN C 327 6.90 -9.88 -89.58
CA GLN C 327 8.08 -9.22 -90.12
C GLN C 327 8.63 -8.17 -89.14
N ASP C 328 7.73 -7.44 -88.48
CA ASP C 328 8.12 -6.50 -87.43
C ASP C 328 8.82 -7.15 -86.25
N LEU C 329 8.36 -8.33 -85.85
CA LEU C 329 9.08 -9.12 -84.85
C LEU C 329 10.44 -9.58 -85.32
N GLY C 330 10.54 -9.94 -86.61
CA GLY C 330 11.78 -10.44 -87.21
C GLY C 330 12.84 -9.39 -87.39
N ALA C 331 12.44 -8.21 -87.90
CA ALA C 331 13.35 -7.08 -87.97
C ALA C 331 13.77 -6.56 -86.58
N PHE C 332 12.81 -6.47 -85.67
CA PHE C 332 13.10 -6.14 -84.28
C PHE C 332 14.15 -7.07 -83.66
N THR C 333 13.96 -8.38 -83.78
CA THR C 333 14.95 -9.34 -83.26
C THR C 333 16.34 -9.12 -83.87
N GLU C 334 16.39 -9.04 -85.21
CA GLU C 334 17.66 -8.89 -85.91
C GLU C 334 18.40 -7.65 -85.42
N SER C 335 17.65 -6.56 -85.27
CA SER C 335 18.23 -5.30 -84.81
C SER C 335 18.81 -5.41 -83.39
N MET C 336 18.07 -6.04 -82.48
CA MET C 336 18.50 -6.14 -81.09
C MET C 336 19.66 -7.13 -80.92
N VAL C 337 19.59 -8.24 -81.64
CA VAL C 337 20.62 -9.26 -81.60
C VAL C 337 21.99 -8.75 -82.10
N VAL C 338 21.98 -7.86 -83.09
CA VAL C 338 23.21 -7.35 -83.71
C VAL C 338 23.67 -6.02 -83.13
N PHE C 339 22.82 -5.00 -83.25
CA PHE C 339 23.16 -3.66 -82.80
C PHE C 339 23.11 -3.51 -81.28
N GLY C 340 22.29 -4.32 -80.63
CA GLY C 340 21.91 -4.05 -79.26
C GLY C 340 21.21 -2.71 -79.17
N CYS C 341 21.30 -2.08 -78.01
CA CYS C 341 20.58 -0.83 -77.78
C CYS C 341 21.44 0.42 -78.02
N PRO C 342 20.83 1.47 -78.56
CA PRO C 342 21.59 2.57 -79.16
C PRO C 342 22.19 3.53 -78.14
N ASN C 343 21.92 3.29 -76.85
CA ASN C 343 22.63 4.01 -75.79
C ASN C 343 23.46 3.06 -74.94
N PRO D 2 -14.58 -45.69 -36.22
CA PRO D 2 -15.00 -45.01 -35.00
C PRO D 2 -14.19 -45.49 -33.80
N MET D 3 -13.46 -44.57 -33.16
CA MET D 3 -12.79 -44.89 -31.91
C MET D 3 -13.46 -44.20 -30.73
N TYR D 4 -14.06 -45.02 -29.85
CA TYR D 4 -14.71 -44.51 -28.65
C TYR D 4 -13.68 -44.37 -27.54
N SER D 5 -13.72 -43.26 -26.83
CA SER D 5 -12.76 -43.08 -25.74
C SER D 5 -13.37 -42.45 -24.51
N ILE D 6 -12.78 -42.77 -23.38
CA ILE D 6 -13.28 -42.36 -22.08
C ILE D 6 -12.11 -41.79 -21.24
N ILE D 7 -12.34 -40.66 -20.59
CA ILE D 7 -11.32 -39.99 -19.77
C ILE D 7 -11.84 -39.68 -18.36
N THR D 8 -11.11 -40.11 -17.33
CA THR D 8 -11.45 -39.77 -15.94
C THR D 8 -10.22 -39.29 -15.14
N PRO D 9 -10.44 -38.80 -13.92
CA PRO D 9 -9.35 -38.70 -12.94
C PRO D 9 -8.70 -40.05 -12.60
N ASN D 10 -7.42 -40.00 -12.25
CA ASN D 10 -6.58 -41.17 -11.89
C ASN D 10 -7.00 -41.80 -10.57
N ILE D 11 -7.46 -40.95 -9.66
CA ILE D 11 -7.98 -41.37 -8.38
C ILE D 11 -9.39 -40.81 -8.29
N LEU D 12 -10.33 -41.71 -8.04
CA LEU D 12 -11.72 -41.31 -7.86
C LEU D 12 -12.00 -41.12 -6.38
N ARG D 13 -13.00 -40.30 -6.07
CA ARG D 13 -13.38 -40.04 -4.68
C ARG D 13 -14.82 -40.42 -4.39
N LEU D 14 -15.12 -40.68 -3.12
CA LEU D 14 -16.43 -41.16 -2.72
C LEU D 14 -17.28 -40.00 -2.20
N GLU D 15 -18.57 -40.03 -2.51
CA GLU D 15 -19.50 -38.95 -2.18
C GLU D 15 -19.14 -37.64 -2.88
N SER D 16 -18.16 -37.70 -3.78
CA SER D 16 -17.74 -36.51 -4.53
C SER D 16 -18.13 -36.64 -6.00
N GLU D 17 -18.68 -35.56 -6.54
CA GLU D 17 -19.07 -35.49 -7.95
C GLU D 17 -17.86 -35.55 -8.86
N GLU D 18 -17.74 -36.64 -9.61
CA GLU D 18 -16.67 -36.84 -10.58
C GLU D 18 -17.20 -36.72 -12.00
N THR D 19 -16.33 -36.28 -12.91
CA THR D 19 -16.71 -36.16 -14.31
C THR D 19 -16.00 -37.21 -15.14
N MET D 20 -16.73 -37.78 -16.11
CA MET D 20 -16.19 -38.70 -17.08
C MET D 20 -16.34 -38.06 -18.46
N VAL D 21 -15.24 -37.83 -19.17
CA VAL D 21 -15.35 -37.27 -20.51
C VAL D 21 -15.50 -38.38 -21.55
N LEU D 22 -16.51 -38.24 -22.41
CA LEU D 22 -16.79 -39.26 -23.44
C LEU D 22 -16.69 -38.70 -24.84
N GLU D 23 -15.99 -39.44 -25.72
CA GLU D 23 -15.86 -39.05 -27.12
C GLU D 23 -16.02 -40.22 -28.07
N ALA D 24 -16.65 -39.95 -29.21
CA ALA D 24 -16.65 -40.87 -30.34
C ALA D 24 -15.96 -40.20 -31.52
N HIS D 25 -14.77 -40.67 -31.87
CA HIS D 25 -14.01 -40.10 -32.97
C HIS D 25 -14.39 -40.77 -34.28
N ASP D 26 -14.81 -39.97 -35.26
CA ASP D 26 -15.17 -40.48 -36.60
C ASP D 26 -16.59 -41.05 -36.68
N ALA D 27 -17.33 -41.00 -35.58
CA ALA D 27 -18.68 -41.53 -35.55
C ALA D 27 -19.61 -40.70 -36.43
N GLN D 28 -20.74 -41.28 -36.80
CA GLN D 28 -21.79 -40.56 -37.50
C GLN D 28 -23.10 -40.76 -36.76
N GLY D 29 -23.96 -39.74 -36.78
CA GLY D 29 -25.23 -39.78 -36.08
C GLY D 29 -25.10 -39.79 -34.57
N ASP D 30 -26.23 -39.97 -33.88
CA ASP D 30 -26.27 -40.01 -32.42
C ASP D 30 -25.77 -41.36 -31.90
N VAL D 31 -24.76 -41.30 -31.03
CA VAL D 31 -24.34 -42.47 -30.30
C VAL D 31 -24.65 -42.29 -28.81
N PRO D 32 -25.66 -43.01 -28.33
CA PRO D 32 -26.03 -42.97 -26.93
C PRO D 32 -24.97 -43.68 -26.09
N VAL D 33 -24.78 -43.22 -24.86
CA VAL D 33 -23.75 -43.78 -23.99
C VAL D 33 -24.31 -44.05 -22.61
N THR D 34 -24.16 -45.30 -22.16
CA THR D 34 -24.44 -45.66 -20.78
C THR D 34 -23.14 -45.89 -20.04
N VAL D 35 -22.91 -45.11 -19.00
CA VAL D 35 -21.77 -45.31 -18.10
C VAL D 35 -22.24 -45.94 -16.78
N THR D 36 -21.56 -47.01 -16.37
CA THR D 36 -21.78 -47.59 -15.03
C THR D 36 -20.46 -47.73 -14.27
N VAL D 37 -20.56 -47.78 -12.94
CA VAL D 37 -19.43 -48.04 -12.06
C VAL D 37 -19.66 -49.28 -11.18
N HIS D 38 -18.64 -50.12 -11.05
CA HIS D 38 -18.74 -51.35 -10.25
C HIS D 38 -17.54 -51.50 -9.32
N ASP D 39 -17.75 -52.19 -8.19
CA ASP D 39 -16.66 -52.64 -7.34
C ASP D 39 -15.70 -53.56 -8.08
N PHE D 40 -14.40 -53.43 -7.82
CA PHE D 40 -13.44 -54.41 -8.30
C PHE D 40 -13.40 -55.57 -7.31
N PRO D 41 -12.66 -56.64 -7.64
CA PRO D 41 -13.25 -57.95 -7.85
C PRO D 41 -14.77 -58.01 -7.73
N GLY D 42 -15.42 -58.38 -8.83
CA GLY D 42 -16.85 -58.67 -8.80
C GLY D 42 -17.66 -57.66 -9.58
N LYS D 43 -18.95 -57.60 -9.27
CA LYS D 43 -19.85 -56.63 -9.90
C LYS D 43 -21.10 -56.45 -9.03
N LYS D 44 -20.97 -55.63 -7.99
CA LYS D 44 -22.10 -55.33 -7.10
C LYS D 44 -22.52 -53.86 -7.23
N LEU D 45 -21.87 -53.14 -8.14
CA LEU D 45 -22.52 -52.12 -8.96
C LEU D 45 -22.92 -50.83 -8.20
N VAL D 46 -22.01 -49.86 -8.17
CA VAL D 46 -22.12 -48.73 -7.26
C VAL D 46 -22.73 -47.48 -7.90
N LEU D 47 -22.50 -47.31 -9.20
CA LEU D 47 -23.16 -46.26 -9.96
C LEU D 47 -23.49 -46.74 -11.37
N SER D 48 -24.78 -46.89 -11.64
CA SER D 48 -25.24 -47.42 -12.91
C SER D 48 -26.19 -46.37 -13.46
N SER D 49 -26.22 -45.25 -12.75
CA SER D 49 -26.80 -44.04 -13.27
C SER D 49 -25.95 -43.64 -14.45
N GLU D 50 -26.42 -42.67 -15.21
CA GLU D 50 -25.60 -41.88 -16.13
C GLU D 50 -25.65 -42.35 -17.58
N LYS D 51 -26.33 -41.55 -18.38
CA LYS D 51 -26.29 -41.67 -19.83
C LYS D 51 -26.31 -40.27 -20.44
N THR D 52 -25.56 -40.09 -21.53
CA THR D 52 -25.82 -39.02 -22.47
C THR D 52 -26.07 -39.64 -23.83
N VAL D 53 -26.34 -38.76 -24.80
CA VAL D 53 -26.22 -39.09 -26.21
C VAL D 53 -25.17 -38.13 -26.79
N LEU D 54 -24.20 -38.68 -27.52
CA LEU D 54 -23.23 -37.87 -28.25
C LEU D 54 -23.78 -37.48 -29.63
N THR D 55 -24.20 -36.23 -29.77
CA THR D 55 -24.76 -35.74 -31.04
C THR D 55 -23.71 -35.15 -31.99
N PRO D 56 -24.00 -35.20 -33.29
CA PRO D 56 -23.18 -34.54 -34.30
C PRO D 56 -23.06 -33.03 -34.09
N ALA D 57 -24.16 -32.37 -33.69
CA ALA D 57 -24.17 -30.92 -33.48
C ALA D 57 -23.23 -30.50 -32.36
N THR D 58 -22.87 -31.47 -31.53
CA THR D 58 -22.00 -31.22 -30.40
C THR D 58 -20.69 -32.00 -30.53
N ASN D 59 -20.15 -32.06 -31.74
CA ASN D 59 -18.81 -32.60 -31.99
C ASN D 59 -18.62 -34.04 -31.51
N HIS D 60 -19.72 -34.72 -31.19
CA HIS D 60 -19.66 -36.06 -30.57
C HIS D 60 -18.80 -36.11 -29.32
N MET D 61 -18.97 -35.14 -28.43
CA MET D 61 -18.29 -35.14 -27.14
C MET D 61 -19.27 -34.81 -26.01
N GLY D 62 -19.10 -35.45 -24.86
CA GLY D 62 -20.08 -35.35 -23.78
C GLY D 62 -19.58 -35.74 -22.39
N ASN D 63 -20.51 -36.02 -21.50
CA ASN D 63 -20.26 -35.94 -20.05
C ASN D 63 -20.56 -37.20 -19.27
N VAL D 64 -21.71 -37.17 -18.59
CA VAL D 64 -21.91 -37.85 -17.30
C VAL D 64 -20.94 -37.40 -16.21
N THR D 65 -21.51 -36.84 -15.16
CA THR D 65 -20.86 -36.70 -13.87
C THR D 65 -21.56 -37.65 -12.93
N PHE D 66 -20.80 -38.30 -12.04
CA PHE D 66 -21.38 -39.28 -11.15
C PHE D 66 -20.93 -39.16 -9.70
N THR D 67 -21.46 -40.04 -8.85
CA THR D 67 -21.11 -40.07 -7.43
C THR D 67 -21.08 -41.53 -6.99
N ILE D 68 -19.94 -41.97 -6.46
CA ILE D 68 -19.83 -43.29 -5.88
C ILE D 68 -20.02 -43.22 -4.36
N PRO D 69 -21.10 -43.81 -3.87
CA PRO D 69 -21.42 -43.75 -2.45
C PRO D 69 -20.84 -44.91 -1.62
N ALA D 70 -21.03 -44.86 -0.30
CA ALA D 70 -20.91 -46.03 0.59
C ALA D 70 -19.48 -46.55 0.75
N ARG D 80 -3.46 -48.26 -0.63
CA ARG D 80 -3.72 -48.02 -2.06
C ARG D 80 -4.65 -49.09 -2.61
N ASN D 81 -5.61 -49.50 -1.79
CA ASN D 81 -6.12 -50.87 -1.82
C ASN D 81 -7.41 -51.05 -2.61
N LYS D 82 -8.18 -49.99 -2.78
CA LYS D 82 -9.53 -50.11 -3.33
C LYS D 82 -9.68 -49.54 -4.75
N PHE D 83 -10.41 -50.26 -5.61
CA PHE D 83 -10.69 -49.81 -6.99
C PHE D 83 -12.16 -49.99 -7.39
N VAL D 84 -12.57 -49.28 -8.44
CA VAL D 84 -13.84 -49.57 -9.11
C VAL D 84 -13.62 -49.90 -10.58
N THR D 85 -14.61 -50.50 -11.22
CA THR D 85 -14.60 -50.67 -12.66
C THR D 85 -15.55 -49.68 -13.34
N VAL D 86 -14.95 -48.77 -14.08
CA VAL D 86 -15.70 -47.82 -14.89
C VAL D 86 -16.02 -48.50 -16.23
N GLN D 87 -17.28 -48.40 -16.65
CA GLN D 87 -17.73 -49.05 -17.87
C GLN D 87 -18.62 -48.10 -18.68
N ALA D 88 -18.10 -47.64 -19.81
CA ALA D 88 -18.93 -46.91 -20.77
C ALA D 88 -19.27 -47.81 -21.95
N THR D 89 -20.55 -47.83 -22.32
CA THR D 89 -20.96 -48.60 -23.49
C THR D 89 -21.62 -47.70 -24.55
N PHE D 90 -20.93 -47.59 -25.69
CA PHE D 90 -21.29 -46.68 -26.77
C PHE D 90 -21.99 -47.48 -27.85
N GLY D 91 -23.28 -47.23 -28.04
CA GLY D 91 -24.11 -48.17 -28.81
C GLY D 91 -24.04 -49.55 -28.18
N THR D 92 -23.17 -50.41 -28.73
CA THR D 92 -23.02 -51.79 -28.24
C THR D 92 -21.59 -52.08 -27.80
N GLN D 93 -20.72 -51.07 -27.90
CA GLN D 93 -19.28 -51.22 -27.70
C GLN D 93 -18.92 -50.86 -26.27
N VAL D 94 -18.25 -51.77 -25.57
CA VAL D 94 -17.89 -51.56 -24.17
C VAL D 94 -16.42 -51.14 -24.02
N VAL D 95 -16.22 -49.99 -23.39
CA VAL D 95 -14.90 -49.53 -22.99
C VAL D 95 -14.87 -49.52 -21.46
N GLU D 96 -13.95 -50.27 -20.88
CA GLU D 96 -13.88 -50.35 -19.42
C GLU D 96 -12.51 -50.02 -18.85
N LYS D 97 -12.49 -49.53 -17.61
CA LYS D 97 -11.26 -49.09 -16.97
C LYS D 97 -11.39 -49.27 -15.47
N VAL D 98 -10.41 -49.95 -14.86
CA VAL D 98 -10.34 -50.03 -13.41
C VAL D 98 -9.51 -48.89 -12.82
N VAL D 99 -10.13 -48.17 -11.88
CA VAL D 99 -9.56 -46.93 -11.36
C VAL D 99 -9.45 -47.02 -9.84
N LEU D 100 -8.36 -46.48 -9.32
CA LEU D 100 -8.11 -46.37 -7.88
C LEU D 100 -9.06 -45.36 -7.23
N VAL D 101 -9.55 -45.75 -6.04
CA VAL D 101 -10.46 -44.93 -5.24
C VAL D 101 -9.81 -44.42 -3.96
N SER D 102 -9.93 -43.12 -3.71
CA SER D 102 -9.52 -42.54 -2.44
C SER D 102 -10.66 -42.54 -1.43
N LEU D 103 -10.32 -42.91 -0.19
CA LEU D 103 -11.28 -42.89 0.92
C LEU D 103 -11.31 -41.51 1.57
N GLN D 104 -10.24 -40.74 1.35
CA GLN D 104 -10.10 -39.40 1.91
C GLN D 104 -11.19 -38.47 1.38
N SER D 105 -11.84 -37.75 2.31
CA SER D 105 -13.12 -37.08 2.04
C SER D 105 -13.09 -35.53 2.00
N GLY D 106 -11.93 -34.94 2.30
CA GLY D 106 -11.78 -33.49 2.19
C GLY D 106 -10.63 -32.95 3.01
N TYR D 107 -10.78 -31.73 3.52
CA TYR D 107 -9.73 -31.10 4.34
C TYR D 107 -10.31 -30.65 5.67
N LEU D 108 -9.46 -30.57 6.69
CA LEU D 108 -9.81 -29.97 7.97
C LEU D 108 -8.72 -28.99 8.35
N PHE D 109 -9.14 -27.79 8.71
CA PHE D 109 -8.22 -26.76 9.16
C PHE D 109 -8.57 -26.36 10.58
N ILE D 110 -7.53 -26.24 11.42
CA ILE D 110 -7.68 -26.07 12.87
C ILE D 110 -7.13 -24.72 13.31
N GLN D 111 -7.96 -23.96 14.02
CA GLN D 111 -7.59 -22.65 14.58
C GLN D 111 -7.65 -22.77 16.09
N THR D 112 -6.60 -22.32 16.78
CA THR D 112 -6.69 -22.02 18.22
C THR D 112 -6.67 -20.51 18.41
N ASP D 113 -7.28 -20.02 19.49
CA ASP D 113 -7.32 -18.57 19.73
C ASP D 113 -5.93 -17.94 19.91
N LYS D 114 -5.01 -18.71 20.47
CA LYS D 114 -3.64 -18.28 20.74
C LYS D 114 -2.61 -19.34 20.37
N THR D 115 -1.33 -18.96 20.40
CA THR D 115 -0.20 -19.82 20.06
C THR D 115 0.33 -20.56 21.28
N ILE D 116 0.16 -19.94 22.44
CA ILE D 116 0.79 -20.40 23.68
C ILE D 116 -0.16 -20.13 24.83
N TYR D 117 -0.15 -21.03 25.81
CA TYR D 117 -1.09 -21.01 26.93
C TYR D 117 -0.39 -21.33 28.25
N THR D 118 -0.92 -20.78 29.36
CA THR D 118 -0.47 -21.18 30.69
C THR D 118 -1.36 -22.32 31.20
N PRO D 119 -0.83 -23.12 32.11
CA PRO D 119 -1.64 -24.07 32.83
C PRO D 119 -2.88 -23.39 33.45
N GLY D 120 -3.99 -24.11 33.49
CA GLY D 120 -5.19 -23.58 34.13
C GLY D 120 -5.91 -22.51 33.31
N SER D 121 -5.68 -22.51 32.00
CA SER D 121 -6.49 -21.68 31.10
C SER D 121 -7.25 -22.51 30.05
N THR D 122 -8.01 -21.82 29.23
CA THR D 122 -8.94 -22.44 28.28
C THR D 122 -8.39 -22.28 26.86
N VAL D 123 -8.11 -23.41 26.19
CA VAL D 123 -7.87 -23.44 24.73
C VAL D 123 -9.19 -23.39 23.95
N LEU D 124 -9.41 -22.30 23.23
CA LEU D 124 -10.56 -22.19 22.32
C LEU D 124 -10.13 -22.54 20.89
N TYR D 125 -10.89 -23.41 20.22
CA TYR D 125 -10.48 -23.86 18.89
C TYR D 125 -11.66 -24.23 18.01
N ARG D 126 -11.44 -24.12 16.70
CA ARG D 126 -12.45 -24.52 15.77
C ARG D 126 -11.89 -25.30 14.59
N ILE D 127 -12.71 -26.22 14.09
CA ILE D 127 -12.34 -27.04 12.93
C ILE D 127 -13.22 -26.59 11.80
N PHE D 128 -12.57 -26.35 10.66
CA PHE D 128 -13.27 -26.00 9.46
C PHE D 128 -13.34 -27.26 8.62
N THR D 129 -14.55 -27.60 8.20
CA THR D 129 -14.82 -28.85 7.51
C THR D 129 -15.23 -28.54 6.08
N VAL D 130 -14.36 -28.90 5.14
CA VAL D 130 -14.56 -28.57 3.74
C VAL D 130 -14.27 -29.79 2.86
N ASN D 131 -14.91 -29.84 1.70
CA ASN D 131 -14.56 -30.82 0.68
C ASN D 131 -13.32 -30.41 -0.13
N HIS D 132 -13.05 -31.17 -1.19
CA HIS D 132 -11.85 -30.97 -1.99
C HIS D 132 -11.89 -29.66 -2.78
N LYS D 133 -13.10 -29.15 -3.01
CA LYS D 133 -13.31 -27.83 -3.60
C LYS D 133 -13.22 -26.73 -2.56
N LEU D 134 -12.92 -27.13 -1.32
CA LEU D 134 -12.88 -26.24 -0.14
C LEU D 134 -14.23 -25.66 0.29
N LEU D 135 -15.32 -26.30 -0.11
CA LEU D 135 -16.65 -25.86 0.30
C LEU D 135 -17.12 -26.54 1.59
N PRO D 136 -17.88 -25.80 2.41
CA PRO D 136 -18.37 -26.31 3.69
C PRO D 136 -19.14 -27.63 3.58
N VAL D 137 -18.72 -28.64 4.34
CA VAL D 137 -19.47 -29.90 4.41
C VAL D 137 -19.99 -30.21 5.82
N GLY D 138 -21.05 -31.02 5.87
CA GLY D 138 -21.58 -31.48 7.16
C GLY D 138 -21.28 -32.96 7.37
N ARG D 139 -20.12 -33.22 7.93
CA ARG D 139 -19.69 -34.58 8.26
C ARG D 139 -19.28 -34.67 9.71
N THR D 140 -19.29 -35.87 10.26
CA THR D 140 -18.84 -36.03 11.64
C THR D 140 -17.32 -36.22 11.69
N VAL D 141 -16.69 -35.41 12.54
CA VAL D 141 -15.24 -35.30 12.62
C VAL D 141 -14.80 -35.87 13.98
N MET D 142 -13.61 -36.45 14.03
CA MET D 142 -13.02 -36.83 15.32
C MET D 142 -11.84 -35.93 15.67
N VAL D 143 -11.91 -35.30 16.83
CA VAL D 143 -10.87 -34.38 17.25
C VAL D 143 -10.31 -34.73 18.63
N ASN D 144 -8.98 -34.82 18.70
CA ASN D 144 -8.31 -35.18 19.94
C ASN D 144 -7.32 -34.09 20.32
N ILE D 145 -7.19 -33.84 21.61
CA ILE D 145 -6.10 -33.02 22.12
C ILE D 145 -5.04 -33.92 22.75
N GLU D 146 -3.81 -33.82 22.23
CA GLU D 146 -2.72 -34.71 22.62
C GLU D 146 -1.64 -33.97 23.42
N ASN D 147 -1.10 -34.62 24.42
CA ASN D 147 -0.03 -33.97 25.17
C ASN D 147 1.34 -34.20 24.53
N PRO D 148 2.41 -33.61 25.09
CA PRO D 148 3.73 -33.55 24.43
C PRO D 148 4.37 -34.92 24.16
N GLU D 149 4.07 -35.94 25.01
CA GLU D 149 4.59 -37.28 24.68
C GLU D 149 3.56 -38.12 23.85
N GLY D 150 2.50 -37.44 23.33
CA GLY D 150 1.67 -38.03 22.22
C GLY D 150 0.44 -38.79 22.68
N ILE D 151 0.09 -38.62 24.01
CA ILE D 151 -1.07 -39.31 24.62
C ILE D 151 -2.33 -38.43 24.50
N PRO D 152 -3.43 -39.01 24.00
CA PRO D 152 -4.70 -38.30 23.94
C PRO D 152 -5.21 -37.98 25.35
N VAL D 153 -5.75 -36.78 25.54
CA VAL D 153 -6.16 -36.35 26.86
C VAL D 153 -7.63 -35.94 26.84
N LYS D 154 -8.09 -35.55 25.65
CA LYS D 154 -9.49 -35.19 25.44
C LYS D 154 -9.90 -35.65 24.05
N GLN D 155 -11.14 -36.13 23.92
CA GLN D 155 -11.57 -36.86 22.74
C GLN D 155 -13.01 -36.52 22.41
N ASP D 156 -13.25 -36.03 21.19
CA ASP D 156 -14.58 -35.62 20.76
C ASP D 156 -14.97 -36.21 19.39
N SER D 157 -16.27 -36.37 19.18
CA SER D 157 -16.81 -36.77 17.89
C SER D 157 -18.09 -35.98 17.65
N LEU D 158 -18.10 -35.18 16.60
CA LEU D 158 -19.21 -34.24 16.38
C LEU D 158 -19.50 -34.05 14.90
N SER D 159 -20.77 -33.80 14.58
CA SER D 159 -21.16 -33.41 13.23
C SER D 159 -21.08 -31.90 13.06
N SER D 160 -20.80 -31.49 11.83
CA SER D 160 -20.82 -30.07 11.46
C SER D 160 -22.06 -29.74 10.65
N GLN D 161 -22.99 -30.70 10.56
CA GLN D 161 -24.30 -30.45 9.96
C GLN D 161 -24.98 -29.31 10.72
N ASN D 162 -25.68 -28.43 9.98
CA ASN D 162 -26.33 -27.24 10.55
C ASN D 162 -25.37 -26.20 11.18
N GLN D 163 -24.10 -26.19 10.76
CA GLN D 163 -23.09 -25.31 11.37
C GLN D 163 -22.25 -24.55 10.36
N LEU D 164 -22.52 -24.80 9.08
CA LEU D 164 -21.80 -24.21 7.94
C LEU D 164 -20.28 -24.41 7.99
N GLY D 165 -19.86 -25.61 8.36
CA GLY D 165 -18.47 -26.00 8.23
C GLY D 165 -17.56 -25.63 9.39
N VAL D 166 -18.11 -24.93 10.38
CA VAL D 166 -17.33 -24.50 11.54
C VAL D 166 -17.68 -25.28 12.81
N LEU D 167 -16.69 -25.95 13.39
CA LEU D 167 -16.84 -26.68 14.65
C LEU D 167 -16.12 -25.98 15.80
N PRO D 168 -16.85 -25.29 16.68
CA PRO D 168 -16.23 -24.66 17.84
C PRO D 168 -16.10 -25.64 18.98
N LEU D 169 -14.91 -25.72 19.58
CA LEU D 169 -14.69 -26.49 20.78
C LEU D 169 -13.82 -25.70 21.76
N SER D 170 -13.66 -26.23 22.97
CA SER D 170 -12.78 -25.66 23.99
C SER D 170 -12.24 -26.74 24.93
N TRP D 171 -11.04 -26.52 25.44
CA TRP D 171 -10.44 -27.42 26.41
C TRP D 171 -9.79 -26.63 27.55
N ASP D 172 -10.07 -27.04 28.78
CA ASP D 172 -9.51 -26.39 29.96
C ASP D 172 -8.22 -27.09 30.38
N ILE D 173 -7.09 -26.40 30.20
CA ILE D 173 -5.80 -26.92 30.62
C ILE D 173 -5.76 -27.01 32.15
N PRO D 174 -5.43 -28.19 32.68
CA PRO D 174 -5.29 -28.35 34.12
C PRO D 174 -4.14 -27.50 34.66
N GLU D 175 -4.21 -27.14 35.95
CA GLU D 175 -3.13 -26.39 36.61
C GLU D 175 -1.85 -27.21 36.68
N LEU D 176 -2.00 -28.51 36.88
CA LEU D 176 -0.86 -29.41 36.91
C LEU D 176 -0.80 -30.16 35.59
N VAL D 177 -0.03 -29.61 34.65
CA VAL D 177 0.07 -30.16 33.31
C VAL D 177 1.55 -30.30 32.93
N ASN D 178 1.85 -31.12 31.91
CA ASN D 178 3.16 -31.14 31.28
C ASN D 178 3.38 -29.96 30.33
N MET D 179 4.39 -29.16 30.61
CA MET D 179 4.74 -28.04 29.73
C MET D 179 5.28 -28.63 28.42
N GLY D 180 5.14 -27.89 27.33
CA GLY D 180 5.69 -28.32 26.05
C GLY D 180 4.75 -28.12 24.88
N GLN D 181 5.04 -28.84 23.80
CA GLN D 181 4.29 -28.76 22.55
C GLN D 181 3.11 -29.72 22.53
N TRP D 182 1.91 -29.15 22.59
CA TRP D 182 0.68 -29.93 22.55
C TRP D 182 0.12 -29.92 21.13
N LYS D 183 -0.78 -30.86 20.84
CA LYS D 183 -1.37 -30.94 19.52
C LYS D 183 -2.88 -31.14 19.56
N ILE D 184 -3.55 -30.55 18.59
CA ILE D 184 -4.91 -30.94 18.25
C ILE D 184 -4.82 -31.72 16.96
N ARG D 185 -5.56 -32.82 16.89
CA ARG D 185 -5.51 -33.69 15.72
C ARG D 185 -6.93 -34.09 15.34
N ALA D 186 -7.24 -34.01 14.06
CA ALA D 186 -8.58 -34.32 13.60
C ALA D 186 -8.59 -35.08 12.30
N TYR D 187 -9.59 -35.93 12.16
CA TYR D 187 -9.82 -36.65 10.93
C TYR D 187 -11.33 -36.79 10.75
N TYR D 188 -11.78 -36.87 9.49
CA TYR D 188 -13.15 -37.24 9.22
C TYR D 188 -13.39 -38.67 9.71
N GLU D 189 -14.55 -38.90 10.31
CA GLU D 189 -14.91 -40.24 10.78
C GLU D 189 -14.64 -41.31 9.71
N ASN D 190 -14.91 -40.96 8.45
CA ASN D 190 -14.88 -41.92 7.33
C ASN D 190 -13.49 -42.22 6.76
N SER D 191 -12.54 -41.33 7.02
CA SER D 191 -11.17 -41.46 6.53
C SER D 191 -10.20 -41.26 7.69
N PRO D 192 -10.08 -42.25 8.56
CA PRO D 192 -9.29 -42.12 9.78
C PRO D 192 -7.78 -42.05 9.54
N GLN D 193 -7.33 -42.33 8.32
CA GLN D 193 -5.89 -42.38 8.03
C GLN D 193 -5.31 -41.07 7.47
N GLN D 194 -6.18 -40.12 7.11
CA GLN D 194 -5.73 -38.75 6.89
C GLN D 194 -6.02 -37.87 8.11
N VAL D 195 -4.97 -37.49 8.81
CA VAL D 195 -5.11 -36.74 10.05
C VAL D 195 -4.51 -35.34 9.90
N PHE D 196 -5.27 -34.32 10.30
CA PHE D 196 -4.82 -32.92 10.22
C PHE D 196 -4.50 -32.41 11.62
N SER D 197 -3.40 -31.67 11.73
CA SER D 197 -2.88 -31.30 13.04
C SER D 197 -2.62 -29.80 13.13
N THR D 198 -2.63 -29.29 14.36
CA THR D 198 -1.94 -28.05 14.64
C THR D 198 -1.39 -28.09 16.06
N GLU D 199 -0.33 -27.33 16.29
CA GLU D 199 0.39 -27.30 17.55
C GLU D 199 0.08 -26.06 18.37
N PHE D 200 0.16 -26.20 19.69
CA PHE D 200 0.15 -25.05 20.58
C PHE D 200 1.06 -25.31 21.76
N GLU D 201 1.62 -24.24 22.31
CA GLU D 201 2.55 -24.33 23.43
C GLU D 201 1.88 -24.13 24.78
N VAL D 202 2.29 -24.93 25.77
CA VAL D 202 1.91 -24.69 27.15
C VAL D 202 3.15 -24.38 27.96
N LYS D 203 3.06 -23.34 28.80
CA LYS D 203 4.23 -22.76 29.44
C LYS D 203 3.78 -21.77 30.51
N GLU D 204 4.52 -21.69 31.60
CA GLU D 204 4.34 -20.61 32.57
C GLU D 204 5.00 -19.34 32.06
N TYR D 205 4.24 -18.27 31.98
CA TYR D 205 4.73 -17.00 31.44
C TYR D 205 3.76 -15.87 31.82
N VAL D 206 4.23 -14.63 31.71
CA VAL D 206 3.41 -13.40 31.67
C VAL D 206 3.70 -12.66 30.37
N LEU D 207 2.75 -11.89 29.84
CA LEU D 207 2.97 -11.18 28.59
C LEU D 207 4.05 -10.13 28.76
N PRO D 208 4.89 -9.93 27.75
CA PRO D 208 5.85 -8.83 27.79
C PRO D 208 5.19 -7.52 27.33
N SER D 209 5.87 -6.40 27.57
CA SER D 209 5.34 -5.08 27.28
C SER D 209 5.86 -4.47 25.96
N PHE D 210 6.92 -5.06 25.43
CA PHE D 210 7.50 -4.65 24.15
C PHE D 210 7.90 -5.84 23.27
N GLU D 211 8.17 -5.56 21.99
CA GLU D 211 8.72 -6.56 21.10
C GLU D 211 10.13 -6.25 20.61
N VAL D 212 10.88 -7.32 20.33
CA VAL D 212 12.23 -7.24 19.81
C VAL D 212 12.27 -7.87 18.42
N ILE D 213 12.75 -7.09 17.45
CA ILE D 213 12.95 -7.55 16.07
C ILE D 213 14.44 -7.66 15.75
N VAL D 214 14.82 -8.80 15.20
CA VAL D 214 16.22 -9.11 14.93
C VAL D 214 16.32 -9.26 13.40
N GLU D 215 17.00 -8.31 12.76
CA GLU D 215 16.87 -8.14 11.31
C GLU D 215 18.21 -7.93 10.60
N PRO D 216 18.74 -8.98 9.96
CA PRO D 216 20.00 -8.86 9.22
C PRO D 216 19.81 -7.98 7.97
N THR D 217 20.85 -7.28 7.52
CA THR D 217 20.73 -6.40 6.35
C THR D 217 20.36 -7.19 5.11
N GLU D 218 20.85 -8.42 5.04
CA GLU D 218 20.52 -9.35 3.96
C GLU D 218 19.98 -10.63 4.56
N LYS D 219 19.13 -11.30 3.80
CA LYS D 219 18.49 -12.51 4.29
C LYS D 219 19.35 -13.76 4.07
N PHE D 220 20.65 -13.52 3.94
CA PHE D 220 21.62 -14.59 3.75
C PHE D 220 22.96 -14.06 4.20
N TYR D 221 23.92 -14.96 4.38
CA TYR D 221 25.28 -14.53 4.53
C TYR D 221 26.15 -15.08 3.41
N TYR D 222 26.74 -14.16 2.65
CA TYR D 222 27.69 -14.50 1.59
C TYR D 222 29.08 -14.82 2.16
N ILE D 223 29.52 -16.08 2.02
CA ILE D 223 30.75 -16.54 2.70
C ILE D 223 32.02 -15.75 2.38
N TYR D 224 32.02 -15.02 1.27
CA TYR D 224 33.16 -14.15 0.92
C TYR D 224 32.95 -12.68 1.24
N ASN D 225 31.86 -12.35 1.93
CA ASN D 225 31.62 -10.97 2.37
C ASN D 225 32.45 -10.63 3.63
N GLU D 226 33.36 -9.68 3.44
CA GLU D 226 34.31 -9.24 4.46
C GLU D 226 33.66 -8.48 5.61
N LYS D 227 32.44 -7.99 5.40
CA LYS D 227 31.80 -7.12 6.38
C LYS D 227 31.19 -7.90 7.54
N GLY D 228 31.18 -9.23 7.38
CA GLY D 228 30.48 -10.11 8.30
C GLY D 228 28.99 -10.11 8.07
N LEU D 229 28.26 -10.51 9.12
CA LEU D 229 26.80 -10.45 9.12
C LEU D 229 26.36 -9.26 9.97
N GLU D 230 25.86 -8.22 9.29
CA GLU D 230 25.34 -7.03 9.95
C GLU D 230 23.87 -7.18 10.28
N VAL D 231 23.54 -6.94 11.55
CA VAL D 231 22.19 -7.10 12.06
C VAL D 231 21.75 -5.83 12.78
N THR D 232 20.50 -5.45 12.58
CA THR D 232 19.94 -4.38 13.40
C THR D 232 18.85 -4.93 14.34
N ILE D 233 18.79 -4.39 15.56
CA ILE D 233 17.79 -4.78 16.55
C ILE D 233 16.93 -3.56 16.83
N THR D 234 15.62 -3.69 16.60
CA THR D 234 14.67 -2.71 17.06
C THR D 234 13.81 -3.31 18.16
N ALA D 235 13.60 -2.52 19.21
CA ALA D 235 12.63 -2.81 20.24
C ALA D 235 11.59 -1.68 20.27
N ARG D 236 10.31 -2.06 20.30
CA ARG D 236 9.26 -1.09 20.48
C ARG D 236 8.16 -1.65 21.37
N PHE D 237 7.64 -0.81 22.26
CA PHE D 237 6.49 -1.16 23.08
C PHE D 237 5.35 -1.63 22.22
N LEU D 238 4.49 -2.49 22.77
CA LEU D 238 3.40 -3.08 22.01
C LEU D 238 2.34 -2.07 21.59
N TYR D 239 2.30 -0.91 22.25
CA TYR D 239 1.35 0.17 21.90
C TYR D 239 1.94 1.17 20.90
N GLY D 240 3.22 1.00 20.57
CA GLY D 240 3.83 1.80 19.50
C GLY D 240 5.21 2.34 19.81
N LYS D 241 5.44 2.79 21.04
CA LYS D 241 6.54 3.70 21.31
C LYS D 241 7.90 3.01 21.25
N LYS D 242 8.98 3.78 21.28
CA LYS D 242 10.31 3.22 21.14
C LYS D 242 10.93 2.89 22.49
N VAL D 243 11.69 1.80 22.52
CA VAL D 243 12.35 1.34 23.73
C VAL D 243 13.78 1.91 23.81
N GLU D 244 14.14 2.43 25.00
CA GLU D 244 15.53 2.61 25.38
C GLU D 244 15.96 1.45 26.29
N GLY D 245 17.18 0.97 26.10
CA GLY D 245 17.63 -0.20 26.84
C GLY D 245 18.97 -0.73 26.38
N THR D 246 19.26 -1.97 26.72
CA THR D 246 20.54 -2.59 26.46
C THR D 246 20.27 -3.97 25.92
N ALA D 247 20.88 -4.29 24.78
CA ALA D 247 20.71 -5.58 24.14
C ALA D 247 21.96 -6.42 24.25
N PHE D 248 21.76 -7.70 24.54
CA PHE D 248 22.81 -8.72 24.43
C PHE D 248 22.54 -9.58 23.20
N VAL D 249 23.54 -9.65 22.32
CA VAL D 249 23.40 -10.35 21.03
C VAL D 249 24.52 -11.40 20.87
N ILE D 250 24.13 -12.65 20.69
CA ILE D 250 25.12 -13.70 20.38
C ILE D 250 24.73 -14.50 19.13
N PHE D 251 25.71 -14.91 18.33
CA PHE D 251 25.42 -15.68 17.13
C PHE D 251 25.83 -17.15 17.31
N GLY D 252 25.34 -17.98 16.40
CA GLY D 252 25.75 -19.36 16.37
C GLY D 252 25.60 -19.87 14.96
N ILE D 253 25.99 -21.12 14.74
CA ILE D 253 25.89 -21.75 13.43
C ILE D 253 25.08 -23.05 13.51
N GLN D 254 24.28 -23.31 12.49
CA GLN D 254 23.42 -24.47 12.52
C GLN D 254 23.67 -25.36 11.31
N ASP D 255 23.66 -26.66 11.54
CA ASP D 255 23.83 -27.65 10.50
C ASP D 255 22.80 -28.77 10.73
N GLY D 256 21.60 -28.57 10.19
CA GLY D 256 20.48 -29.47 10.40
C GLY D 256 20.32 -29.93 11.84
N GLU D 257 19.41 -29.28 12.58
CA GLU D 257 19.06 -29.69 13.94
C GLU D 257 20.13 -29.38 15.00
N GLN D 258 21.40 -29.42 14.61
CA GLN D 258 22.52 -29.15 15.53
C GLN D 258 22.96 -27.68 15.50
N ARG D 259 23.08 -27.10 16.69
CA ARG D 259 23.51 -25.72 16.81
C ARG D 259 24.82 -25.62 17.58
N ILE D 260 25.77 -24.88 17.02
CA ILE D 260 26.99 -24.47 17.71
C ILE D 260 26.97 -22.96 17.96
N SER D 261 26.98 -22.57 19.23
CA SER D 261 27.16 -21.18 19.65
C SER D 261 28.57 -20.69 19.34
N LEU D 262 28.67 -19.44 18.86
CA LEU D 262 29.94 -18.73 18.73
C LEU D 262 30.12 -17.71 19.87
N PRO D 263 30.65 -18.17 21.02
CA PRO D 263 30.71 -17.36 22.23
C PRO D 263 31.47 -16.03 22.16
N GLU D 264 32.46 -15.90 21.28
CA GLU D 264 33.20 -14.64 21.15
C GLU D 264 32.42 -13.61 20.34
N SER D 265 31.26 -14.03 19.82
CA SER D 265 30.41 -13.15 19.04
C SER D 265 29.46 -12.35 19.95
N LEU D 266 29.55 -12.62 21.25
CA LEU D 266 28.72 -11.94 22.24
C LEU D 266 29.03 -10.45 22.34
N LYS D 267 28.02 -9.64 22.07
CA LYS D 267 28.10 -8.18 22.19
C LYS D 267 26.99 -7.68 23.12
N ARG D 268 27.33 -6.69 23.94
CA ARG D 268 26.37 -5.89 24.70
C ARG D 268 26.32 -4.49 24.05
N ILE D 269 25.14 -4.07 23.59
CA ILE D 269 24.98 -2.82 22.86
C ILE D 269 23.84 -1.96 23.41
N PRO D 270 23.95 -0.64 23.30
CA PRO D 270 22.86 0.25 23.70
C PRO D 270 21.72 0.15 22.69
N ILE D 271 20.47 0.13 23.18
CA ILE D 271 19.33 0.34 22.31
C ILE D 271 18.81 1.80 22.45
N GLU D 272 19.17 2.66 21.51
CA GLU D 272 18.83 4.07 21.62
C GLU D 272 17.76 4.44 20.61
N ASP D 273 16.65 5.01 21.11
CA ASP D 273 15.48 5.26 20.28
C ASP D 273 15.02 3.97 19.58
N GLY D 274 14.96 2.89 20.35
CA GLY D 274 14.51 1.59 19.85
C GLY D 274 15.33 0.91 18.77
N SER D 275 16.63 1.16 18.73
CA SER D 275 17.48 0.68 17.63
C SER D 275 18.92 0.43 18.08
N GLY D 276 19.52 -0.67 17.61
CA GLY D 276 20.97 -0.80 17.65
C GLY D 276 21.51 -1.64 16.51
N GLU D 277 22.78 -1.44 16.16
CA GLU D 277 23.42 -2.35 15.21
C GLU D 277 24.47 -3.24 15.87
N VAL D 278 24.73 -4.38 15.23
CA VAL D 278 25.68 -5.37 15.72
C VAL D 278 26.17 -6.18 14.50
N VAL D 279 27.47 -6.44 14.44
CA VAL D 279 28.06 -7.32 13.43
C VAL D 279 28.54 -8.65 14.02
N LEU D 280 28.47 -9.71 13.21
CA LEU D 280 29.31 -10.90 13.37
C LEU D 280 30.45 -10.82 12.36
N SER D 281 31.66 -10.54 12.83
CA SER D 281 32.80 -10.43 11.93
C SER D 281 33.11 -11.79 11.31
N ARG D 282 33.56 -11.76 10.05
CA ARG D 282 33.96 -12.94 9.33
C ARG D 282 35.06 -13.71 10.09
N LYS D 283 35.98 -12.96 10.69
CA LYS D 283 37.08 -13.53 11.45
C LYS D 283 36.57 -14.42 12.58
N VAL D 284 35.63 -13.88 13.36
CA VAL D 284 35.07 -14.57 14.51
C VAL D 284 34.26 -15.82 14.13
N LEU D 285 33.54 -15.75 13.01
CA LEU D 285 32.87 -16.93 12.47
C LEU D 285 33.86 -18.06 12.12
N LEU D 286 34.87 -17.75 11.32
CA LEU D 286 35.80 -18.75 10.82
C LEU D 286 36.69 -19.32 11.93
N ASP D 287 37.09 -18.46 12.86
CA ASP D 287 37.81 -18.86 14.08
C ASP D 287 37.00 -19.80 14.98
N GLY D 288 35.69 -19.58 15.04
CA GLY D 288 34.82 -20.28 15.99
C GLY D 288 34.24 -21.62 15.53
N VAL D 289 34.54 -22.02 14.30
CA VAL D 289 34.08 -23.31 13.77
C VAL D 289 35.26 -24.27 13.65
N GLN D 290 34.98 -25.56 13.54
CA GLN D 290 36.05 -26.55 13.34
C GLN D 290 36.38 -26.80 11.87
N ASN D 291 35.60 -26.18 10.99
CA ASN D 291 35.78 -26.30 9.55
C ASN D 291 36.94 -25.45 9.08
N LEU D 292 37.90 -26.12 8.43
CA LEU D 292 39.20 -25.57 8.12
C LEU D 292 39.14 -24.63 6.92
N ARG D 293 38.10 -24.79 6.11
CA ARG D 293 37.90 -23.96 4.92
C ARG D 293 36.55 -23.23 4.95
N ALA D 294 36.59 -21.93 4.70
CA ALA D 294 35.37 -21.11 4.60
C ALA D 294 34.31 -21.83 3.78
N GLU D 295 34.71 -22.34 2.62
CA GLU D 295 33.82 -23.04 1.70
C GLU D 295 32.98 -24.14 2.37
N ASP D 296 33.52 -24.77 3.41
CA ASP D 296 32.84 -25.87 4.11
C ASP D 296 31.55 -25.40 4.79
N LEU D 297 31.44 -24.09 5.00
CA LEU D 297 30.33 -23.51 5.73
C LEU D 297 29.13 -23.26 4.81
N VAL D 298 29.35 -23.32 3.50
CA VAL D 298 28.28 -23.10 2.53
C VAL D 298 27.27 -24.24 2.65
N GLY D 299 25.99 -23.88 2.76
CA GLY D 299 24.95 -24.87 3.04
C GLY D 299 24.47 -24.90 4.48
N LYS D 300 25.28 -24.37 5.39
CA LYS D 300 24.84 -24.15 6.77
C LYS D 300 24.04 -22.88 6.91
N SER D 301 23.58 -22.62 8.13
CA SER D 301 22.83 -21.41 8.43
C SER D 301 23.37 -20.70 9.66
N LEU D 302 23.17 -19.39 9.71
CA LEU D 302 23.49 -18.62 10.89
C LEU D 302 22.22 -18.34 11.71
N TYR D 303 22.35 -18.24 13.02
CA TYR D 303 21.27 -17.74 13.84
C TYR D 303 21.77 -16.69 14.80
N VAL D 304 20.90 -15.76 15.13
CA VAL D 304 21.27 -14.63 15.96
C VAL D 304 20.22 -14.46 17.05
N SER D 305 20.70 -14.36 18.27
CA SER D 305 19.87 -14.31 19.46
C SER D 305 20.04 -12.96 20.15
N ALA D 306 18.93 -12.35 20.53
CA ALA D 306 18.99 -11.02 21.15
C ALA D 306 18.12 -10.93 22.40
N THR D 307 18.70 -10.39 23.46
CA THR D 307 17.96 -10.09 24.70
C THR D 307 17.99 -8.58 24.95
N VAL D 308 16.83 -7.96 25.00
CA VAL D 308 16.75 -6.55 25.37
C VAL D 308 16.18 -6.41 26.78
N ILE D 309 16.82 -5.55 27.57
CA ILE D 309 16.46 -5.24 28.95
C ILE D 309 16.30 -3.72 29.07
N LEU D 310 15.11 -3.27 29.45
CA LEU D 310 14.86 -1.87 29.80
C LEU D 310 15.81 -1.40 30.90
N HIS D 311 16.13 -0.11 30.89
CA HIS D 311 17.12 0.49 31.80
C HIS D 311 16.69 0.37 33.26
N SER D 312 15.38 0.43 33.49
CA SER D 312 14.79 0.09 34.78
C SER D 312 15.08 -1.35 35.20
N GLY D 313 15.13 -2.26 34.24
CA GLY D 313 15.26 -3.68 34.52
C GLY D 313 13.91 -4.31 34.77
N SER D 314 12.85 -3.54 34.52
CA SER D 314 11.48 -3.94 34.84
C SER D 314 10.87 -4.92 33.83
N ASP D 315 11.49 -5.02 32.66
CA ASP D 315 11.05 -5.97 31.63
C ASP D 315 12.22 -6.38 30.74
N MET D 316 12.06 -7.52 30.09
CA MET D 316 13.14 -8.21 29.36
C MET D 316 12.47 -9.05 28.26
N VAL D 317 12.95 -8.93 27.03
CA VAL D 317 12.41 -9.74 25.94
C VAL D 317 13.55 -10.40 25.17
N GLN D 318 13.44 -11.72 24.98
CA GLN D 318 14.36 -12.45 24.13
C GLN D 318 13.74 -12.65 22.76
N ALA D 319 14.58 -12.63 21.73
CA ALA D 319 14.11 -12.80 20.36
C ALA D 319 15.21 -13.42 19.51
N GLU D 320 14.81 -14.16 18.48
CA GLU D 320 15.78 -14.87 17.67
C GLU D 320 15.44 -14.76 16.19
N ARG D 321 16.47 -14.58 15.37
CA ARG D 321 16.42 -14.82 13.94
C ARG D 321 17.26 -16.04 13.58
N SER D 322 16.64 -17.06 13.00
CA SER D 322 17.42 -18.21 12.61
C SER D 322 17.30 -18.51 11.11
N GLY D 323 18.02 -19.53 10.65
CA GLY D 323 17.95 -19.93 9.25
C GLY D 323 18.43 -18.89 8.24
N ILE D 324 19.46 -18.12 8.60
CA ILE D 324 20.14 -17.23 7.65
C ILE D 324 21.16 -18.06 6.90
N PRO D 325 20.87 -18.38 5.62
CA PRO D 325 21.69 -19.33 4.90
C PRO D 325 23.09 -18.77 4.60
N ILE D 326 24.09 -19.66 4.63
CA ILE D 326 25.43 -19.34 4.17
C ILE D 326 25.61 -19.74 2.71
N VAL D 327 25.82 -18.72 1.87
CA VAL D 327 25.73 -18.85 0.41
C VAL D 327 27.02 -18.45 -0.32
N THR D 328 27.12 -18.85 -1.58
CA THR D 328 28.05 -18.27 -2.55
C THR D 328 27.30 -17.36 -3.54
N SER D 329 25.97 -17.45 -3.54
CA SER D 329 25.12 -16.72 -4.48
C SER D 329 23.85 -16.20 -3.81
N PRO D 330 23.47 -14.95 -4.10
CA PRO D 330 22.17 -14.41 -3.67
C PRO D 330 20.94 -15.17 -4.18
N TYR D 331 21.14 -16.17 -5.04
CA TYR D 331 20.05 -16.82 -5.75
C TYR D 331 20.15 -18.35 -5.83
N GLN D 332 18.98 -19.00 -5.90
CA GLN D 332 18.90 -20.40 -6.35
C GLN D 332 17.98 -20.53 -7.56
N ILE D 333 18.30 -21.49 -8.42
CA ILE D 333 17.49 -21.78 -9.61
C ILE D 333 16.90 -23.17 -9.47
N HIS D 334 15.60 -23.30 -9.72
CA HIS D 334 14.92 -24.59 -9.64
C HIS D 334 14.21 -24.89 -10.97
N PHE D 335 14.11 -26.18 -11.28
CA PHE D 335 13.43 -26.65 -12.49
C PHE D 335 12.16 -27.43 -12.17
N THR D 336 11.69 -27.26 -10.94
CA THR D 336 10.48 -27.90 -10.48
C THR D 336 9.26 -27.61 -11.37
N LYS D 337 9.28 -26.49 -12.09
CA LYS D 337 8.14 -26.07 -12.90
C LYS D 337 8.33 -26.36 -14.40
N THR D 338 9.46 -26.98 -14.75
CA THR D 338 9.81 -27.31 -16.14
C THR D 338 9.59 -28.80 -16.37
N PRO D 339 8.89 -29.16 -17.46
CA PRO D 339 8.69 -30.57 -17.83
C PRO D 339 10.01 -31.32 -18.05
N LYS D 340 10.03 -32.58 -17.69
CA LYS D 340 11.26 -33.37 -17.81
C LYS D 340 11.26 -34.24 -19.07
N TYR D 341 10.38 -33.91 -20.01
CA TYR D 341 10.34 -34.52 -21.35
C TYR D 341 10.28 -33.48 -22.44
N PHE D 342 10.99 -33.75 -23.53
CA PHE D 342 10.99 -32.90 -24.72
C PHE D 342 10.57 -33.65 -25.96
N LYS D 343 10.06 -32.91 -26.95
CA LYS D 343 9.79 -33.47 -28.27
C LYS D 343 10.90 -33.11 -29.28
N PRO D 344 11.80 -34.05 -29.54
CA PRO D 344 13.00 -33.77 -30.32
C PRO D 344 12.68 -33.25 -31.71
N GLY D 345 13.27 -32.11 -32.07
CA GLY D 345 12.95 -31.43 -33.33
C GLY D 345 12.20 -30.16 -33.03
N MET D 346 11.46 -30.15 -31.93
CA MET D 346 10.66 -29.00 -31.53
C MET D 346 11.38 -28.18 -30.47
N PRO D 347 11.07 -26.89 -30.37
CA PRO D 347 11.41 -26.10 -29.18
C PRO D 347 11.09 -26.79 -27.86
N PHE D 348 11.92 -26.56 -26.86
CA PHE D 348 11.67 -27.02 -25.50
C PHE D 348 11.63 -25.78 -24.61
N ASP D 349 10.52 -25.58 -23.92
CA ASP D 349 10.39 -24.42 -23.05
C ASP D 349 10.74 -24.73 -21.63
N LEU D 350 11.50 -23.82 -21.02
CA LEU D 350 11.91 -23.95 -19.63
C LEU D 350 11.19 -22.89 -18.81
N MET D 351 10.58 -23.32 -17.70
CA MET D 351 10.03 -22.39 -16.70
C MET D 351 10.95 -22.37 -15.51
N VAL D 352 11.98 -21.53 -15.56
CA VAL D 352 12.96 -21.52 -14.49
C VAL D 352 12.47 -20.68 -13.30
N PHE D 353 12.59 -21.27 -12.11
CA PHE D 353 12.11 -20.65 -10.90
C PHE D 353 13.35 -20.20 -10.13
N VAL D 354 13.44 -18.90 -9.88
CA VAL D 354 14.56 -18.35 -9.11
C VAL D 354 14.05 -17.82 -7.76
N THR D 355 14.62 -18.36 -6.68
CA THR D 355 14.31 -17.86 -5.35
C THR D 355 15.50 -17.14 -4.72
N ASN D 356 15.21 -16.37 -3.67
CA ASN D 356 16.22 -15.96 -2.71
C ASN D 356 16.51 -17.15 -1.80
N PRO D 357 17.57 -17.08 -1.00
CA PRO D 357 17.97 -18.21 -0.17
C PRO D 357 16.91 -18.60 0.87
N ASP D 358 16.05 -17.65 1.24
CA ASP D 358 14.93 -17.94 2.13
C ASP D 358 13.80 -18.68 1.41
N GLY D 359 13.90 -18.82 0.10
CA GLY D 359 12.89 -19.56 -0.66
C GLY D 359 11.77 -18.69 -1.23
N SER D 360 11.81 -17.40 -0.92
CA SER D 360 10.86 -16.45 -1.50
C SER D 360 11.19 -16.15 -2.95
N PRO D 361 10.17 -15.98 -3.78
CA PRO D 361 10.38 -15.67 -5.21
C PRO D 361 11.29 -14.45 -5.41
N ALA D 362 12.26 -14.62 -6.30
CA ALA D 362 13.22 -13.57 -6.66
C ALA D 362 12.76 -12.88 -7.93
N TYR D 363 12.70 -11.55 -7.88
CA TYR D 363 12.05 -10.76 -8.92
C TYR D 363 13.08 -9.99 -9.76
N ARG D 364 12.88 -9.96 -11.08
CA ARG D 364 13.65 -9.07 -11.95
C ARG D 364 15.06 -9.61 -12.22
N VAL D 365 15.25 -10.91 -12.01
CA VAL D 365 16.54 -11.58 -12.18
C VAL D 365 16.68 -12.09 -13.62
N PRO D 366 17.72 -11.68 -14.33
CA PRO D 366 17.97 -12.20 -15.67
C PRO D 366 18.47 -13.66 -15.61
N VAL D 367 17.89 -14.51 -16.44
CA VAL D 367 18.38 -15.85 -16.64
C VAL D 367 18.68 -16.07 -18.11
N ALA D 368 19.70 -16.89 -18.37
CA ALA D 368 19.97 -17.36 -19.72
C ALA D 368 20.36 -18.82 -19.66
N VAL D 369 20.31 -19.49 -20.80
CA VAL D 369 20.81 -20.85 -20.94
C VAL D 369 22.33 -20.77 -21.12
N GLN D 370 23.05 -21.71 -20.50
CA GLN D 370 24.51 -21.64 -20.45
C GLN D 370 25.10 -21.47 -21.85
N GLY D 371 26.03 -20.53 -21.96
CA GLY D 371 26.33 -19.85 -23.22
C GLY D 371 25.68 -18.47 -23.19
N GLU D 372 25.51 -17.90 -24.38
CA GLU D 372 24.62 -16.76 -24.60
C GLU D 372 25.29 -15.41 -24.87
N ASP D 373 25.39 -15.08 -26.16
CA ASP D 373 25.60 -13.70 -26.60
C ASP D 373 24.33 -12.87 -26.38
N THR D 374 23.19 -13.54 -26.26
CA THR D 374 21.93 -12.90 -25.87
C THR D 374 20.99 -13.87 -25.15
N VAL D 375 19.90 -14.23 -25.83
CA VAL D 375 18.62 -14.56 -25.19
C VAL D 375 18.27 -13.68 -23.96
N GLN D 376 18.50 -14.19 -22.75
CA GLN D 376 18.29 -13.42 -21.52
C GLN D 376 16.80 -13.14 -21.26
N SER D 377 16.34 -13.42 -20.04
CA SER D 377 14.95 -13.19 -19.67
C SER D 377 14.80 -12.87 -18.19
N LEU D 378 14.02 -11.83 -17.87
CA LEU D 378 13.75 -11.46 -16.47
C LEU D 378 12.69 -12.36 -15.83
N THR D 379 12.96 -12.84 -14.61
CA THR D 379 11.90 -13.48 -13.82
C THR D 379 10.82 -12.47 -13.46
N GLN D 380 9.57 -12.94 -13.45
CA GLN D 380 8.43 -12.11 -13.08
C GLN D 380 8.25 -12.00 -11.56
N GLY D 381 7.14 -11.40 -11.14
CA GLY D 381 6.80 -11.24 -9.73
C GLY D 381 6.87 -12.52 -8.92
N ASP D 382 6.55 -13.64 -9.55
CA ASP D 382 6.54 -14.95 -8.88
C ASP D 382 7.86 -15.71 -9.06
N GLY D 383 8.91 -15.02 -9.45
CA GLY D 383 10.24 -15.63 -9.55
C GLY D 383 10.48 -16.57 -10.72
N VAL D 384 9.54 -16.63 -11.65
CA VAL D 384 9.75 -17.48 -12.82
C VAL D 384 9.92 -16.76 -14.16
N ALA D 385 10.82 -17.29 -14.96
CA ALA D 385 11.04 -16.82 -16.32
C ALA D 385 10.90 -17.97 -17.30
N LYS D 386 10.62 -17.64 -18.56
CA LYS D 386 10.51 -18.63 -19.62
C LYS D 386 11.65 -18.46 -20.62
N LEU D 387 12.40 -19.54 -20.83
CA LEU D 387 13.35 -19.64 -21.93
C LEU D 387 12.89 -20.73 -22.88
N SER D 388 13.28 -20.62 -24.14
CA SER D 388 13.02 -21.63 -25.15
C SER D 388 14.32 -22.03 -25.83
N ILE D 389 14.59 -23.32 -25.90
CA ILE D 389 15.77 -23.84 -26.55
C ILE D 389 15.33 -24.71 -27.73
N ASN D 390 16.08 -24.69 -28.82
CA ASN D 390 15.78 -25.60 -29.92
C ASN D 390 16.52 -26.92 -29.83
N THR D 391 15.81 -27.99 -30.12
CA THR D 391 16.33 -29.34 -29.96
C THR D 391 16.55 -30.00 -31.31
N HIS D 392 17.67 -30.70 -31.44
CA HIS D 392 17.91 -31.53 -32.61
C HIS D 392 17.02 -32.78 -32.52
N PRO D 393 16.72 -33.39 -33.68
CA PRO D 393 15.81 -34.53 -33.71
C PRO D 393 16.40 -35.80 -33.10
N SER D 394 17.52 -35.65 -32.37
CA SER D 394 18.20 -36.80 -31.78
C SER D 394 17.46 -37.34 -30.56
N GLN D 395 17.56 -38.65 -30.36
CA GLN D 395 16.90 -39.36 -29.26
C GLN D 395 17.73 -39.23 -27.99
N LYS D 396 18.89 -38.59 -28.11
CA LYS D 396 19.79 -38.36 -26.98
C LYS D 396 19.09 -37.58 -25.85
N PRO D 397 19.26 -38.05 -24.61
CA PRO D 397 18.76 -37.35 -23.44
C PRO D 397 19.33 -35.93 -23.41
N LEU D 398 18.46 -34.96 -23.19
CA LEU D 398 18.82 -33.55 -23.35
C LEU D 398 19.27 -32.97 -22.02
N SER D 399 20.49 -32.42 -21.99
CA SER D 399 20.97 -31.74 -20.81
C SER D 399 20.94 -30.23 -21.04
N ILE D 400 20.46 -29.50 -20.05
CA ILE D 400 20.42 -28.05 -20.14
C ILE D 400 20.78 -27.38 -18.83
N THR D 401 21.74 -26.46 -18.90
CA THR D 401 22.19 -25.66 -17.77
C THR D 401 21.66 -24.24 -17.94
N VAL D 402 21.06 -23.70 -16.89
CA VAL D 402 20.66 -22.30 -16.86
C VAL D 402 21.46 -21.53 -15.81
N ARG D 403 21.85 -20.31 -16.17
CA ARG D 403 22.54 -19.42 -15.25
C ARG D 403 21.76 -18.13 -15.04
N THR D 404 21.92 -17.60 -13.83
CA THR D 404 21.63 -16.21 -13.48
C THR D 404 22.61 -15.26 -14.20
N LYS D 405 22.09 -14.13 -14.68
CA LYS D 405 22.90 -13.14 -15.39
C LYS D 405 22.67 -11.75 -14.80
N LYS D 406 22.58 -11.70 -13.49
CA LYS D 406 22.43 -10.44 -12.75
C LYS D 406 23.73 -9.67 -12.88
N GLN D 407 23.69 -8.51 -13.52
CA GLN D 407 24.87 -7.67 -13.63
C GLN D 407 25.24 -7.15 -12.26
N GLU D 408 26.35 -6.44 -12.15
CA GLU D 408 26.86 -6.02 -10.84
C GLU D 408 27.07 -7.17 -9.85
N LEU D 409 27.05 -8.42 -10.32
CA LEU D 409 27.19 -9.56 -9.41
C LEU D 409 28.51 -10.35 -9.49
N SER D 410 28.97 -10.67 -10.68
CA SER D 410 30.21 -11.44 -10.86
C SER D 410 29.94 -12.93 -10.99
N GLU D 411 30.68 -13.60 -11.87
CA GLU D 411 30.28 -14.91 -12.38
C GLU D 411 30.30 -16.03 -11.33
N ALA D 412 31.12 -15.86 -10.29
CA ALA D 412 31.14 -16.80 -9.17
C ALA D 412 29.91 -16.66 -8.28
N GLU D 413 29.41 -15.42 -8.17
CA GLU D 413 28.22 -15.11 -7.38
C GLU D 413 26.91 -15.51 -8.03
N GLN D 414 26.97 -15.92 -9.29
CA GLN D 414 25.74 -16.22 -10.05
C GLN D 414 25.22 -17.62 -9.75
N ALA D 415 23.91 -17.81 -9.83
CA ALA D 415 23.29 -19.11 -9.65
C ALA D 415 23.39 -19.96 -10.92
N THR D 416 23.52 -21.26 -10.73
CA THR D 416 23.53 -22.20 -11.83
C THR D 416 22.79 -23.47 -11.43
N ARG D 417 22.20 -24.15 -12.42
CA ARG D 417 21.46 -25.38 -12.18
C ARG D 417 21.35 -26.16 -13.48
N THR D 418 21.42 -27.48 -13.38
CA THR D 418 21.34 -28.35 -14.56
C THR D 418 20.17 -29.31 -14.41
N MET D 419 19.50 -29.57 -15.52
CA MET D 419 18.46 -30.59 -15.57
C MET D 419 18.63 -31.47 -16.80
N GLN D 420 17.89 -32.57 -16.82
CA GLN D 420 17.86 -33.44 -17.98
C GLN D 420 16.42 -33.71 -18.39
N ALA D 421 16.17 -33.62 -19.69
CA ALA D 421 14.88 -34.04 -20.23
C ALA D 421 15.06 -35.30 -21.08
N LEU D 422 14.04 -36.16 -21.08
CA LEU D 422 14.03 -37.35 -21.91
C LEU D 422 13.02 -37.18 -23.05
N PRO D 423 13.31 -37.77 -24.20
CA PRO D 423 12.45 -37.58 -25.37
C PRO D 423 11.05 -38.17 -25.19
N TYR D 424 10.02 -37.41 -25.55
CA TYR D 424 8.72 -37.99 -25.79
C TYR D 424 8.88 -38.99 -26.95
N SER D 425 8.49 -40.24 -26.72
CA SER D 425 8.60 -41.25 -27.76
C SER D 425 7.25 -41.50 -28.40
N THR D 426 7.23 -41.57 -29.73
CA THR D 426 5.99 -41.55 -30.50
C THR D 426 5.49 -42.96 -30.83
N VAL D 427 4.28 -43.08 -31.36
CA VAL D 427 3.60 -44.37 -31.47
C VAL D 427 4.29 -45.36 -32.41
N GLY D 428 4.67 -44.92 -33.61
CA GLY D 428 5.23 -45.86 -34.57
C GLY D 428 6.68 -45.62 -34.91
N ASN D 429 7.42 -44.97 -34.00
CA ASN D 429 8.44 -43.99 -34.39
C ASN D 429 7.93 -43.10 -35.53
N SER D 430 6.78 -42.47 -35.30
CA SER D 430 6.10 -41.72 -36.35
C SER D 430 6.57 -40.28 -36.46
N ASN D 431 7.20 -39.78 -35.40
CA ASN D 431 7.59 -38.38 -35.31
C ASN D 431 6.43 -37.38 -35.36
N ASN D 432 5.27 -37.82 -34.89
CA ASN D 432 4.14 -36.93 -34.68
C ASN D 432 4.04 -36.50 -33.21
N TYR D 433 4.15 -35.18 -32.98
CA TYR D 433 4.12 -34.61 -31.62
C TYR D 433 3.05 -33.52 -31.51
N LEU D 434 2.57 -33.30 -30.28
CA LEU D 434 1.83 -32.10 -29.91
C LEU D 434 2.61 -31.28 -28.89
N HIS D 435 2.58 -29.97 -29.04
CA HIS D 435 3.26 -29.07 -28.10
C HIS D 435 2.44 -27.86 -27.72
N LEU D 436 2.16 -27.76 -26.41
CA LEU D 436 1.34 -26.70 -25.83
C LEU D 436 2.20 -25.59 -25.23
N SER D 437 1.68 -24.35 -25.25
CA SER D 437 2.48 -23.19 -24.92
C SER D 437 1.62 -22.04 -24.39
N VAL D 438 2.15 -21.28 -23.43
CA VAL D 438 1.46 -20.10 -22.89
C VAL D 438 2.41 -18.92 -22.68
N LEU D 439 1.87 -17.70 -22.73
CA LEU D 439 2.56 -16.52 -22.23
C LEU D 439 2.69 -16.66 -20.72
N ARG D 440 3.91 -16.76 -20.21
CA ARG D 440 4.07 -16.95 -18.76
C ARG D 440 3.96 -15.60 -18.05
N THR D 441 2.83 -15.43 -17.36
CA THR D 441 2.52 -14.15 -16.74
C THR D 441 1.99 -14.39 -15.33
N GLU D 442 1.77 -13.30 -14.61
CA GLU D 442 0.96 -13.32 -13.41
C GLU D 442 -0.50 -13.57 -13.81
N LEU D 443 -1.00 -14.77 -13.52
CA LEU D 443 -2.30 -15.21 -14.03
C LEU D 443 -3.35 -15.14 -12.93
N ARG D 444 -4.40 -14.37 -13.18
CA ARG D 444 -5.43 -14.12 -12.17
C ARG D 444 -6.79 -14.50 -12.71
N PRO D 445 -7.71 -14.89 -11.82
CA PRO D 445 -9.14 -14.88 -12.11
C PRO D 445 -9.56 -13.65 -12.90
N GLY D 446 -10.41 -13.85 -13.90
CA GLY D 446 -10.96 -12.75 -14.68
C GLY D 446 -10.17 -12.47 -15.95
N GLU D 447 -9.10 -13.24 -16.17
CA GLU D 447 -8.23 -13.05 -17.32
C GLU D 447 -8.35 -14.19 -18.31
N THR D 448 -8.04 -13.89 -19.57
CA THR D 448 -7.94 -14.92 -20.61
C THR D 448 -6.50 -15.37 -20.74
N LEU D 449 -6.27 -16.68 -20.58
CA LEU D 449 -5.01 -17.30 -20.95
C LEU D 449 -5.13 -17.88 -22.35
N ASN D 450 -4.19 -17.52 -23.23
CA ASN D 450 -4.14 -18.04 -24.58
C ASN D 450 -3.29 -19.30 -24.68
N VAL D 451 -3.92 -20.44 -24.91
CA VAL D 451 -3.16 -21.67 -25.05
C VAL D 451 -2.82 -21.95 -26.51
N ASN D 452 -1.53 -21.88 -26.82
CA ASN D 452 -1.00 -22.32 -28.10
C ASN D 452 -0.96 -23.84 -28.23
N PHE D 453 -1.58 -24.34 -29.29
CA PHE D 453 -1.48 -25.75 -29.71
C PHE D 453 -0.62 -25.82 -30.96
N LEU D 454 0.62 -26.27 -30.81
CA LEU D 454 1.53 -26.39 -31.94
C LEU D 454 1.68 -27.85 -32.39
N LEU D 455 1.29 -28.08 -33.64
CA LEU D 455 1.34 -29.39 -34.27
C LEU D 455 2.67 -29.64 -34.98
N ARG D 456 3.27 -30.80 -34.70
CA ARG D 456 4.33 -31.33 -35.55
C ARG D 456 3.92 -32.67 -36.12
N MET D 457 3.78 -32.72 -37.44
CA MET D 457 3.63 -34.01 -38.11
C MET D 457 3.75 -33.91 -39.63
N ASP D 458 3.99 -35.05 -40.28
CA ASP D 458 4.26 -35.07 -41.71
C ASP D 458 3.04 -34.65 -42.53
N ARG D 459 3.32 -33.96 -43.63
CA ARG D 459 2.31 -33.41 -44.53
C ARG D 459 1.28 -34.44 -45.01
N ALA D 460 1.72 -35.69 -45.13
CA ALA D 460 0.91 -36.77 -45.68
C ALA D 460 -0.37 -37.04 -44.88
N HIS D 461 -0.34 -36.79 -43.57
CA HIS D 461 -1.44 -37.19 -42.70
C HIS D 461 -2.02 -36.05 -41.88
N GLU D 462 -1.52 -34.84 -42.09
CA GLU D 462 -1.82 -33.73 -41.19
C GLU D 462 -3.20 -33.10 -41.36
N ALA D 463 -3.79 -33.26 -42.55
CA ALA D 463 -5.10 -32.67 -42.83
C ALA D 463 -6.24 -33.46 -42.18
N LYS D 464 -5.91 -34.65 -41.69
CA LYS D 464 -6.85 -35.50 -40.94
C LYS D 464 -7.19 -34.94 -39.56
N ILE D 465 -6.27 -34.17 -38.97
CA ILE D 465 -6.49 -33.54 -37.66
C ILE D 465 -7.34 -32.28 -37.80
N ARG D 466 -8.57 -32.34 -37.30
CA ARG D 466 -9.52 -31.23 -37.41
C ARG D 466 -9.84 -30.60 -36.04
N TYR D 467 -9.38 -31.23 -34.97
CA TYR D 467 -9.64 -30.75 -33.61
C TYR D 467 -8.66 -31.34 -32.59
N TYR D 468 -8.48 -30.63 -31.48
CA TYR D 468 -7.86 -31.18 -30.29
C TYR D 468 -8.89 -31.21 -29.18
N THR D 469 -8.82 -32.27 -28.36
CA THR D 469 -9.53 -32.31 -27.09
C THR D 469 -8.64 -31.79 -25.97
N TYR D 470 -9.14 -30.83 -25.21
CA TYR D 470 -8.43 -30.36 -24.01
C TYR D 470 -9.20 -30.64 -22.73
N LEU D 471 -8.43 -30.78 -21.65
CA LEU D 471 -8.95 -31.18 -20.36
C LEU D 471 -8.22 -30.40 -19.26
N ILE D 472 -9.00 -29.72 -18.41
CA ILE D 472 -8.50 -29.02 -17.23
C ILE D 472 -8.65 -29.90 -16.00
N MET D 473 -7.53 -30.26 -15.39
CA MET D 473 -7.54 -30.94 -14.11
C MET D 473 -7.16 -29.90 -13.06
N ASN D 474 -8.02 -29.75 -12.05
CA ASN D 474 -7.80 -28.78 -10.99
C ASN D 474 -8.36 -29.32 -9.70
N LYS D 475 -7.61 -29.15 -8.61
CA LYS D 475 -8.01 -29.67 -7.30
C LYS D 475 -8.51 -31.12 -7.33
N GLY D 476 -7.92 -31.92 -8.21
CA GLY D 476 -8.11 -33.37 -8.16
C GLY D 476 -9.31 -33.86 -8.97
N ARG D 477 -9.99 -32.94 -9.64
CA ARG D 477 -11.11 -33.29 -10.50
C ARG D 477 -11.01 -32.60 -11.87
N LEU D 478 -11.80 -33.09 -12.82
CA LEU D 478 -11.94 -32.46 -14.13
C LEU D 478 -12.78 -31.18 -14.04
N LEU D 479 -12.11 -30.04 -14.01
CA LEU D 479 -12.81 -28.75 -14.01
C LEU D 479 -13.62 -28.54 -15.27
N LYS D 480 -12.97 -28.74 -16.42
CA LYS D 480 -13.52 -28.36 -17.72
C LYS D 480 -12.93 -29.26 -18.80
N ALA D 481 -13.69 -29.47 -19.86
CA ALA D 481 -13.19 -30.20 -21.04
C ALA D 481 -13.84 -29.59 -22.28
N GLY D 482 -13.11 -29.56 -23.38
CA GLY D 482 -13.65 -29.03 -24.63
C GLY D 482 -12.79 -29.34 -25.83
N ARG D 483 -13.10 -28.68 -26.93
CA ARG D 483 -12.44 -28.93 -28.20
C ARG D 483 -11.86 -27.65 -28.76
N GLN D 484 -10.67 -27.77 -29.34
CA GLN D 484 -10.06 -26.69 -30.08
C GLN D 484 -10.07 -27.13 -31.54
N VAL D 485 -10.80 -26.40 -32.39
CA VAL D 485 -10.89 -26.76 -33.80
C VAL D 485 -9.61 -26.42 -34.55
N ARG D 486 -9.36 -27.15 -35.63
CA ARG D 486 -8.18 -26.93 -36.44
C ARG D 486 -8.52 -27.12 -37.91
N GLU D 487 -7.97 -26.25 -38.76
CA GLU D 487 -8.06 -26.40 -40.21
C GLU D 487 -6.76 -26.99 -40.74
N PRO D 488 -6.82 -27.67 -41.90
CA PRO D 488 -5.62 -28.28 -42.47
C PRO D 488 -4.55 -27.24 -42.81
N GLY D 489 -3.29 -27.58 -42.51
CA GLY D 489 -2.17 -26.66 -42.69
C GLY D 489 -1.89 -25.73 -41.52
N GLN D 490 -2.79 -25.67 -40.55
CA GLN D 490 -2.63 -24.77 -39.40
C GLN D 490 -1.73 -25.40 -38.32
N ASP D 491 -0.46 -25.00 -38.32
CA ASP D 491 0.53 -25.45 -37.34
C ASP D 491 0.19 -24.99 -35.93
N LEU D 492 -0.27 -23.75 -35.83
CA LEU D 492 -0.60 -23.12 -34.55
C LEU D 492 -2.06 -22.71 -34.49
N VAL D 493 -2.76 -23.18 -33.47
CA VAL D 493 -4.04 -22.60 -33.10
C VAL D 493 -4.03 -22.16 -31.65
N VAL D 494 -4.85 -21.16 -31.35
CA VAL D 494 -4.82 -20.51 -30.05
C VAL D 494 -6.19 -20.58 -29.39
N LEU D 495 -6.26 -21.25 -28.25
CA LEU D 495 -7.46 -21.33 -27.43
C LEU D 495 -7.48 -20.21 -26.40
N PRO D 496 -8.47 -19.33 -26.45
CA PRO D 496 -8.64 -18.34 -25.39
C PRO D 496 -9.40 -18.90 -24.18
N LEU D 497 -8.66 -19.36 -23.17
CA LEU D 497 -9.25 -19.93 -21.96
C LEU D 497 -9.57 -18.86 -20.92
N SER D 498 -10.79 -18.92 -20.38
CA SER D 498 -11.18 -18.04 -19.29
C SER D 498 -10.81 -18.63 -17.93
N ILE D 499 -9.95 -17.91 -17.22
CA ILE D 499 -9.59 -18.27 -15.85
C ILE D 499 -10.62 -17.67 -14.91
N THR D 500 -11.13 -18.49 -13.99
CA THR D 500 -12.02 -18.04 -12.93
C THR D 500 -11.44 -18.51 -11.61
N THR D 501 -12.10 -18.21 -10.50
CA THR D 501 -11.63 -18.60 -9.19
C THR D 501 -11.67 -20.11 -8.99
N ASP D 502 -12.31 -20.81 -9.93
CA ASP D 502 -12.40 -22.26 -9.86
C ASP D 502 -11.02 -22.83 -10.15
N PHE D 503 -10.16 -22.01 -10.78
CA PHE D 503 -8.82 -22.42 -11.24
C PHE D 503 -7.70 -22.23 -10.20
N ILE D 504 -8.00 -21.56 -9.08
CA ILE D 504 -7.03 -21.51 -7.95
C ILE D 504 -6.84 -22.91 -7.30
N PRO D 505 -5.63 -23.28 -6.88
CA PRO D 505 -4.44 -22.43 -6.85
C PRO D 505 -3.56 -22.52 -8.11
N SER D 506 -3.88 -23.50 -8.97
CA SER D 506 -3.11 -23.85 -10.14
C SER D 506 -3.88 -25.00 -10.81
N PHE D 507 -3.53 -25.32 -12.06
CA PHE D 507 -4.21 -26.37 -12.79
C PHE D 507 -3.31 -27.01 -13.84
N ARG D 508 -3.78 -28.10 -14.43
CA ARG D 508 -3.05 -28.75 -15.51
C ARG D 508 -3.95 -28.82 -16.73
N LEU D 509 -3.40 -28.44 -17.87
CA LEU D 509 -4.12 -28.57 -19.14
C LEU D 509 -3.41 -29.65 -19.94
N VAL D 510 -4.17 -30.65 -20.36
CA VAL D 510 -3.67 -31.67 -21.27
C VAL D 510 -4.53 -31.70 -22.50
N ALA D 511 -3.92 -31.93 -23.66
CA ALA D 511 -4.63 -31.96 -24.92
C ALA D 511 -4.18 -33.16 -25.70
N TYR D 512 -5.05 -33.64 -26.59
CA TYR D 512 -4.62 -34.67 -27.51
C TYR D 512 -5.28 -34.54 -28.87
N TYR D 513 -4.65 -35.15 -29.86
CA TYR D 513 -5.32 -35.53 -31.09
C TYR D 513 -5.16 -37.01 -31.37
N THR D 514 -6.07 -37.52 -32.18
CA THR D 514 -6.01 -38.90 -32.60
C THR D 514 -6.24 -39.02 -34.10
N LEU D 515 -5.59 -40.00 -34.71
CA LEU D 515 -5.79 -40.30 -36.13
C LEU D 515 -5.48 -41.76 -36.45
N ILE D 516 -5.86 -42.19 -37.64
CA ILE D 516 -5.27 -43.36 -38.26
C ILE D 516 -4.18 -42.90 -39.24
N GLY D 517 -3.00 -43.56 -39.19
CA GLY D 517 -1.82 -43.04 -39.89
C GLY D 517 -0.92 -44.03 -40.63
N ALA D 518 0.31 -44.16 -40.13
CA ALA D 518 1.37 -44.97 -40.74
C ALA D 518 0.85 -45.93 -41.81
N SER D 519 0.06 -46.91 -41.38
CA SER D 519 -0.67 -47.77 -42.30
C SER D 519 -1.74 -48.53 -41.54
N GLY D 520 -2.88 -47.89 -41.36
CA GLY D 520 -3.99 -48.48 -40.60
C GLY D 520 -3.80 -48.27 -39.11
N GLN D 521 -2.65 -47.73 -38.74
CA GLN D 521 -2.27 -47.56 -37.33
C GLN D 521 -3.02 -46.41 -36.64
N ARG D 522 -3.68 -46.73 -35.53
CA ARG D 522 -4.32 -45.73 -34.70
C ARG D 522 -3.31 -45.03 -33.79
N GLU D 523 -3.33 -43.70 -33.82
CA GLU D 523 -2.31 -42.91 -33.18
C GLU D 523 -2.92 -41.91 -32.21
N VAL D 524 -2.46 -41.96 -30.96
CA VAL D 524 -2.84 -40.96 -29.98
C VAL D 524 -1.62 -40.13 -29.62
N VAL D 525 -1.76 -38.80 -29.79
CA VAL D 525 -0.67 -37.88 -29.52
C VAL D 525 -1.09 -36.85 -28.47
N ALA D 526 -0.34 -36.77 -27.37
CA ALA D 526 -0.73 -35.90 -26.25
C ALA D 526 0.36 -34.96 -25.75
N ASP D 527 -0.06 -33.80 -25.26
CA ASP D 527 0.82 -32.95 -24.46
C ASP D 527 0.11 -32.48 -23.20
N SER D 528 0.86 -31.83 -22.31
CA SER D 528 0.29 -31.28 -21.09
C SER D 528 1.14 -30.14 -20.55
N VAL D 529 0.49 -29.25 -19.80
CA VAL D 529 1.13 -28.07 -19.26
C VAL D 529 0.59 -27.79 -17.84
N TRP D 530 1.48 -27.39 -16.92
CA TRP D 530 1.10 -27.01 -15.55
C TRP D 530 1.04 -25.48 -15.44
N VAL D 531 -0.11 -24.93 -15.05
CA VAL D 531 -0.26 -23.46 -15.00
C VAL D 531 -0.58 -22.96 -13.59
N ASP D 532 0.31 -22.15 -13.05
CA ASP D 532 0.09 -21.46 -11.78
C ASP D 532 -0.96 -20.33 -11.93
N VAL D 533 -1.84 -20.21 -10.95
CA VAL D 533 -2.82 -19.13 -10.85
C VAL D 533 -2.59 -18.38 -9.55
N LYS D 534 -2.71 -17.06 -9.59
CA LYS D 534 -2.44 -16.24 -8.42
C LYS D 534 -3.41 -16.61 -7.32
N ASP D 535 -2.84 -17.04 -6.20
CA ASP D 535 -3.63 -17.44 -5.06
C ASP D 535 -4.29 -16.24 -4.41
N SER D 536 -5.58 -16.38 -4.12
CA SER D 536 -6.26 -15.52 -3.17
C SER D 536 -7.36 -16.36 -2.59
N CYS D 537 -8.23 -15.76 -1.77
CA CYS D 537 -9.49 -16.40 -1.48
C CYS D 537 -10.26 -16.44 -2.78
N VAL D 538 -11.23 -17.36 -2.87
CA VAL D 538 -12.17 -17.36 -3.99
C VAL D 538 -13.00 -16.09 -3.94
N GLY D 539 -13.54 -15.78 -2.76
CA GLY D 539 -14.13 -14.48 -2.52
C GLY D 539 -13.14 -13.51 -1.89
N SER D 540 -13.55 -12.92 -0.75
CA SER D 540 -12.94 -11.70 -0.25
C SER D 540 -13.33 -11.56 1.21
N LEU D 541 -12.35 -11.33 2.07
CA LEU D 541 -12.65 -10.97 3.45
C LEU D 541 -11.72 -9.85 3.94
N VAL D 542 -12.33 -8.75 4.34
CA VAL D 542 -11.60 -7.65 4.92
C VAL D 542 -12.23 -7.25 6.26
N VAL D 543 -11.36 -7.16 7.30
CA VAL D 543 -11.76 -6.47 8.53
C VAL D 543 -11.03 -5.13 8.64
N LYS D 544 -11.81 -4.05 9.00
CA LYS D 544 -11.18 -2.73 9.11
C LYS D 544 -11.97 -1.80 10.11
N SER D 545 -11.63 -0.52 10.15
CA SER D 545 -12.29 0.41 11.06
C SER D 545 -13.65 0.92 10.47
N GLY D 546 -14.63 1.00 11.42
CA GLY D 546 -15.99 1.36 10.98
C GLY D 546 -16.37 2.82 11.29
N GLN D 547 -15.65 3.37 12.35
CA GLN D 547 -15.94 4.75 12.77
C GLN D 547 -14.70 5.67 12.54
N SER D 548 -14.96 6.99 12.67
CA SER D 548 -14.04 7.99 12.08
C SER D 548 -12.88 8.43 13.01
N GLU D 549 -11.70 7.84 12.72
CA GLU D 549 -10.44 8.63 12.56
C GLU D 549 -9.12 7.85 12.84
N ASP D 550 -8.16 8.40 13.58
CA ASP D 550 -8.33 9.14 14.86
C ASP D 550 -7.22 8.59 15.77
N ARG D 551 -6.42 9.50 16.33
CA ARG D 551 -5.18 9.07 17.01
C ARG D 551 -5.39 8.15 18.23
N GLN D 552 -5.87 6.93 17.95
CA GLN D 552 -5.92 5.81 18.93
C GLN D 552 -7.09 5.85 19.90
N PRO D 553 -7.80 4.74 20.01
CA PRO D 553 -8.79 4.55 21.06
C PRO D 553 -8.24 4.29 22.49
N VAL D 554 -9.12 4.49 23.47
CA VAL D 554 -8.77 4.51 24.88
C VAL D 554 -9.33 3.23 25.50
N PRO D 555 -8.67 2.69 26.53
CA PRO D 555 -9.11 1.41 27.13
C PRO D 555 -10.58 1.46 27.55
N GLY D 556 -11.31 0.37 27.33
CA GLY D 556 -12.72 0.31 27.65
C GLY D 556 -13.62 0.96 26.60
N GLN D 557 -13.02 1.78 25.73
CA GLN D 557 -13.78 2.51 24.73
C GLN D 557 -14.45 1.58 23.71
N GLN D 558 -15.65 1.95 23.28
CA GLN D 558 -16.32 1.20 22.22
C GLN D 558 -15.83 1.66 20.86
N MET D 559 -15.77 0.71 19.90
CA MET D 559 -15.47 1.09 18.54
C MET D 559 -16.23 0.24 17.53
N THR D 560 -16.33 0.84 16.23
CA THR D 560 -17.01 0.14 15.17
C THR D 560 -16.04 -0.59 14.27
N LEU D 561 -16.21 -1.95 14.22
CA LEU D 561 -15.45 -2.82 13.32
C LEU D 561 -16.22 -2.87 11.99
N LYS D 562 -15.48 -2.91 10.89
CA LYS D 562 -16.10 -3.04 9.58
C LYS D 562 -15.63 -4.34 8.94
N ILE D 563 -16.60 -5.22 8.61
CA ILE D 563 -16.32 -6.50 7.96
C ILE D 563 -16.95 -6.56 6.56
N GLU D 564 -16.10 -6.66 5.53
CA GLU D 564 -16.58 -6.78 4.17
C GLU D 564 -16.25 -8.18 3.65
N GLY D 565 -17.25 -8.86 3.08
CA GLY D 565 -17.08 -10.27 2.70
C GLY D 565 -18.13 -10.77 1.75
N ASP D 566 -18.25 -12.09 1.63
CA ASP D 566 -19.24 -12.70 0.75
C ASP D 566 -20.62 -12.73 1.40
N HIS D 567 -21.64 -12.40 0.62
CA HIS D 567 -23.04 -12.47 1.06
C HIS D 567 -23.39 -13.87 1.59
N GLY D 568 -23.90 -13.94 2.82
CA GLY D 568 -24.36 -15.20 3.42
C GLY D 568 -23.24 -16.03 4.04
N ALA D 569 -22.05 -15.44 4.14
CA ALA D 569 -20.94 -16.09 4.80
C ALA D 569 -21.08 -16.01 6.34
N ARG D 570 -20.62 -17.07 7.00
CA ARG D 570 -20.36 -17.08 8.43
C ARG D 570 -18.91 -16.61 8.71
N VAL D 571 -18.77 -15.57 9.51
CA VAL D 571 -17.48 -14.99 9.87
C VAL D 571 -17.20 -15.32 11.33
N VAL D 572 -16.02 -15.85 11.61
CA VAL D 572 -15.63 -16.10 13.01
C VAL D 572 -14.40 -15.27 13.36
N LEU D 573 -14.33 -14.82 14.62
CA LEU D 573 -13.32 -13.85 15.04
C LEU D 573 -12.49 -14.25 16.28
N VAL D 574 -11.34 -13.59 16.43
CA VAL D 574 -10.63 -13.48 17.70
C VAL D 574 -9.97 -12.12 17.73
N ALA D 575 -9.77 -11.60 18.93
CA ALA D 575 -8.76 -10.56 19.14
C ALA D 575 -7.71 -11.12 20.08
N VAL D 576 -6.45 -10.96 19.68
CA VAL D 576 -5.33 -11.46 20.49
C VAL D 576 -4.35 -10.33 20.78
N ASP D 577 -3.91 -10.25 22.03
CA ASP D 577 -2.87 -9.30 22.41
C ASP D 577 -1.56 -9.70 21.72
N LYS D 578 -0.93 -8.74 21.05
CA LYS D 578 0.27 -9.03 20.25
C LYS D 578 1.46 -9.49 21.08
N GLY D 579 1.42 -9.20 22.39
CA GLY D 579 2.43 -9.68 23.34
C GLY D 579 2.42 -11.19 23.41
N VAL D 580 1.28 -11.78 23.04
CA VAL D 580 1.18 -13.23 22.93
C VAL D 580 2.14 -13.73 21.85
N PHE D 581 2.24 -12.98 20.75
CA PHE D 581 3.08 -13.37 19.61
C PHE D 581 4.57 -13.08 19.80
N VAL D 582 4.91 -12.19 20.73
CA VAL D 582 6.28 -11.97 21.12
C VAL D 582 6.83 -13.28 21.73
N LEU D 583 5.95 -14.03 22.38
CA LEU D 583 6.34 -15.29 23.02
C LEU D 583 6.30 -16.44 22.04
N ASN D 584 5.35 -16.42 21.11
CA ASN D 584 5.19 -17.51 20.16
C ASN D 584 4.33 -17.12 18.96
N LYS D 585 4.91 -17.15 17.76
CA LYS D 585 4.13 -16.81 16.57
C LYS D 585 4.04 -17.94 15.55
N LYS D 586 4.26 -19.17 15.99
CA LYS D 586 4.08 -20.34 15.13
C LYS D 586 2.61 -20.84 15.06
N ASN D 587 2.29 -21.54 13.98
CA ASN D 587 1.05 -22.30 13.84
C ASN D 587 -0.22 -21.49 13.58
N LYS D 588 -0.05 -20.22 13.24
CA LYS D 588 -1.22 -19.41 12.85
C LYS D 588 -1.79 -19.86 11.51
N LEU D 589 -3.12 -19.96 11.45
CA LEU D 589 -3.85 -20.32 10.23
C LEU D 589 -3.78 -19.16 9.25
N THR D 590 -3.29 -19.44 8.04
CA THR D 590 -3.34 -18.46 6.96
C THR D 590 -3.91 -19.10 5.70
N GLN D 591 -4.31 -18.26 4.77
CA GLN D 591 -4.87 -18.67 3.50
C GLN D 591 -3.83 -19.39 2.65
N SER D 592 -2.57 -18.96 2.72
CA SER D 592 -1.49 -19.62 2.00
C SER D 592 -1.18 -21.02 2.53
N LYS D 593 -1.48 -21.27 3.80
CA LYS D 593 -1.30 -22.60 4.35
C LYS D 593 -2.43 -23.51 3.93
N ILE D 594 -3.57 -22.91 3.60
CA ILE D 594 -4.69 -23.65 3.04
C ILE D 594 -4.40 -24.03 1.59
N TRP D 595 -3.95 -23.07 0.79
CA TRP D 595 -3.58 -23.38 -0.59
C TRP D 595 -2.36 -24.30 -0.70
N ASP D 596 -1.51 -24.30 0.31
CA ASP D 596 -0.37 -25.20 0.30
C ASP D 596 -0.81 -26.66 0.53
N VAL D 597 -1.75 -26.87 1.45
CA VAL D 597 -2.37 -28.17 1.69
C VAL D 597 -3.05 -28.71 0.42
N VAL D 598 -3.87 -27.86 -0.19
CA VAL D 598 -4.51 -28.15 -1.49
C VAL D 598 -3.56 -28.65 -2.57
N GLU D 599 -2.53 -27.86 -2.88
CA GLU D 599 -1.54 -28.22 -3.89
C GLU D 599 -0.77 -29.52 -3.56
N LYS D 600 -0.63 -29.84 -2.28
CA LYS D 600 0.10 -31.03 -1.87
C LYS D 600 -0.71 -32.27 -2.18
N ALA D 601 -2.02 -32.08 -2.34
CA ALA D 601 -2.95 -33.18 -2.56
C ALA D 601 -3.27 -33.39 -4.04
N ASP D 602 -2.56 -32.68 -4.91
CA ASP D 602 -2.69 -32.88 -6.36
C ASP D 602 -2.56 -34.34 -6.74
N ILE D 603 -3.36 -34.78 -7.69
CA ILE D 603 -3.20 -36.12 -8.22
C ILE D 603 -2.43 -36.12 -9.54
N GLY D 604 -2.18 -34.93 -10.07
CA GLY D 604 -1.11 -34.73 -11.03
C GLY D 604 0.21 -34.65 -10.31
N CYS D 605 1.27 -35.15 -10.94
CA CYS D 605 2.56 -35.33 -10.28
C CYS D 605 3.72 -34.54 -10.88
N THR D 606 3.57 -34.14 -12.14
CA THR D 606 4.67 -33.51 -12.87
C THR D 606 4.24 -32.19 -13.49
N PRO D 607 5.24 -31.42 -13.94
CA PRO D 607 5.00 -30.14 -14.60
C PRO D 607 4.62 -30.24 -16.07
N GLY D 608 4.46 -31.45 -16.59
CA GLY D 608 3.87 -31.59 -17.93
C GLY D 608 4.55 -32.58 -18.84
N SER D 609 4.06 -32.67 -20.08
CA SER D 609 4.46 -33.71 -21.04
C SER D 609 4.58 -35.09 -20.40
N GLY D 610 5.16 -36.03 -21.11
CA GLY D 610 5.39 -37.36 -20.54
C GLY D 610 6.21 -38.24 -21.45
N LYS D 611 6.43 -39.47 -20.98
CA LYS D 611 7.21 -40.48 -21.68
C LYS D 611 6.58 -40.84 -23.02
N ASP D 612 5.25 -40.86 -23.02
CA ASP D 612 4.45 -41.02 -24.23
C ASP D 612 3.06 -40.46 -23.97
N TYR D 613 2.16 -40.63 -24.92
CA TYR D 613 0.80 -40.14 -24.77
C TYR D 613 0.18 -40.69 -23.46
N ALA D 614 0.47 -41.95 -23.16
CA ALA D 614 -0.05 -42.58 -21.95
C ALA D 614 0.46 -41.92 -20.68
N GLY D 615 1.77 -41.69 -20.63
CA GLY D 615 2.41 -41.04 -19.49
C GLY D 615 2.00 -39.59 -19.36
N VAL D 616 1.73 -38.93 -20.49
CA VAL D 616 1.17 -37.60 -20.43
C VAL D 616 -0.11 -37.57 -19.59
N PHE D 617 -1.10 -38.37 -19.97
CA PHE D 617 -2.40 -38.37 -19.30
C PHE D 617 -2.19 -38.75 -17.85
N SER D 618 -1.40 -39.82 -17.68
CA SER D 618 -1.19 -40.43 -16.39
C SER D 618 -0.47 -39.51 -15.39
N ASP D 619 0.57 -38.83 -15.86
CA ASP D 619 1.30 -37.83 -15.08
C ASP D 619 0.45 -36.62 -14.67
N ALA D 620 -0.53 -36.26 -15.48
CA ALA D 620 -1.37 -35.09 -15.18
C ALA D 620 -2.58 -35.46 -14.31
N GLY D 621 -2.71 -36.75 -13.99
CA GLY D 621 -3.73 -37.23 -13.06
C GLY D 621 -4.98 -37.81 -13.71
N LEU D 622 -4.82 -38.35 -14.93
CA LEU D 622 -5.94 -38.78 -15.78
C LEU D 622 -5.82 -40.22 -16.24
N THR D 623 -6.95 -40.89 -16.41
CA THR D 623 -7.01 -42.07 -17.25
C THR D 623 -7.42 -41.72 -18.66
N PHE D 624 -6.94 -42.51 -19.61
CA PHE D 624 -7.44 -42.55 -20.96
C PHE D 624 -7.62 -44.00 -21.34
N THR D 625 -8.79 -44.35 -21.88
CA THR D 625 -9.03 -45.68 -22.41
C THR D 625 -9.88 -45.55 -23.66
N SER D 626 -9.48 -46.25 -24.72
CA SER D 626 -10.21 -46.21 -25.99
C SER D 626 -10.62 -47.61 -26.44
N SER D 627 -11.50 -47.65 -27.44
CA SER D 627 -12.13 -48.92 -27.88
C SER D 627 -11.20 -49.79 -28.71
N SER D 628 -10.08 -49.23 -29.16
CA SER D 628 -9.10 -49.97 -29.93
C SER D 628 -7.84 -50.27 -29.12
N GLY D 629 -7.95 -50.14 -27.80
CA GLY D 629 -6.91 -50.64 -26.89
C GLY D 629 -5.80 -49.66 -26.56
N GLN D 630 -6.01 -48.37 -26.83
CA GLN D 630 -5.07 -47.36 -26.36
C GLN D 630 -5.47 -46.97 -24.94
N GLN D 631 -4.52 -47.06 -24.02
CA GLN D 631 -4.82 -46.68 -22.64
C GLN D 631 -3.61 -46.29 -21.78
N THR D 632 -3.87 -45.48 -20.76
CA THR D 632 -2.92 -45.25 -19.69
C THR D 632 -2.70 -46.54 -18.92
N ALA D 633 -1.50 -46.71 -18.38
CA ALA D 633 -1.23 -47.82 -17.47
C ALA D 633 -1.94 -47.59 -16.13
N GLN D 634 -2.30 -48.68 -15.46
CA GLN D 634 -3.06 -48.60 -14.22
C GLN D 634 -2.27 -47.85 -13.13
N ARG D 635 -2.94 -46.89 -12.49
CA ARG D 635 -2.40 -46.22 -11.32
C ARG D 635 -2.85 -46.93 -10.05
N ALA D 636 -1.89 -47.50 -9.32
CA ALA D 636 -2.17 -48.24 -8.10
C ALA D 636 -1.89 -47.41 -6.85
N GLU D 637 -1.03 -46.40 -7.00
CA GLU D 637 -0.48 -45.64 -5.88
C GLU D 637 -1.29 -44.37 -5.57
N LEU D 638 -1.58 -44.15 -4.29
CA LEU D 638 -2.44 -43.04 -3.85
C LEU D 638 -1.70 -41.71 -3.76
N GLN D 639 -0.37 -41.76 -3.76
CA GLN D 639 0.44 -40.56 -3.70
C GLN D 639 1.27 -40.47 -4.97
N CYS D 640 2.01 -39.38 -5.12
CA CYS D 640 2.94 -39.25 -6.22
C CYS D 640 4.20 -40.06 -5.95
N PRO D 641 4.81 -40.59 -7.01
CA PRO D 641 6.15 -41.16 -6.91
C PRO D 641 7.13 -40.24 -6.18
N GLN D 642 7.90 -40.82 -5.26
CA GLN D 642 8.92 -40.10 -4.48
C GLN D 642 10.01 -39.49 -5.37
N PRO D 643 10.55 -38.35 -4.94
CA PRO D 643 11.57 -37.63 -5.71
C PRO D 643 12.98 -38.14 -5.45
N GLU E 5 -5.83 17.24 47.42
CA GLU E 5 -6.81 18.36 47.25
C GLU E 5 -6.88 18.87 45.80
N ASP E 6 -5.67 19.11 45.20
CA ASP E 6 -5.55 19.39 43.77
C ASP E 6 -5.20 18.11 43.00
N ILE E 7 -5.91 17.03 43.35
CA ILE E 7 -5.58 15.68 42.92
C ILE E 7 -6.74 14.75 43.25
N ILE E 8 -7.07 13.86 42.30
CA ILE E 8 -8.20 12.94 42.47
C ILE E 8 -7.96 12.00 43.66
N ALA E 9 -9.02 11.77 44.47
CA ALA E 9 -8.90 10.91 45.64
C ALA E 9 -8.89 9.42 45.26
N GLU E 10 -8.00 8.66 45.91
CA GLU E 10 -7.86 7.21 45.66
C GLU E 10 -9.19 6.49 45.39
N GLU E 11 -10.16 6.72 46.25
CA GLU E 11 -11.44 6.01 46.19
C GLU E 11 -12.28 6.34 44.94
N ASN E 12 -11.92 7.42 44.23
CA ASN E 12 -12.62 7.81 42.99
C ASN E 12 -11.96 7.32 41.70
N ILE E 13 -10.83 6.64 41.83
CA ILE E 13 -10.19 5.97 40.71
C ILE E 13 -10.71 4.54 40.63
N VAL E 14 -11.35 4.20 39.51
CA VAL E 14 -11.66 2.81 39.22
C VAL E 14 -10.54 2.23 38.36
N SER E 15 -9.97 1.14 38.83
CA SER E 15 -8.78 0.59 38.22
C SER E 15 -9.15 -0.26 37.02
N ARG E 16 -8.30 -0.24 36.00
CA ARG E 16 -8.43 -1.15 34.87
C ARG E 16 -8.19 -2.58 35.36
N SER E 17 -8.98 -3.52 34.85
CA SER E 17 -8.93 -4.90 35.32
C SER E 17 -9.20 -5.97 34.25
N GLU E 18 -9.66 -5.57 33.08
CA GLU E 18 -9.98 -6.55 32.04
C GLU E 18 -8.81 -6.78 31.11
N PHE E 19 -8.02 -7.83 31.40
CA PHE E 19 -6.73 -8.03 30.73
C PHE E 19 -6.60 -9.40 30.04
N PRO E 20 -7.56 -9.78 29.20
CA PRO E 20 -7.51 -11.09 28.56
C PRO E 20 -6.43 -11.11 27.46
N GLU E 21 -5.86 -12.29 27.22
CA GLU E 21 -4.86 -12.46 26.15
C GLU E 21 -5.53 -12.63 24.77
N SER E 22 -6.72 -13.20 24.78
CA SER E 22 -7.63 -13.16 23.64
C SER E 22 -9.04 -12.87 24.12
N TRP E 23 -9.84 -12.28 23.23
CA TRP E 23 -11.26 -12.17 23.45
C TRP E 23 -11.92 -12.23 22.07
N LEU E 24 -13.16 -11.77 21.98
CA LEU E 24 -13.88 -11.65 20.70
C LEU E 24 -13.93 -12.97 19.96
N TRP E 25 -14.05 -14.07 20.70
CA TRP E 25 -14.35 -15.37 20.12
C TRP E 25 -15.80 -15.34 19.63
N ASN E 26 -16.02 -14.62 18.54
CA ASN E 26 -17.38 -14.34 18.06
C ASN E 26 -17.63 -14.82 16.65
N VAL E 27 -18.85 -15.31 16.43
CA VAL E 27 -19.34 -15.68 15.09
C VAL E 27 -20.41 -14.70 14.59
N GLU E 28 -20.31 -14.30 13.34
CA GLU E 28 -21.24 -13.32 12.75
C GLU E 28 -21.50 -13.66 11.28
N ASP E 29 -22.77 -13.65 10.89
CA ASP E 29 -23.14 -13.93 9.49
C ASP E 29 -23.37 -12.65 8.68
N LEU E 30 -22.98 -12.68 7.40
CA LEU E 30 -23.03 -11.48 6.54
C LEU E 30 -24.30 -11.42 5.70
N LYS E 31 -25.37 -10.83 6.33
CA LYS E 31 -26.72 -10.93 5.75
C LYS E 31 -27.19 -9.61 5.10
N GLU E 32 -26.46 -8.47 5.42
CA GLU E 32 -26.96 -7.13 5.05
C GLU E 32 -26.84 -6.99 3.50
N PRO E 33 -27.90 -6.36 2.91
CA PRO E 33 -28.10 -6.34 1.39
C PRO E 33 -26.71 -6.06 0.57
N PRO E 34 -26.27 -7.07 -0.25
CA PRO E 34 -24.91 -7.06 -0.82
C PRO E 34 -24.77 -6.08 -1.97
N LYS E 35 -23.50 -5.41 -2.06
CA LYS E 35 -23.16 -4.58 -3.18
C LYS E 35 -22.07 -5.34 -4.10
N ASN E 36 -22.47 -5.73 -5.44
CA ASN E 36 -21.58 -6.56 -6.30
C ASN E 36 -21.06 -7.84 -5.50
N GLY E 37 -22.11 -8.45 -4.79
CA GLY E 37 -21.77 -9.71 -4.05
C GLY E 37 -20.75 -9.53 -2.90
N ILE E 38 -20.75 -8.32 -2.27
CA ILE E 38 -20.01 -8.08 -1.01
C ILE E 38 -20.95 -7.51 0.07
N SER E 39 -21.03 -8.26 1.22
CA SER E 39 -21.80 -7.76 2.38
C SER E 39 -20.92 -7.08 3.43
N THR E 40 -21.49 -6.00 4.06
CA THR E 40 -20.77 -5.21 5.04
C THR E 40 -21.48 -5.36 6.41
N LYS E 41 -20.83 -6.06 7.37
CA LYS E 41 -21.32 -6.07 8.76
C LYS E 41 -20.64 -4.92 9.52
N LEU E 42 -21.53 -4.14 10.21
CA LEU E 42 -21.04 -3.10 11.11
C LEU E 42 -21.20 -3.56 12.57
N MET E 43 -20.07 -3.65 13.27
CA MET E 43 -19.98 -4.36 14.54
C MET E 43 -19.46 -3.46 15.67
N ASN E 44 -20.34 -3.28 16.70
CA ASN E 44 -19.93 -2.54 17.89
C ASN E 44 -19.22 -3.44 18.90
N ILE E 45 -18.00 -3.08 19.25
CA ILE E 45 -17.24 -3.81 20.27
C ILE E 45 -16.80 -2.87 21.39
N PHE E 46 -16.54 -3.45 22.57
CA PHE E 46 -15.97 -2.70 23.68
C PHE E 46 -14.55 -3.16 23.99
N LEU E 47 -13.59 -2.30 23.64
CA LEU E 47 -12.19 -2.57 23.89
C LEU E 47 -11.98 -2.94 25.34
N LYS E 48 -11.12 -3.94 25.56
CA LYS E 48 -10.72 -4.36 26.90
C LYS E 48 -9.83 -3.31 27.57
N ASP E 49 -9.27 -3.64 28.73
CA ASP E 49 -8.55 -2.62 29.49
C ASP E 49 -7.07 -2.49 29.15
N SER E 50 -6.53 -3.49 28.47
CA SER E 50 -5.11 -3.53 28.18
C SER E 50 -4.67 -2.40 27.27
N ILE E 51 -3.42 -1.97 27.45
CA ILE E 51 -2.79 -0.98 26.59
C ILE E 51 -1.79 -1.67 25.67
N THR E 52 -2.31 -2.17 24.56
CA THR E 52 -1.54 -2.92 23.55
C THR E 52 -1.93 -2.54 22.15
N THR E 53 -1.42 -3.33 21.23
CA THR E 53 -2.08 -3.58 19.96
C THR E 53 -2.82 -4.93 20.04
N TRP E 54 -4.10 -4.91 19.69
CA TRP E 54 -4.86 -6.09 19.41
C TRP E 54 -4.72 -6.50 17.94
N GLU E 55 -4.50 -7.78 17.68
CA GLU E 55 -4.57 -8.34 16.33
C GLU E 55 -5.88 -9.11 16.15
N ILE E 56 -6.70 -8.64 15.22
CA ILE E 56 -7.98 -9.25 14.95
C ILE E 56 -7.93 -10.10 13.69
N LEU E 57 -8.11 -11.40 13.86
CA LEU E 57 -8.17 -12.34 12.75
C LEU E 57 -9.61 -12.75 12.47
N ALA E 58 -10.05 -12.54 11.23
CA ALA E 58 -11.36 -13.04 10.79
C ALA E 58 -11.21 -14.20 9.81
N VAL E 59 -12.12 -15.16 9.90
CA VAL E 59 -12.16 -16.28 8.99
C VAL E 59 -13.60 -16.46 8.54
N SER E 60 -13.83 -16.55 7.24
CA SER E 60 -15.19 -16.68 6.74
C SER E 60 -15.41 -18.04 6.11
N MET E 61 -16.60 -18.60 6.28
CA MET E 61 -17.03 -19.76 5.53
C MET E 61 -18.27 -19.43 4.68
N SER E 62 -18.31 -19.92 3.46
CA SER E 62 -19.43 -19.64 2.55
C SER E 62 -19.73 -20.85 1.66
N ASP E 63 -21.02 -21.04 1.35
CA ASP E 63 -21.52 -22.22 0.60
C ASP E 63 -21.10 -22.27 -0.86
N LYS E 64 -20.77 -21.12 -1.43
CA LYS E 64 -20.34 -21.04 -2.83
C LYS E 64 -18.88 -20.61 -2.94
N LYS E 65 -18.37 -19.89 -1.95
CA LYS E 65 -17.03 -19.31 -2.02
C LYS E 65 -15.99 -20.02 -1.17
N GLY E 66 -16.41 -20.95 -0.33
CA GLY E 66 -15.47 -21.72 0.50
C GLY E 66 -14.91 -20.98 1.72
N ILE E 67 -13.66 -21.30 2.06
CA ILE E 67 -13.04 -20.79 3.28
C ILE E 67 -12.09 -19.62 3.00
N CYS E 68 -12.15 -18.57 3.82
CA CYS E 68 -11.31 -17.41 3.58
C CYS E 68 -10.82 -16.80 4.88
N VAL E 69 -9.51 -16.81 5.10
CA VAL E 69 -8.92 -16.19 6.27
C VAL E 69 -8.31 -14.85 5.89
N ALA E 70 -8.78 -13.79 6.56
CA ALA E 70 -8.42 -12.43 6.15
C ALA E 70 -7.02 -12.08 6.62
N ASP E 71 -6.44 -11.02 6.06
CA ASP E 71 -5.24 -10.42 6.63
C ASP E 71 -5.63 -9.94 8.01
N PRO E 72 -4.76 -10.08 8.99
CA PRO E 72 -5.10 -9.69 10.36
C PRO E 72 -5.26 -8.17 10.42
N PHE E 73 -6.16 -7.68 11.25
CA PHE E 73 -6.35 -6.22 11.46
C PHE E 73 -5.95 -5.76 12.88
N GLU E 74 -5.17 -4.69 12.95
CA GLU E 74 -4.64 -4.25 14.25
C GLU E 74 -5.32 -3.01 14.80
N VAL E 75 -5.57 -3.02 16.11
CA VAL E 75 -6.00 -1.84 16.87
C VAL E 75 -5.05 -1.56 18.05
N THR E 76 -4.43 -0.39 18.05
CA THR E 76 -3.63 0.08 19.19
C THR E 76 -4.48 0.86 20.16
N VAL E 77 -4.44 0.42 21.41
CA VAL E 77 -5.10 1.10 22.51
C VAL E 77 -4.04 1.71 23.43
N MET E 78 -4.25 2.94 23.85
CA MET E 78 -3.18 3.81 24.29
C MET E 78 -3.71 4.93 25.19
N GLN E 79 -2.86 5.42 26.08
CA GLN E 79 -3.19 6.46 27.04
C GLN E 79 -1.99 7.39 27.22
N ASP E 80 -2.24 8.62 27.62
CA ASP E 80 -1.19 9.57 27.91
C ASP E 80 -0.39 9.21 29.16
N PHE E 81 -1.10 8.67 30.15
CA PHE E 81 -0.51 8.30 31.43
C PHE E 81 -1.15 6.99 31.91
N PHE E 82 -0.31 6.03 32.25
CA PHE E 82 -0.80 4.73 32.73
C PHE E 82 0.25 4.02 33.58
N ILE E 83 -0.22 3.11 34.43
CA ILE E 83 0.63 2.15 35.13
C ILE E 83 0.74 0.87 34.32
N ASP E 84 1.92 0.25 34.34
CA ASP E 84 2.10 -1.14 33.92
C ASP E 84 2.50 -1.90 35.16
N LEU E 85 1.59 -2.74 35.64
CA LEU E 85 1.87 -3.51 36.83
C LEU E 85 2.51 -4.82 36.40
N ARG E 86 3.83 -4.89 36.52
CA ARG E 86 4.60 -6.06 36.10
C ARG E 86 4.64 -7.10 37.21
N LEU E 87 3.71 -8.06 37.17
CA LEU E 87 3.66 -9.12 38.20
C LEU E 87 4.25 -10.41 37.66
N PRO E 88 4.89 -11.21 38.51
CA PRO E 88 5.37 -12.52 38.08
C PRO E 88 4.19 -13.46 37.82
N TYR E 89 4.43 -14.54 37.07
CA TYR E 89 3.40 -15.55 36.84
C TYR E 89 2.92 -16.08 38.19
N SER E 90 3.87 -16.50 39.02
CA SER E 90 3.54 -17.01 40.35
C SER E 90 4.60 -16.59 41.34
N VAL E 91 4.22 -16.58 42.63
CA VAL E 91 5.15 -16.36 43.73
C VAL E 91 4.85 -17.39 44.82
N VAL E 92 5.81 -17.60 45.71
CA VAL E 92 5.68 -18.61 46.77
C VAL E 92 5.15 -17.99 48.07
N ARG E 93 4.25 -18.70 48.75
CA ARG E 93 3.66 -18.23 49.99
C ARG E 93 4.72 -17.99 51.06
N ASN E 94 4.64 -16.82 51.70
CA ASN E 94 5.57 -16.43 52.77
C ASN E 94 6.97 -16.00 52.30
N GLU E 95 7.22 -16.00 50.99
CA GLU E 95 8.51 -15.53 50.48
C GLU E 95 8.40 -14.11 49.93
N GLN E 96 9.24 -13.23 50.48
CA GLN E 96 9.18 -11.82 50.16
C GLN E 96 9.76 -11.60 48.76
N VAL E 97 9.07 -10.77 47.99
CA VAL E 97 9.45 -10.47 46.63
C VAL E 97 9.24 -8.98 46.34
N GLU E 98 9.94 -8.48 45.33
CA GLU E 98 9.69 -7.15 44.83
C GLU E 98 9.02 -7.21 43.47
N ILE E 99 7.95 -6.43 43.33
CA ILE E 99 7.30 -6.22 42.04
C ILE E 99 7.46 -4.75 41.66
N ARG E 100 7.29 -4.46 40.37
CA ARG E 100 7.43 -3.09 39.90
C ARG E 100 6.14 -2.58 39.27
N ALA E 101 5.66 -1.42 39.73
CA ALA E 101 4.64 -0.69 38.98
C ALA E 101 5.35 0.35 38.14
N VAL E 102 5.24 0.21 36.82
CA VAL E 102 5.90 1.15 35.92
C VAL E 102 4.94 2.27 35.46
N LEU E 103 5.34 3.51 35.69
CA LEU E 103 4.49 4.67 35.44
C LEU E 103 4.92 5.35 34.15
N TYR E 104 4.03 5.36 33.18
CA TYR E 104 4.35 5.89 31.87
C TYR E 104 3.80 7.30 31.69
N ASN E 105 4.68 8.20 31.18
CA ASN E 105 4.27 9.56 30.83
C ASN E 105 4.54 9.82 29.34
N TYR E 106 3.48 9.71 28.53
CA TYR E 106 3.55 10.09 27.13
C TYR E 106 2.88 11.42 26.83
N ARG E 107 2.18 11.99 27.84
CA ARG E 107 1.57 13.32 27.75
C ARG E 107 2.53 14.28 27.07
N GLN E 108 2.38 14.41 25.75
CA GLN E 108 3.48 14.81 24.86
C GLN E 108 4.74 15.30 25.58
N ASN E 109 5.01 16.71 25.48
CA ASN E 109 6.29 17.13 26.12
C ASN E 109 6.10 17.98 27.42
N GLN E 110 5.40 17.36 28.45
CA GLN E 110 5.38 17.95 29.78
C GLN E 110 5.38 16.92 30.89
N GLU E 111 6.29 17.12 31.86
CA GLU E 111 6.46 16.21 32.99
C GLU E 111 5.29 16.33 33.96
N LEU E 112 5.07 15.28 34.74
CA LEU E 112 4.04 15.26 35.77
C LEU E 112 4.59 14.89 37.13
N LYS E 113 4.08 15.56 38.16
CA LYS E 113 4.18 15.09 39.53
C LYS E 113 2.92 14.30 39.82
N VAL E 114 3.11 13.08 40.31
CA VAL E 114 2.03 12.12 40.43
C VAL E 114 2.16 11.50 41.81
N ARG E 115 1.06 11.02 42.35
CA ARG E 115 1.10 10.23 43.57
C ARG E 115 0.71 8.78 43.27
N VAL E 116 1.63 7.85 43.52
CA VAL E 116 1.33 6.43 43.37
C VAL E 116 0.98 5.85 44.73
N GLU E 117 0.11 4.84 44.75
CA GLU E 117 -0.25 4.16 45.98
C GLU E 117 -0.46 2.66 45.73
N LEU E 118 0.12 1.85 46.60
CA LEU E 118 -0.19 0.43 46.67
C LEU E 118 -1.32 0.25 47.66
N LEU E 119 -2.40 -0.40 47.25
CA LEU E 119 -3.54 -0.63 48.13
C LEU E 119 -3.27 -1.80 49.07
N HIS E 120 -3.88 -1.75 50.25
CA HIS E 120 -3.77 -2.83 51.23
C HIS E 120 -4.60 -4.05 50.84
N ASN E 121 -4.02 -5.24 51.03
CA ASN E 121 -4.75 -6.48 50.83
C ASN E 121 -4.34 -7.43 51.93
N PRO E 122 -5.31 -7.91 52.72
CA PRO E 122 -5.03 -8.86 53.80
C PRO E 122 -4.26 -10.09 53.37
N ALA E 123 -4.33 -10.42 52.09
CA ALA E 123 -3.63 -11.58 51.57
C ALA E 123 -2.13 -11.30 51.38
N PHE E 124 -1.71 -10.08 51.70
CA PHE E 124 -0.32 -9.63 51.46
C PHE E 124 0.20 -8.83 52.65
N CYS E 125 1.47 -9.02 52.96
CA CYS E 125 2.17 -8.18 53.92
C CYS E 125 2.96 -7.13 53.15
N SER E 126 2.72 -5.86 53.49
CA SER E 126 3.36 -4.74 52.80
C SER E 126 3.41 -3.57 53.76
N LEU E 127 3.76 -2.37 53.28
CA LEU E 127 3.75 -1.19 54.15
C LEU E 127 2.39 -0.51 54.21
N ALA E 128 1.52 -0.86 53.27
CA ALA E 128 0.11 -0.46 53.31
C ALA E 128 -0.66 -1.29 54.34
N THR E 129 -1.38 -0.62 55.22
CA THR E 129 -2.30 -1.30 56.15
C THR E 129 -3.72 -0.77 56.01
N THR E 130 -4.62 -1.35 56.80
CA THR E 130 -6.04 -0.99 56.79
C THR E 130 -6.29 0.50 57.05
N LYS E 131 -5.46 1.12 57.87
CA LYS E 131 -5.64 2.52 58.20
C LYS E 131 -4.37 3.35 58.00
N ARG E 132 -3.46 2.86 57.18
CA ARG E 132 -2.25 3.60 56.83
C ARG E 132 -1.86 3.32 55.39
N ARG E 133 -1.93 4.36 54.55
CA ARG E 133 -1.70 4.23 53.13
C ARG E 133 -0.21 4.15 52.83
N HIS E 134 0.13 3.66 51.65
CA HIS E 134 1.50 3.59 51.18
C HIS E 134 1.63 4.37 49.87
N GLN E 135 2.05 5.62 49.98
CA GLN E 135 2.01 6.50 48.83
C GLN E 135 3.26 7.33 48.62
N GLN E 136 3.66 7.44 47.37
CA GLN E 136 4.86 8.13 46.97
C GLN E 136 4.41 9.27 46.07
N THR E 137 5.06 10.41 46.19
CA THR E 137 4.91 11.47 45.19
C THR E 137 6.19 11.53 44.38
N VAL E 138 6.09 11.31 43.08
CA VAL E 138 7.25 11.32 42.19
C VAL E 138 6.98 12.29 41.05
N THR E 139 8.02 12.72 40.33
CA THR E 139 7.80 13.41 39.06
C THR E 139 8.41 12.64 37.89
N ILE E 140 7.69 12.62 36.77
CA ILE E 140 8.09 11.86 35.59
C ILE E 140 8.53 12.81 34.45
N PRO E 141 9.81 12.73 34.07
CA PRO E 141 10.32 13.53 32.94
C PRO E 141 9.56 13.25 31.64
N PRO E 142 9.48 14.24 30.76
CA PRO E 142 8.69 14.12 29.53
C PRO E 142 9.06 12.87 28.73
N LYS E 143 8.05 12.19 28.19
CA LYS E 143 8.22 11.02 27.32
C LYS E 143 8.97 9.85 27.98
N SER E 144 8.95 9.79 29.30
CA SER E 144 9.65 8.70 29.99
C SER E 144 8.78 7.94 30.97
N SER E 145 9.44 7.05 31.73
CA SER E 145 8.77 6.18 32.67
C SER E 145 9.54 6.08 33.97
N LEU E 146 8.84 5.67 35.02
CA LEU E 146 9.42 5.45 36.33
C LEU E 146 8.91 4.14 36.93
N SER E 147 9.81 3.24 37.26
CA SER E 147 9.44 2.04 38.02
C SER E 147 9.39 2.33 39.51
N VAL E 148 8.21 2.15 40.09
CA VAL E 148 8.05 2.15 41.54
C VAL E 148 8.12 0.72 42.03
N PRO E 149 9.06 0.42 42.91
CA PRO E 149 9.18 -0.92 43.48
C PRO E 149 8.33 -1.06 44.73
N TYR E 150 7.59 -2.16 44.82
CA TYR E 150 6.86 -2.50 46.03
C TYR E 150 7.36 -3.80 46.61
N VAL E 151 7.72 -3.80 47.89
CA VAL E 151 8.04 -5.07 48.53
C VAL E 151 6.89 -5.70 49.30
N ILE E 152 6.70 -6.99 49.07
CA ILE E 152 5.43 -7.64 49.35
C ILE E 152 5.71 -9.07 49.79
N VAL E 153 4.91 -9.56 50.73
CA VAL E 153 4.91 -10.98 51.10
C VAL E 153 3.50 -11.58 50.98
N PRO E 154 3.30 -12.46 50.00
CA PRO E 154 2.05 -13.20 49.89
C PRO E 154 1.80 -14.13 51.09
N LEU E 155 0.62 -14.02 51.70
CA LEU E 155 0.30 -14.76 52.93
C LEU E 155 -0.71 -15.89 52.68
N LYS E 156 -1.38 -15.86 51.54
CA LYS E 156 -2.44 -16.82 51.21
C LYS E 156 -2.22 -17.37 49.81
N THR E 157 -2.39 -18.68 49.64
CA THR E 157 -2.29 -19.31 48.34
C THR E 157 -3.51 -19.02 47.46
N GLY E 158 -3.41 -19.41 46.19
CA GLY E 158 -4.49 -19.27 45.23
C GLY E 158 -4.32 -17.98 44.45
N LEU E 159 -5.29 -17.69 43.58
CA LEU E 159 -5.33 -16.43 42.83
C LEU E 159 -5.51 -15.25 43.77
N GLN E 160 -4.44 -14.48 43.95
CA GLN E 160 -4.49 -13.29 44.80
C GLN E 160 -4.20 -12.01 44.00
N GLU E 161 -4.65 -10.88 44.53
CA GLU E 161 -4.72 -9.66 43.73
C GLU E 161 -3.81 -8.54 44.25
N VAL E 162 -3.13 -7.87 43.33
CA VAL E 162 -2.34 -6.68 43.65
C VAL E 162 -2.93 -5.47 42.93
N GLU E 163 -3.14 -4.38 43.67
CA GLU E 163 -3.72 -3.17 43.09
C GLU E 163 -2.89 -1.92 43.37
N VAL E 164 -2.67 -1.13 42.32
CA VAL E 164 -1.86 0.07 42.40
C VAL E 164 -2.63 1.16 41.66
N LYS E 165 -2.66 2.35 42.24
CA LYS E 165 -3.39 3.49 41.69
C LYS E 165 -2.50 4.72 41.68
N ALA E 166 -2.82 5.69 40.83
CA ALA E 166 -1.97 6.86 40.65
C ALA E 166 -2.80 8.01 40.10
N ALA E 167 -2.63 9.19 40.68
CA ALA E 167 -3.25 10.40 40.15
C ALA E 167 -2.18 11.47 40.00
N VAL E 168 -2.35 12.36 38.96
CA VAL E 168 -1.36 13.43 38.83
C VAL E 168 -1.89 14.77 39.43
N TYR E 169 -1.00 15.62 39.96
CA TYR E 169 -1.34 16.86 40.56
C TYR E 169 -1.64 17.91 39.46
N HIS E 170 -2.74 18.59 39.63
CA HIS E 170 -3.08 19.81 38.83
C HIS E 170 -3.89 19.47 37.57
N HIS E 171 -3.87 18.19 37.14
CA HIS E 171 -4.65 17.75 35.95
C HIS E 171 -5.63 16.63 36.31
N PHE E 172 -6.69 16.50 35.52
CA PHE E 172 -7.75 15.52 35.81
C PHE E 172 -7.41 14.10 35.30
N ILE E 173 -6.13 13.75 35.35
CA ILE E 173 -5.67 12.44 34.88
C ILE E 173 -5.46 11.51 36.07
N SER E 174 -5.91 10.27 35.93
CA SER E 174 -5.53 9.20 36.86
C SER E 174 -5.55 7.83 36.19
N ASP E 175 -4.95 6.84 36.85
CA ASP E 175 -4.97 5.46 36.39
C ASP E 175 -4.92 4.53 37.60
N GLY E 176 -5.50 3.35 37.46
CA GLY E 176 -5.26 2.25 38.37
C GLY E 176 -5.21 0.95 37.59
N VAL E 177 -4.40 0.02 38.06
CA VAL E 177 -4.41 -1.37 37.56
C VAL E 177 -4.56 -2.32 38.74
N ARG E 178 -5.47 -3.29 38.61
CA ARG E 178 -5.47 -4.46 39.48
C ARG E 178 -5.49 -5.76 38.70
N LYS E 179 -4.64 -6.69 39.12
CA LYS E 179 -4.56 -8.00 38.49
C LYS E 179 -3.94 -9.00 39.44
N SER E 180 -4.19 -10.27 39.14
CA SER E 180 -3.89 -11.33 40.07
C SER E 180 -2.63 -12.07 39.64
N LEU E 181 -2.05 -12.78 40.61
CA LEU E 181 -1.03 -13.78 40.34
C LEU E 181 -1.31 -15.01 41.18
N LYS E 182 -0.64 -16.10 40.83
CA LYS E 182 -0.86 -17.35 41.51
C LYS E 182 0.09 -17.42 42.67
N VAL E 183 -0.45 -17.66 43.86
CA VAL E 183 0.37 -17.96 45.02
C VAL E 183 0.41 -19.46 45.31
N VAL E 184 1.60 -20.03 45.26
CA VAL E 184 1.79 -21.46 45.49
C VAL E 184 2.41 -21.72 46.86
N PRO E 185 2.10 -22.86 47.46
CA PRO E 185 2.69 -23.27 48.74
C PRO E 185 4.19 -23.51 48.67
N GLU E 186 4.91 -23.29 49.76
CA GLU E 186 6.31 -23.71 49.89
C GLU E 186 6.47 -25.22 50.08
N GLY E 187 7.71 -25.67 50.27
CA GLY E 187 8.02 -27.10 50.29
C GLY E 187 8.65 -27.63 51.55
N ILE E 188 9.24 -28.83 51.46
CA ILE E 188 9.77 -29.55 52.63
C ILE E 188 11.21 -29.11 52.97
N THR F 37 16.97 -19.79 47.88
CA THR F 37 18.43 -20.11 48.00
C THR F 37 19.13 -20.25 46.63
N CYS F 38 18.99 -19.22 45.79
CA CYS F 38 19.82 -19.01 44.59
C CYS F 38 20.84 -20.13 44.30
N ASN F 39 20.64 -20.89 43.22
CA ASN F 39 21.65 -21.89 42.88
C ASN F 39 22.69 -21.57 41.81
N LYS F 40 22.57 -20.44 41.11
CA LYS F 40 23.63 -20.08 40.17
C LYS F 40 24.56 -18.98 40.71
N PHE F 41 24.07 -18.17 41.64
CA PHE F 41 24.84 -17.08 42.22
C PHE F 41 24.78 -17.08 43.75
N ASP F 42 25.91 -16.82 44.40
CA ASP F 42 25.88 -16.29 45.76
C ASP F 42 25.71 -14.76 45.69
N LEU F 43 24.77 -14.22 46.47
CA LEU F 43 24.63 -12.76 46.63
C LEU F 43 24.57 -12.36 48.10
N LYS F 44 25.38 -11.37 48.47
CA LYS F 44 25.36 -10.81 49.82
C LYS F 44 25.34 -9.28 49.76
N VAL F 45 24.37 -8.68 50.44
CA VAL F 45 24.13 -7.24 50.36
C VAL F 45 24.10 -6.65 51.77
N THR F 46 24.86 -5.59 52.00
CA THR F 46 24.81 -4.85 53.27
C THR F 46 24.52 -3.35 53.06
N ILE F 47 23.92 -2.74 54.08
CA ILE F 47 23.75 -1.30 54.14
C ILE F 47 24.26 -0.84 55.51
N LYS F 48 25.26 0.04 55.52
CA LYS F 48 25.85 0.55 56.76
C LYS F 48 25.88 2.06 56.70
N PRO F 49 26.03 2.74 57.85
CA PRO F 49 26.17 4.19 57.85
C PRO F 49 27.55 4.64 57.37
N ALA F 50 27.57 5.68 56.53
CA ALA F 50 28.80 6.23 55.96
C ALA F 50 29.57 7.07 56.99
N PRO F 51 30.90 7.12 56.86
CA PRO F 51 31.76 7.88 57.78
C PRO F 51 31.23 9.28 58.13
N LYS F 61 22.27 14.37 55.73
CA LYS F 61 21.10 13.53 55.48
C LYS F 61 21.44 12.05 55.28
N ASN F 62 21.82 11.40 56.37
CA ASN F 62 21.76 9.94 56.47
C ASN F 62 22.40 9.21 55.28
N THR F 63 23.59 9.63 54.87
CA THR F 63 24.37 8.90 53.88
C THR F 63 24.75 7.49 54.37
N MET F 64 24.57 6.51 53.50
CA MET F 64 24.95 5.13 53.81
C MET F 64 25.74 4.50 52.67
N ILE F 65 26.45 3.42 52.98
CA ILE F 65 27.19 2.67 51.98
C ILE F 65 26.45 1.36 51.71
N LEU F 66 26.19 1.11 50.43
CA LEU F 66 25.60 -0.14 49.98
C LEU F 66 26.68 -0.99 49.31
N GLU F 67 26.97 -2.16 49.90
CA GLU F 67 27.96 -3.05 49.33
C GLU F 67 27.33 -4.35 48.85
N ILE F 68 27.69 -4.77 47.64
CA ILE F 68 27.11 -5.93 46.97
C ILE F 68 28.20 -6.91 46.57
N CYS F 69 28.20 -8.08 47.18
CA CYS F 69 29.19 -9.10 46.87
C CYS F 69 28.55 -10.30 46.19
N THR F 70 29.05 -10.65 45.02
CA THR F 70 28.50 -11.78 44.29
C THR F 70 29.57 -12.76 43.78
N ARG F 71 29.19 -14.03 43.69
CA ARG F 71 30.07 -15.07 43.19
C ARG F 71 29.24 -16.03 42.36
N TYR F 72 29.79 -16.48 41.24
CA TYR F 72 29.11 -17.46 40.41
C TYR F 72 29.39 -18.91 40.89
N ARG F 73 28.33 -19.72 40.97
CA ARG F 73 28.45 -21.09 41.47
C ARG F 73 28.73 -22.06 40.32
N GLY F 74 29.99 -22.14 39.93
CA GLY F 74 30.39 -22.88 38.74
C GLY F 74 31.88 -23.09 38.72
N ASP F 75 32.37 -23.75 37.67
CA ASP F 75 33.80 -24.02 37.50
C ASP F 75 34.45 -23.01 36.56
N GLN F 76 33.62 -22.19 35.92
CA GLN F 76 34.09 -21.05 35.16
C GLN F 76 33.37 -19.79 35.63
N ASP F 77 33.99 -18.64 35.37
CA ASP F 77 33.33 -17.34 35.56
C ASP F 77 32.06 -17.27 34.72
N ALA F 78 31.05 -16.57 35.24
CA ALA F 78 29.85 -16.24 34.47
C ALA F 78 30.22 -15.36 33.27
N THR F 79 29.39 -15.37 32.23
CA THR F 79 29.47 -14.30 31.21
C THR F 79 29.01 -12.97 31.79
N MET F 80 28.70 -12.06 30.88
CA MET F 80 27.99 -10.83 31.15
C MET F 80 26.76 -11.06 32.02
N SER F 81 26.68 -10.32 33.12
CA SER F 81 25.63 -10.47 34.10
C SER F 81 25.01 -9.11 34.45
N ILE F 82 23.92 -9.13 35.22
CA ILE F 82 23.16 -7.93 35.55
C ILE F 82 23.01 -7.79 37.08
N LEU F 83 23.37 -6.61 37.59
CA LEU F 83 22.96 -6.16 38.92
C LEU F 83 21.83 -5.14 38.81
N ASP F 84 20.63 -5.60 39.13
CA ASP F 84 19.42 -4.79 39.11
C ASP F 84 19.10 -4.33 40.55
N ILE F 85 19.22 -3.03 40.77
CA ILE F 85 19.21 -2.47 42.12
C ILE F 85 18.05 -1.50 42.29
N SER F 86 17.26 -1.69 43.34
CA SER F 86 16.26 -0.70 43.72
C SER F 86 16.60 -0.07 45.06
N MET F 87 16.27 1.21 45.20
CA MET F 87 16.64 1.99 46.36
C MET F 87 15.67 1.73 47.50
N MET F 88 16.16 1.89 48.74
CA MET F 88 15.27 2.20 49.86
C MET F 88 14.53 3.48 49.56
N THR F 89 13.28 3.56 50.01
CA THR F 89 12.49 4.77 49.87
C THR F 89 13.29 6.01 50.26
N GLY F 90 13.27 7.03 49.41
CA GLY F 90 13.87 8.33 49.70
C GLY F 90 15.38 8.37 49.59
N PHE F 91 15.98 7.33 49.02
CA PHE F 91 17.43 7.24 48.83
C PHE F 91 17.81 7.14 47.35
N ALA F 92 19.00 7.66 47.02
CA ALA F 92 19.51 7.67 45.64
C ALA F 92 21.03 7.56 45.69
N PRO F 93 21.64 6.95 44.67
CA PRO F 93 23.09 6.72 44.70
C PRO F 93 23.93 7.97 44.46
N ASP F 94 25.05 8.07 45.18
CA ASP F 94 26.05 9.09 44.89
C ASP F 94 26.50 9.02 43.43
N THR F 95 26.36 10.14 42.72
CA THR F 95 26.62 10.22 41.29
C THR F 95 28.07 9.94 40.93
N ASP F 96 28.99 10.52 41.71
CA ASP F 96 30.41 10.42 41.46
C ASP F 96 30.94 9.01 41.75
N ASP F 97 30.34 8.36 42.74
CA ASP F 97 30.62 6.95 43.07
C ASP F 97 30.18 6.03 41.93
N LEU F 98 29.04 6.35 41.30
CA LEU F 98 28.55 5.60 40.16
C LEU F 98 29.50 5.76 38.97
N LYS F 99 30.00 6.98 38.77
CA LYS F 99 30.94 7.28 37.70
C LYS F 99 32.31 6.64 37.92
N GLN F 100 32.77 6.67 39.17
CA GLN F 100 33.98 5.95 39.58
C GLN F 100 33.85 4.46 39.28
N LEU F 101 32.69 3.89 39.60
CA LEU F 101 32.41 2.46 39.37
C LEU F 101 32.39 2.12 37.89
N ALA F 102 31.70 2.95 37.11
CA ALA F 102 31.68 2.85 35.65
C ALA F 102 33.08 2.68 35.04
N ASN F 103 34.04 3.50 35.46
CA ASN F 103 35.42 3.38 34.99
C ASN F 103 36.16 2.13 35.46
N GLY F 104 35.63 1.46 36.48
CA GLY F 104 36.09 0.13 36.85
C GLY F 104 36.17 -0.84 35.69
N VAL F 105 36.89 -1.94 35.93
CA VAL F 105 37.17 -2.93 34.90
C VAL F 105 36.16 -4.06 35.00
N ASP F 106 35.54 -4.40 33.87
CA ASP F 106 34.48 -5.41 33.81
C ASP F 106 33.17 -4.92 34.41
N ARG F 107 32.96 -3.61 34.38
CA ARG F 107 31.71 -3.00 34.77
C ARG F 107 31.30 -1.95 33.74
N TYR F 108 29.99 -1.78 33.60
CA TYR F 108 29.42 -0.86 32.66
C TYR F 108 28.09 -0.37 33.24
N ILE F 109 27.98 0.95 33.35
CA ILE F 109 26.76 1.62 33.75
C ILE F 109 26.52 2.68 32.68
N SER F 110 25.36 2.61 32.00
CA SER F 110 25.12 3.39 30.79
C SER F 110 25.10 4.90 31.01
N LYS F 111 25.33 5.66 29.93
CA LYS F 111 25.30 7.12 30.00
C LYS F 111 23.94 7.53 30.39
N TYR F 112 22.90 6.92 29.82
CA TYR F 112 21.51 7.08 30.24
C TYR F 112 21.40 7.13 31.77
N GLU F 113 21.79 6.03 32.44
CA GLU F 113 21.78 5.99 33.89
C GLU F 113 22.74 7.04 34.47
N LEU F 114 23.95 7.09 33.93
CA LEU F 114 24.99 7.98 34.49
C LEU F 114 24.66 9.47 34.51
N ASP F 115 23.83 9.94 33.53
CA ASP F 115 23.50 11.37 33.56
C ASP F 115 22.00 11.62 33.83
N LYS F 116 21.34 10.63 34.45
CA LYS F 116 20.05 10.86 35.09
C LYS F 116 20.26 11.88 36.21
N ALA F 117 19.22 12.74 36.45
CA ALA F 117 19.20 13.60 37.63
C ALA F 117 19.30 12.75 38.91
N PHE F 118 20.03 13.26 39.91
CA PHE F 118 20.27 12.56 41.16
C PHE F 118 19.01 11.94 41.77
N SER F 119 18.00 12.79 41.99
CA SER F 119 16.79 12.41 42.72
C SER F 119 15.68 11.98 41.77
N ASP F 120 15.98 11.01 40.90
CA ASP F 120 15.00 10.01 40.50
C ASP F 120 15.58 8.72 39.91
N ARG F 121 16.81 8.41 40.32
CA ARG F 121 17.27 7.02 40.31
C ARG F 121 16.68 6.34 41.54
N ASN F 122 15.49 5.78 41.41
CA ASN F 122 15.01 4.86 42.45
C ASN F 122 15.38 3.39 42.18
N THR F 123 15.70 3.09 40.92
CA THR F 123 16.28 1.81 40.52
C THR F 123 17.42 2.01 39.51
N LEU F 124 18.35 1.05 39.45
CA LEU F 124 19.39 1.09 38.44
C LEU F 124 20.02 -0.27 38.11
N ILE F 125 20.72 -0.33 36.98
CA ILE F 125 21.44 -1.52 36.56
C ILE F 125 22.95 -1.27 36.46
N ILE F 126 23.72 -2.13 37.10
CA ILE F 126 25.16 -2.20 36.84
C ILE F 126 25.42 -3.49 36.10
N TYR F 127 26.20 -3.39 35.03
CA TYR F 127 26.41 -4.49 34.10
C TYR F 127 27.80 -5.03 34.33
N LEU F 128 27.88 -6.32 34.62
CA LEU F 128 29.15 -6.98 34.85
C LEU F 128 29.58 -7.74 33.62
N ASP F 129 30.85 -7.62 33.25
CA ASP F 129 31.34 -8.34 32.09
C ASP F 129 31.49 -9.79 32.42
N LYS F 130 31.55 -10.05 33.73
CA LYS F 130 31.90 -11.37 34.26
C LYS F 130 31.67 -11.36 35.78
N VAL F 131 31.54 -12.55 36.36
CA VAL F 131 31.50 -12.72 37.80
C VAL F 131 32.37 -13.91 38.18
N SER F 132 33.34 -13.67 39.04
CA SER F 132 34.24 -14.70 39.52
C SER F 132 33.52 -15.92 40.08
N HIS F 133 33.97 -17.11 39.67
CA HIS F 133 33.55 -18.34 40.33
C HIS F 133 34.43 -18.68 41.53
N SER F 134 35.62 -18.07 41.60
CA SER F 134 36.61 -18.42 42.62
C SER F 134 36.47 -17.63 43.93
N GLU F 135 35.86 -16.45 43.83
CA GLU F 135 35.74 -15.57 44.99
C GLU F 135 34.72 -14.47 44.75
N ASP F 136 34.23 -13.87 45.83
CA ASP F 136 33.33 -12.71 45.74
C ASP F 136 33.94 -11.57 44.93
N ASP F 137 33.28 -11.20 43.84
CA ASP F 137 33.45 -9.88 43.24
C ASP F 137 32.57 -8.90 43.98
N CYS F 138 33.18 -7.90 44.64
CA CYS F 138 32.43 -6.92 45.42
C CYS F 138 32.42 -5.54 44.76
N LEU F 139 31.35 -4.79 45.00
CA LEU F 139 31.32 -3.37 44.64
C LEU F 139 30.45 -2.63 45.64
N ALA F 140 30.70 -1.33 45.78
CA ALA F 140 29.99 -0.51 46.76
C ALA F 140 29.84 0.92 46.29
N PHE F 141 28.80 1.58 46.77
CA PHE F 141 28.63 3.01 46.54
C PHE F 141 27.82 3.63 47.67
N LYS F 142 27.94 4.95 47.81
CA LYS F 142 27.17 5.70 48.77
C LYS F 142 25.75 5.95 48.26
N VAL F 143 24.80 6.03 49.18
CA VAL F 143 23.44 6.42 48.87
C VAL F 143 23.03 7.55 49.82
N HIS F 144 22.40 8.57 49.26
CA HIS F 144 22.02 9.74 50.04
C HIS F 144 20.51 9.81 50.18
N GLN F 145 20.04 10.19 51.37
CA GLN F 145 18.62 10.40 51.60
C GLN F 145 18.18 11.79 51.14
N TYR F 146 17.52 11.89 50.00
CA TYR F 146 16.97 13.19 49.54
C TYR F 146 15.62 13.53 50.18
N PHE F 147 14.83 12.52 50.51
CA PHE F 147 13.52 12.73 51.14
C PHE F 147 13.28 11.81 52.34
N ASN F 148 13.21 12.41 53.52
CA ASN F 148 12.94 11.69 54.77
C ASN F 148 11.48 11.26 54.91
N VAL F 149 11.27 9.97 55.15
CA VAL F 149 9.95 9.42 55.42
C VAL F 149 10.01 8.51 56.64
N GLU F 150 8.93 8.51 57.41
CA GLU F 150 8.65 7.47 58.38
C GLU F 150 8.15 6.25 57.65
N LEU F 151 8.91 5.16 57.74
CA LEU F 151 8.56 3.97 57.00
C LEU F 151 9.31 3.99 55.71
N ILE F 152 10.56 3.55 55.78
CA ILE F 152 11.32 3.27 54.60
C ILE F 152 11.24 1.81 54.18
N GLN F 153 10.86 1.60 52.94
CA GLN F 153 10.77 0.28 52.33
C GLN F 153 12.16 -0.24 52.03
N PRO F 154 12.38 -1.52 52.33
CA PRO F 154 13.60 -2.21 51.92
C PRO F 154 13.89 -2.10 50.42
N GLY F 155 15.16 -1.89 50.06
CA GLY F 155 15.59 -2.02 48.68
C GLY F 155 16.00 -3.45 48.36
N ALA F 156 16.32 -3.67 47.08
CA ALA F 156 16.58 -5.00 46.58
C ALA F 156 17.71 -5.01 45.56
N VAL F 157 18.42 -6.12 45.52
CA VAL F 157 19.46 -6.35 44.53
C VAL F 157 19.25 -7.73 43.94
N LYS F 158 19.18 -7.76 42.61
CA LYS F 158 18.97 -8.98 41.88
C LYS F 158 20.12 -9.19 40.89
N VAL F 159 20.80 -10.32 41.02
CA VAL F 159 21.83 -10.74 40.07
C VAL F 159 21.36 -11.91 39.19
N TYR F 160 21.68 -11.83 37.90
CA TYR F 160 21.50 -12.94 36.95
C TYR F 160 22.41 -12.77 35.74
N ALA F 161 22.67 -13.87 35.04
CA ALA F 161 23.36 -13.83 33.75
C ALA F 161 22.35 -13.47 32.66
N TYR F 162 22.77 -12.74 31.63
CA TYR F 162 21.80 -12.18 30.65
C TYR F 162 20.91 -13.24 29.98
N TYR F 163 21.46 -14.44 29.77
CA TYR F 163 20.78 -15.45 28.96
C TYR F 163 19.74 -16.26 29.74
N ASN F 164 19.69 -16.09 31.06
CA ASN F 164 18.74 -16.81 31.91
C ASN F 164 18.20 -15.93 33.02
N LEU F 165 17.05 -15.28 32.79
CA LEU F 165 16.42 -14.46 33.85
C LEU F 165 15.89 -15.33 34.99
N GLU F 166 15.55 -16.57 34.68
CA GLU F 166 15.02 -17.55 35.64
C GLU F 166 15.98 -17.79 36.80
N GLU F 167 17.23 -18.09 36.49
CA GLU F 167 18.21 -18.45 37.50
C GLU F 167 18.90 -17.23 38.08
N SER F 168 18.13 -16.47 38.86
CA SER F 168 18.63 -15.24 39.45
C SER F 168 18.65 -15.34 40.96
N CYS F 169 19.11 -14.28 41.60
CA CYS F 169 19.18 -14.26 43.04
C CYS F 169 18.88 -12.86 43.52
N THR F 170 17.96 -12.74 44.48
CA THR F 170 17.57 -11.44 45.02
C THR F 170 17.81 -11.37 46.51
N ARG F 171 18.43 -10.29 46.96
CA ARG F 171 18.51 -9.94 48.37
C ARG F 171 17.98 -8.53 48.64
N PHE F 172 17.52 -8.32 49.87
CA PHE F 172 16.94 -7.07 50.29
C PHE F 172 17.86 -6.43 51.33
N TYR F 173 17.70 -5.12 51.51
CA TYR F 173 18.45 -4.39 52.54
C TYR F 173 17.64 -3.27 53.18
N HIS F 174 17.92 -2.99 54.45
CA HIS F 174 17.22 -1.96 55.19
C HIS F 174 18.14 -1.53 56.34
N PRO F 175 18.14 -0.26 56.74
CA PRO F 175 19.00 0.19 57.84
C PRO F 175 18.83 -0.63 59.12
N GLU F 176 17.60 -1.05 59.42
CA GLU F 176 17.26 -1.75 60.67
C GLU F 176 16.92 -3.21 60.43
N LYS F 177 15.95 -3.43 59.53
CA LYS F 177 15.38 -4.75 59.34
C LYS F 177 16.45 -5.76 58.94
N GLU F 178 16.44 -6.90 59.63
CA GLU F 178 17.40 -7.98 59.39
C GLU F 178 17.17 -8.64 58.02
N ASP F 179 18.20 -8.63 57.19
CA ASP F 179 18.10 -9.15 55.83
C ASP F 179 17.07 -8.39 54.98
N GLY F 180 16.77 -7.16 55.37
CA GLY F 180 15.77 -6.33 54.69
C GLY F 180 14.38 -6.93 54.60
N LYS F 181 14.03 -7.76 55.58
CA LYS F 181 12.72 -8.40 55.63
C LYS F 181 11.69 -7.57 56.41
N LEU F 182 10.51 -7.37 55.83
CA LEU F 182 9.37 -6.79 56.54
C LEU F 182 9.04 -7.61 57.78
N ASN F 183 8.49 -6.94 58.79
CA ASN F 183 8.12 -7.62 60.03
C ASN F 183 6.91 -8.51 59.84
N LYS F 184 7.06 -9.77 60.24
CA LYS F 184 5.98 -10.71 60.15
C LYS F 184 6.21 -11.83 61.15
N LEU F 185 5.12 -12.38 61.66
CA LEU F 185 5.18 -13.48 62.63
C LEU F 185 4.71 -14.72 61.95
N CYS F 186 5.44 -15.81 62.16
CA CYS F 186 5.20 -17.04 61.44
C CYS F 186 5.17 -18.19 62.41
N ARG F 187 4.17 -19.05 62.30
CA ARG F 187 4.15 -20.33 63.01
C ARG F 187 3.77 -21.42 62.04
N ASP F 188 4.65 -22.40 61.90
CA ASP F 188 4.57 -23.36 60.81
C ASP F 188 4.51 -22.64 59.44
N GLU F 189 3.49 -22.93 58.63
CA GLU F 189 3.38 -22.33 57.29
C GLU F 189 2.48 -21.08 57.24
N LEU F 190 2.17 -20.52 58.40
CA LEU F 190 1.27 -19.38 58.48
C LEU F 190 1.97 -18.16 59.03
N CYS F 191 1.97 -17.08 58.24
CA CYS F 191 2.50 -15.80 58.69
C CYS F 191 1.43 -14.73 58.78
N ARG F 192 1.65 -13.76 59.66
CA ARG F 192 0.88 -12.53 59.62
C ARG F 192 1.79 -11.31 59.60
N CYS F 193 1.31 -10.26 58.95
CA CYS F 193 2.04 -9.01 58.89
C CYS F 193 2.12 -8.30 60.25
N ALA F 194 3.32 -7.84 60.61
CA ALA F 194 3.49 -6.94 61.73
C ALA F 194 4.08 -5.59 61.30
N GLU F 195 3.56 -5.02 60.22
CA GLU F 195 4.03 -3.72 59.78
C GLU F 195 3.06 -2.56 60.04
N GLU F 196 2.30 -2.64 61.12
CA GLU F 196 1.46 -1.51 61.52
C GLU F 196 2.11 -0.69 62.65
N ASN F 197 1.48 0.42 63.02
CA ASN F 197 1.96 1.27 64.11
C ASN F 197 2.05 0.56 65.46
N CYS F 198 2.90 1.08 66.33
CA CYS F 198 3.36 0.34 67.52
C CYS F 198 2.29 0.10 68.59
N PHE F 199 1.37 1.05 68.75
CA PHE F 199 0.27 0.97 69.72
C PHE F 199 -0.61 2.22 69.68
N ILE F 200 -1.62 2.28 70.54
CA ILE F 200 -2.56 3.40 70.50
C ILE F 200 -1.90 4.74 70.89
N GLN F 201 -1.84 5.64 69.93
CA GLN F 201 -1.62 7.09 70.11
C GLN F 201 -0.92 7.57 71.40
N LYS F 202 -1.70 8.17 72.29
CA LYS F 202 -1.22 9.16 73.25
C LYS F 202 -1.38 10.60 72.72
N SER F 203 -2.62 10.91 72.32
CA SER F 203 -3.22 12.23 72.48
C SER F 203 -2.61 13.40 71.69
N ASP F 204 -3.42 14.44 71.53
CA ASP F 204 -2.92 15.81 71.40
C ASP F 204 -2.63 16.35 72.80
N ASP F 205 -3.53 16.07 73.75
CA ASP F 205 -3.36 16.44 75.16
C ASP F 205 -4.01 15.42 76.14
N LYS F 206 -3.76 15.62 77.43
CA LYS F 206 -4.50 14.97 78.54
C LYS F 206 -4.56 13.43 78.58
N VAL F 207 -5.61 12.84 77.98
CA VAL F 207 -6.11 11.49 78.31
C VAL F 207 -7.04 11.45 79.54
N THR F 208 -8.34 11.38 79.27
CA THR F 208 -9.38 11.52 80.30
C THR F 208 -9.84 10.17 80.84
N LEU F 209 -10.58 10.20 81.94
CA LEU F 209 -11.33 9.05 82.44
C LEU F 209 -12.41 8.66 81.43
N GLU F 210 -13.04 9.67 80.84
CA GLU F 210 -14.15 9.48 79.90
C GLU F 210 -13.61 8.89 78.61
N GLU F 211 -12.45 9.38 78.19
CA GLU F 211 -11.77 8.89 76.99
C GLU F 211 -11.33 7.44 77.17
N ARG F 212 -11.06 7.04 78.41
CA ARG F 212 -10.62 5.67 78.71
C ARG F 212 -11.80 4.72 78.72
N LEU F 213 -12.86 5.12 79.42
CA LEU F 213 -14.11 4.35 79.46
C LEU F 213 -14.70 4.15 78.07
N ASP F 214 -14.56 5.13 77.19
CA ASP F 214 -14.99 4.98 75.81
C ASP F 214 -14.11 4.04 74.97
N LYS F 215 -12.81 4.28 74.93
CA LYS F 215 -11.88 3.46 74.15
C LYS F 215 -11.75 2.00 74.61
N ALA F 216 -11.93 1.75 75.91
CA ALA F 216 -11.78 0.40 76.47
C ALA F 216 -13.02 -0.42 76.17
N CYS F 217 -14.08 0.28 75.82
CA CYS F 217 -15.38 -0.34 75.64
C CYS F 217 -15.76 -0.40 74.19
N GLU F 218 -14.79 -0.15 73.32
CA GLU F 218 -15.02 -0.27 71.89
C GLU F 218 -15.30 -1.72 71.55
N PRO F 219 -16.15 -1.96 70.55
CA PRO F 219 -16.67 -3.31 70.27
C PRO F 219 -15.59 -4.39 70.20
N GLY F 220 -14.46 -4.09 69.56
CA GLY F 220 -13.42 -5.09 69.34
C GLY F 220 -12.57 -5.46 70.56
N VAL F 221 -12.66 -4.68 71.63
CA VAL F 221 -11.78 -4.87 72.79
C VAL F 221 -12.16 -6.09 73.63
N ASP F 222 -11.21 -7.02 73.75
CA ASP F 222 -11.47 -8.35 74.31
C ASP F 222 -10.99 -8.50 75.74
N TYR F 223 -9.89 -7.83 76.07
CA TYR F 223 -9.30 -7.95 77.40
C TYR F 223 -8.84 -6.57 77.86
N VAL F 224 -8.88 -6.34 79.16
CA VAL F 224 -8.35 -5.12 79.77
C VAL F 224 -7.73 -5.60 81.07
N TYR F 225 -6.42 -5.38 81.22
CA TYR F 225 -5.66 -5.91 82.36
C TYR F 225 -4.91 -4.82 83.11
N LYS F 226 -4.68 -5.06 84.39
CA LYS F 226 -3.52 -4.49 85.07
C LYS F 226 -2.39 -5.51 85.15
N THR F 227 -1.19 -5.01 84.94
CA THR F 227 -0.08 -5.81 84.48
C THR F 227 1.16 -5.38 85.27
N ARG F 228 2.01 -6.34 85.63
CA ARG F 228 3.40 -6.05 86.01
C ARG F 228 4.39 -6.77 85.09
N LEU F 229 5.39 -6.04 84.61
CA LEU F 229 6.43 -6.60 83.76
C LEU F 229 7.46 -7.33 84.59
N VAL F 230 7.49 -8.65 84.44
CA VAL F 230 8.39 -9.46 85.24
C VAL F 230 9.71 -9.76 84.53
N LYS F 231 9.65 -9.94 83.21
CA LYS F 231 10.84 -10.23 82.41
C LYS F 231 10.77 -9.61 81.00
N VAL F 232 11.87 -9.00 80.58
CA VAL F 232 12.02 -8.57 79.20
C VAL F 232 13.03 -9.46 78.49
N GLN F 233 12.61 -10.11 77.41
CA GLN F 233 13.54 -10.79 76.52
C GLN F 233 13.66 -10.09 75.18
N LEU F 234 14.78 -9.41 74.96
CA LEU F 234 15.04 -8.80 73.67
C LEU F 234 15.62 -9.84 72.73
N SER F 235 15.40 -9.63 71.43
CA SER F 235 16.08 -10.41 70.43
C SER F 235 16.11 -9.60 69.14
N ASN F 236 16.56 -10.26 68.06
CA ASN F 236 16.92 -9.56 66.83
C ASN F 236 15.72 -9.14 65.97
N ASP F 237 14.58 -9.80 66.17
CA ASP F 237 13.38 -9.58 65.34
C ASP F 237 12.20 -9.03 66.14
N PHE F 238 11.81 -9.76 67.19
CA PHE F 238 10.72 -9.36 68.06
C PHE F 238 11.18 -9.43 69.51
N ASP F 239 10.78 -8.45 70.31
CA ASP F 239 10.97 -8.50 71.76
C ASP F 239 9.76 -9.15 72.43
N GLU F 240 10.02 -9.92 73.48
CA GLU F 240 8.96 -10.49 74.30
C GLU F 240 8.96 -9.82 75.67
N TYR F 241 7.80 -9.34 76.08
CA TYR F 241 7.59 -8.77 77.43
C TYR F 241 6.70 -9.71 78.24
N ILE F 242 7.28 -10.34 79.26
CA ILE F 242 6.50 -11.29 80.09
C ILE F 242 5.77 -10.58 81.22
N MET F 243 4.46 -10.44 81.05
CA MET F 243 3.61 -9.68 81.95
C MET F 243 2.89 -10.66 82.86
N ALA F 244 2.89 -10.39 84.16
CA ALA F 244 1.98 -11.08 85.07
C ALA F 244 0.70 -10.27 85.10
N ILE F 245 -0.44 -10.96 85.02
CA ILE F 245 -1.72 -10.28 85.03
C ILE F 245 -2.24 -10.15 86.45
N GLU F 246 -2.11 -8.97 87.01
CA GLU F 246 -2.52 -8.74 88.39
C GLU F 246 -4.04 -8.67 88.54
N GLN F 247 -4.68 -8.09 87.54
CA GLN F 247 -6.11 -7.83 87.57
C GLN F 247 -6.64 -8.07 86.16
N THR F 248 -7.71 -8.86 86.05
CA THR F 248 -8.48 -8.93 84.81
C THR F 248 -9.66 -7.98 84.91
N ILE F 249 -9.43 -6.69 84.66
CA ILE F 249 -10.48 -5.69 84.68
C ILE F 249 -11.59 -6.05 83.69
N LYS F 250 -11.21 -6.56 82.54
CA LYS F 250 -12.13 -7.21 81.60
C LYS F 250 -11.44 -8.46 81.04
N SER F 251 -12.16 -9.57 81.02
CA SER F 251 -11.58 -10.79 80.46
C SER F 251 -12.32 -11.27 79.21
N GLY F 252 -11.58 -11.87 78.29
CA GLY F 252 -12.15 -12.33 77.04
C GLY F 252 -11.82 -13.77 76.77
N SER F 253 -11.22 -14.01 75.60
CA SER F 253 -11.03 -15.34 75.04
C SER F 253 -10.06 -16.20 75.83
N ASP F 254 -8.94 -15.59 76.21
CA ASP F 254 -7.98 -16.14 77.16
C ASP F 254 -8.56 -16.10 78.58
N GLU F 255 -8.84 -17.27 79.14
CA GLU F 255 -9.15 -17.33 80.57
C GLU F 255 -7.88 -17.44 81.41
N VAL F 256 -7.43 -16.30 81.91
CA VAL F 256 -6.23 -16.21 82.71
C VAL F 256 -6.66 -16.12 84.16
N GLN F 257 -6.07 -16.97 84.99
CA GLN F 257 -6.14 -16.83 86.45
C GLN F 257 -5.32 -15.61 86.92
N VAL F 258 -5.69 -15.05 88.07
CA VAL F 258 -4.98 -13.90 88.64
C VAL F 258 -3.52 -14.27 88.94
N GLY F 259 -2.60 -13.47 88.41
CA GLY F 259 -1.18 -13.67 88.68
C GLY F 259 -0.45 -14.50 87.65
N GLN F 260 -1.18 -15.07 86.69
CA GLN F 260 -0.56 -15.84 85.62
C GLN F 260 0.14 -14.93 84.64
N GLN F 261 1.26 -15.41 84.10
CA GLN F 261 2.04 -14.64 83.13
C GLN F 261 1.54 -14.86 81.72
N ARG F 262 1.68 -13.82 80.91
CA ARG F 262 1.39 -13.87 79.48
C ARG F 262 2.50 -13.16 78.73
N THR F 263 2.86 -13.68 77.57
CA THR F 263 3.85 -13.04 76.74
C THR F 263 3.23 -12.09 75.71
N PHE F 264 3.61 -10.83 75.80
CA PHE F 264 3.29 -9.81 74.79
C PHE F 264 4.49 -9.55 73.86
N ILE F 265 4.22 -9.45 72.57
CA ILE F 265 5.25 -9.49 71.54
C ILE F 265 5.24 -8.19 70.74
N SER F 266 6.42 -7.61 70.53
CA SER F 266 6.51 -6.38 69.76
C SER F 266 7.71 -6.37 68.82
N PRO F 267 7.53 -5.83 67.62
CA PRO F 267 8.64 -5.60 66.71
C PRO F 267 9.71 -4.76 67.40
N ILE F 268 10.97 -5.18 67.24
CA ILE F 268 12.13 -4.43 67.68
C ILE F 268 12.05 -2.92 67.41
N LYS F 269 11.52 -2.54 66.25
CA LYS F 269 11.40 -1.13 65.90
C LYS F 269 10.54 -0.34 66.90
N CYS F 270 9.96 -1.04 67.86
CA CYS F 270 9.00 -0.45 68.80
C CYS F 270 9.53 -0.28 70.23
N ARG F 271 10.71 -0.83 70.52
CA ARG F 271 11.29 -0.74 71.86
C ARG F 271 11.32 0.70 72.36
N GLU F 272 11.86 1.58 71.53
CA GLU F 272 12.00 3.00 71.85
C GLU F 272 10.68 3.65 72.25
N ALA F 273 9.61 3.36 71.50
CA ALA F 273 8.32 3.98 71.77
C ALA F 273 7.62 3.39 73.00
N LEU F 274 7.78 2.08 73.22
CA LEU F 274 7.14 1.41 74.34
C LEU F 274 7.80 1.71 75.68
N LYS F 275 9.12 1.82 75.68
CA LYS F 275 9.87 2.13 76.90
C LYS F 275 9.33 1.31 78.09
N LEU F 276 9.16 0.01 77.88
CA LEU F 276 8.69 -0.86 78.95
C LEU F 276 9.84 -1.28 79.86
N GLU F 277 9.68 -1.10 81.16
CA GLU F 277 10.70 -1.48 82.13
C GLU F 277 10.21 -2.62 83.02
N GLU F 278 11.12 -3.55 83.37
CA GLU F 278 10.80 -4.62 84.32
C GLU F 278 10.41 -4.04 85.67
N LYS F 279 9.36 -4.61 86.27
CA LYS F 279 8.96 -4.31 87.65
C LYS F 279 7.88 -3.24 87.71
N LYS F 280 7.57 -2.66 86.56
CA LYS F 280 6.60 -1.58 86.47
C LYS F 280 5.24 -2.08 86.02
N HIS F 281 4.23 -1.25 86.21
CA HIS F 281 2.85 -1.65 86.05
C HIS F 281 2.26 -0.89 84.90
N TYR F 282 1.29 -1.53 84.25
CA TYR F 282 0.72 -1.06 83.01
C TYR F 282 -0.76 -1.41 82.99
N LEU F 283 -1.54 -0.48 82.45
CA LEU F 283 -2.89 -0.75 81.99
C LEU F 283 -2.80 -1.13 80.50
N MET F 284 -3.22 -2.34 80.18
CA MET F 284 -3.22 -2.82 78.81
C MET F 284 -4.61 -3.28 78.37
N TRP F 285 -5.03 -2.87 77.19
CA TRP F 285 -6.15 -3.52 76.54
C TRP F 285 -5.89 -3.68 75.06
N GLY F 286 -6.64 -4.59 74.42
CA GLY F 286 -6.45 -4.88 73.01
C GLY F 286 -7.53 -5.74 72.42
N LEU F 287 -7.38 -6.08 71.14
CA LEU F 287 -8.37 -6.87 70.39
C LEU F 287 -8.05 -8.37 70.43
N SER F 288 -9.04 -9.22 70.16
CA SER F 288 -8.80 -10.67 70.11
C SER F 288 -8.24 -11.12 68.76
N SER F 289 -8.18 -10.19 67.81
CA SER F 289 -7.49 -10.43 66.55
C SER F 289 -5.99 -10.36 66.74
N ASP F 290 -5.54 -10.05 67.96
CA ASP F 290 -4.12 -9.88 68.25
C ASP F 290 -3.55 -11.02 69.12
N PHE F 291 -4.33 -12.09 69.26
CA PHE F 291 -3.83 -13.29 69.91
C PHE F 291 -2.95 -14.05 68.95
N TRP F 292 -1.96 -14.74 69.51
CA TRP F 292 -1.01 -15.51 68.72
C TRP F 292 -0.80 -16.86 69.41
N GLY F 293 -0.72 -17.94 68.64
CA GLY F 293 -0.68 -19.30 69.22
C GLY F 293 -2.06 -19.94 69.30
N GLU F 294 -2.12 -21.18 69.79
CA GLU F 294 -3.39 -21.84 70.08
C GLU F 294 -3.64 -21.81 71.58
N LYS F 295 -4.88 -21.72 72.02
CA LYS F 295 -5.17 -21.97 73.42
C LYS F 295 -4.88 -23.44 73.74
N PRO F 296 -4.50 -23.74 74.99
CA PRO F 296 -4.50 -22.78 76.09
C PRO F 296 -3.20 -22.00 76.28
N ASN F 297 -2.38 -21.86 75.24
CA ASN F 297 -1.09 -21.17 75.35
C ASN F 297 -0.95 -19.93 74.48
N LEU F 298 -1.84 -18.96 74.68
CA LEU F 298 -1.92 -17.77 73.85
C LEU F 298 -0.86 -16.71 74.17
N SER F 299 -0.37 -16.06 73.12
CA SER F 299 0.46 -14.90 73.27
C SER F 299 -0.32 -13.69 72.79
N TYR F 300 0.22 -12.51 73.06
CA TYR F 300 -0.44 -11.27 72.68
C TYR F 300 0.51 -10.49 71.80
N ILE F 301 0.01 -9.98 70.70
CA ILE F 301 0.78 -9.07 69.88
C ILE F 301 0.39 -7.65 70.28
N ILE F 302 1.37 -6.78 70.46
CA ILE F 302 1.09 -5.37 70.67
C ILE F 302 1.04 -4.74 69.30
N GLY F 303 -0.09 -4.14 68.98
CA GLY F 303 -0.31 -3.65 67.64
C GLY F 303 -0.93 -2.28 67.70
N LYS F 304 -1.42 -1.80 66.55
CA LYS F 304 -1.95 -0.43 66.42
C LYS F 304 -3.15 -0.16 67.32
N ASP F 305 -3.81 -1.21 67.78
CA ASP F 305 -5.05 -1.09 68.56
C ASP F 305 -4.82 -1.56 70.00
N THR F 306 -3.56 -1.59 70.43
CA THR F 306 -3.25 -1.92 71.80
C THR F 306 -2.92 -0.69 72.65
N TRP F 307 -3.72 -0.51 73.70
CA TRP F 307 -3.44 0.46 74.76
C TRP F 307 -2.37 -0.08 75.66
N VAL F 308 -1.30 0.68 75.81
CA VAL F 308 -0.32 0.43 76.86
C VAL F 308 -0.03 1.73 77.58
N GLU F 309 -0.42 1.78 78.85
CA GLU F 309 -0.27 3.00 79.64
C GLU F 309 0.42 2.68 80.93
N HIS F 310 1.46 3.44 81.26
CA HIS F 310 2.18 3.20 82.50
C HIS F 310 1.31 3.49 83.71
N TRP F 311 1.22 2.50 84.60
CA TRP F 311 0.46 2.64 85.84
C TRP F 311 1.41 2.86 87.02
N PRO F 312 1.45 4.08 87.54
CA PRO F 312 2.41 4.42 88.58
C PRO F 312 2.35 3.48 89.78
N GLU F 313 3.49 3.31 90.45
CA GLU F 313 3.59 2.45 91.63
C GLU F 313 2.71 2.98 92.75
N GLU F 314 2.38 2.09 93.69
CA GLU F 314 1.39 2.41 94.72
C GLU F 314 1.85 3.52 95.65
N ASP F 315 3.17 3.72 95.73
CA ASP F 315 3.76 4.85 96.44
C ASP F 315 3.84 6.12 95.59
N GLU F 316 4.13 5.96 94.30
CA GLU F 316 4.14 7.10 93.38
C GLU F 316 2.77 7.80 93.31
N CYS F 317 1.72 7.08 93.69
CA CYS F 317 0.35 7.57 93.54
C CYS F 317 -0.01 8.73 94.46
N GLN F 318 0.85 9.01 95.44
CA GLN F 318 0.61 10.11 96.37
C GLN F 318 1.37 11.38 96.00
N ASP F 319 2.31 11.28 95.06
CA ASP F 319 2.96 12.47 94.52
C ASP F 319 1.92 13.39 93.93
N GLU F 320 1.89 14.65 94.39
CA GLU F 320 1.04 15.68 93.78
C GLU F 320 1.45 15.92 92.34
N GLU F 321 1.22 14.89 91.51
CA GLU F 321 1.99 14.65 90.28
C GLU F 321 1.41 13.41 89.58
N ASN F 322 1.14 12.37 90.36
CA ASN F 322 0.50 11.14 89.85
C ASN F 322 -0.92 10.99 90.36
N GLN F 323 -1.31 11.83 91.32
CA GLN F 323 -2.61 11.73 91.97
C GLN F 323 -3.79 11.76 91.00
N LYS F 324 -3.73 12.68 90.03
CA LYS F 324 -4.80 12.84 89.06
C LYS F 324 -5.00 11.55 88.28
N GLN F 325 -3.92 11.08 87.67
CA GLN F 325 -3.97 9.86 86.87
C GLN F 325 -4.35 8.63 87.70
N CYS F 326 -3.79 8.53 88.91
CA CYS F 326 -3.99 7.33 89.71
C CYS F 326 -5.44 7.22 90.16
N GLN F 327 -6.06 8.37 90.41
CA GLN F 327 -7.46 8.42 90.79
C GLN F 327 -8.36 8.18 89.58
N ASP F 328 -7.91 8.62 88.41
CA ASP F 328 -8.56 8.27 87.15
C ASP F 328 -8.49 6.78 86.88
N LEU F 329 -7.29 6.23 86.91
CA LEU F 329 -7.10 4.78 86.81
C LEU F 329 -7.95 3.99 87.80
N GLY F 330 -8.01 4.45 89.06
CA GLY F 330 -8.83 3.79 90.09
C GLY F 330 -10.32 3.81 89.82
N ALA F 331 -10.83 4.97 89.40
CA ALA F 331 -12.22 5.13 89.01
C ALA F 331 -12.57 4.41 87.70
N PHE F 332 -11.60 4.26 86.82
CA PHE F 332 -11.76 3.45 85.60
C PHE F 332 -11.96 1.97 85.93
N THR F 333 -11.13 1.47 86.83
CA THR F 333 -11.19 0.09 87.27
C THR F 333 -12.52 -0.23 87.97
N GLU F 334 -12.96 0.66 88.85
CA GLU F 334 -14.22 0.50 89.55
C GLU F 334 -15.40 0.42 88.58
N SER F 335 -15.48 1.39 87.67
CA SER F 335 -16.56 1.44 86.73
C SER F 335 -16.55 0.18 85.87
N MET F 336 -15.39 -0.16 85.32
CA MET F 336 -15.23 -1.35 84.50
C MET F 336 -15.53 -2.67 85.20
N VAL F 337 -15.02 -2.84 86.42
CA VAL F 337 -15.20 -4.08 87.17
C VAL F 337 -16.65 -4.29 87.63
N VAL F 338 -17.38 -3.19 87.87
CA VAL F 338 -18.76 -3.27 88.35
C VAL F 338 -19.80 -3.18 87.23
N PHE F 339 -19.71 -2.15 86.41
CA PHE F 339 -20.72 -1.91 85.38
C PHE F 339 -20.47 -2.65 84.07
N GLY F 340 -19.21 -3.01 83.81
CA GLY F 340 -18.83 -3.53 82.50
C GLY F 340 -18.99 -2.45 81.46
N CYS F 341 -19.23 -2.86 80.21
CA CYS F 341 -19.31 -1.89 79.11
C CYS F 341 -20.76 -1.66 78.69
N PRO F 342 -21.09 -0.40 78.38
CA PRO F 342 -22.47 0.05 78.15
C PRO F 342 -23.32 -0.86 77.26
N ASN F 343 -22.69 -1.57 76.33
CA ASN F 343 -23.17 -2.88 75.89
C ASN F 343 -22.23 -3.58 74.91
#